data_7YRN
#
_entry.id   7YRN
#
_cell.length_a   1.00
_cell.length_b   1.00
_cell.length_c   1.00
_cell.angle_alpha   90.00
_cell.angle_beta   90.00
_cell.angle_gamma   90.00
#
_symmetry.space_group_name_H-M   'P 1'
#
loop_
_entity.id
_entity.type
_entity.pdbx_description
1 polymer 'Envelope glycoprotein B'
2 polymer '1B03 Fab antibody Heavy Chain'
3 polymer '1B03 Fab antibody Light Chain'
4 branched 2-acetamido-2-deoxy-beta-D-glucopyranose-(1-4)-2-acetamido-2-deoxy-beta-D-glucopyranose
5 non-polymer 2-acetamido-2-deoxy-beta-D-glucopyranose
#
loop_
_entity_poly.entity_id
_entity_poly.type
_entity_poly.pdbx_seq_one_letter_code
_entity_poly.pdbx_strand_id
1 'polypeptide(L)'
;MESRIWCLVVCVNLCIVCLGAAVSSSSTRGTSATHSHHSSHTTSAAHSRSGSVSQRVTSSQTVSHGVNETIYNTTLKYGD
VVGVNTTKYPYRVCSMAQGTDLIRFERNIVCTSMKPINEDLDEGIMVVYKRNIVAHTFKVRVYQKVLTFRRSYAYHRTTY
LLGSNTEYVAPPMWEIHHINSHSQCYSSYSRVIAGTVFVAYHRDSYENKTMQLMPDDYSNTHSTRYVTVKDQWHSRGSTN
LTRETSNLNCMVTITTARSKYPYHFFATSTGDVVDISPFYNGTNRNASYFGENADKFFIFPNYTIVSDFGRPNSALETHR
LVAFLERADSVISWDIQDEKNVTCQLTFWEASERTIRSEAEDSYHFSSAKMTATFLSKKQEVNMSDSALDCVRDEAINKL
QQIFNTSYNQTYEKYGNVSVFETTGGLVVFWQGIKQKSLVELERLANRSSLNLTHNETKESTDGNNATHLSNMESVHNLV
YAQLQFTYDTLRGYINRALAQIAEAWCVDQRRTLEVFKELSKINPSAILSAIYNKPIAARFMGDVLGLASCVTINQTSVK
VLRDMNVKESPGRCYSRPVVIFNFANSSYVQYGQLGEDNEILLGNHRTEECQLPSLKIFIAGNSAYEYVDYLFKRMIDLS
SISTVDSMIALDIDPLENTDFRVLELYSQKELRSINVFDLEEIMREFNSYKQRVKYVEDKGLNDIFEAQKIEWHELEVLF
QGPGHHHHHHH
;
A,B,C
2 'polypeptide(L)'
;QVQLVQSGAEVKKPGESLKISCKGSGYTFTNYWIGWVRQMPGAGLEWMAIIFPRDSYSAYSPSFQGRVTISVDKSISTAY
LHWSSLEASDTAVYYCAIYNDLRSGNSWGQGTPLIVSSASTKGPSVFPLAPSSKSTSGGTAALGCLVKDYFPEPVTVSWN
SGALTSGVHTFPAVLQSSGLYSLSSVVTVPSSSLGTQTYICNVNHKPSNTKVDKRVEPKSCDK
;
D,F,H
3 'polypeptide(L)'
;DIQMTQSPSSLSASVGDRVTITCRASQSITKYLNWYQQKPGRAPKLLIHTTSTLQSGVPSRFSGSGSGTDFTLTISSLQL
EDFGTYYCQQSFSTLWTFGQGTKLDIKRTVAAPSVFIFPPSDEQLKSGTASVVCLLNNFYPREAKVQWKVDNALQSGNSQ
ESVTEQDSKDSTYSLSSTLTLSKADYEKHKVYACEVTHQGLSSPVTKSFNRGEC
;
E,G,I
#
# COMPACT_ATOMS: atom_id res chain seq x y z
N LEU A 121 45.30 -4.39 19.93
CA LEU A 121 45.28 -4.86 21.30
C LEU A 121 44.75 -3.79 22.25
N ASP A 122 44.82 -2.53 21.80
CA ASP A 122 44.34 -1.42 22.61
C ASP A 122 42.82 -1.51 22.79
N GLU A 123 42.36 -0.99 23.92
CA GLU A 123 40.96 -1.10 24.32
C GLU A 123 40.35 0.27 24.47
N GLY A 124 39.05 0.37 24.20
CA GLY A 124 38.34 1.62 24.37
C GLY A 124 36.85 1.38 24.46
N ILE A 125 36.17 2.38 25.00
CA ILE A 125 34.71 2.37 25.14
C ILE A 125 34.11 2.92 23.86
N MET A 126 33.18 2.16 23.27
CA MET A 126 32.53 2.55 22.03
C MET A 126 31.03 2.70 22.27
N VAL A 127 30.43 3.64 21.54
CA VAL A 127 28.98 3.82 21.51
C VAL A 127 28.55 3.73 20.05
N VAL A 128 27.70 2.75 19.75
CA VAL A 128 27.24 2.50 18.39
C VAL A 128 25.89 3.19 18.23
N TYR A 129 25.85 4.18 17.34
CA TYR A 129 24.64 4.89 16.94
C TYR A 129 24.23 4.40 15.57
N LYS A 130 22.98 3.98 15.43
CA LYS A 130 22.43 3.55 14.16
C LYS A 130 21.75 4.72 13.45
N ARG A 131 21.64 4.60 12.13
CA ARG A 131 20.99 5.65 11.35
C ARG A 131 19.51 5.71 11.69
N ASN A 132 18.99 6.94 11.81
CA ASN A 132 17.61 7.17 12.21
C ASN A 132 16.70 6.88 11.02
N ILE A 133 16.49 5.59 10.74
CA ILE A 133 15.64 5.22 9.62
C ILE A 133 14.17 5.43 9.92
N VAL A 134 13.79 5.56 11.20
CA VAL A 134 12.41 5.84 11.54
C VAL A 134 12.07 7.26 11.15
N ALA A 135 10.94 7.44 10.47
CA ALA A 135 10.54 8.76 10.02
C ALA A 135 10.18 9.64 11.20
N HIS A 136 10.67 10.88 11.18
CA HIS A 136 10.29 11.85 12.19
C HIS A 136 8.79 12.06 12.17
N THR A 137 8.15 11.89 13.33
CA THR A 137 6.71 11.96 13.45
C THR A 137 6.32 13.18 14.27
N PHE A 138 5.40 13.98 13.75
CA PHE A 138 4.92 15.17 14.44
C PHE A 138 3.40 15.25 14.29
N LYS A 139 2.81 16.21 15.00
CA LYS A 139 1.36 16.38 15.01
C LYS A 139 0.97 17.45 14.01
N VAL A 140 0.00 17.11 13.16
CA VAL A 140 -0.49 18.00 12.11
C VAL A 140 -1.98 18.23 12.32
N ARG A 141 -2.39 19.50 12.34
CA ARG A 141 -3.80 19.86 12.47
C ARG A 141 -4.39 20.03 11.07
N VAL A 142 -5.32 19.17 10.71
CA VAL A 142 -5.99 19.23 9.41
C VAL A 142 -7.39 19.78 9.65
N TYR A 143 -7.64 20.98 9.13
CA TYR A 143 -8.95 21.61 9.21
C TYR A 143 -9.66 21.43 7.86
N GLN A 144 -10.84 20.84 7.88
CA GLN A 144 -11.54 20.57 6.64
C GLN A 144 -13.04 20.74 6.82
N LYS A 145 -13.68 21.30 5.80
CA LYS A 145 -15.13 21.42 5.76
C LYS A 145 -15.68 20.32 4.87
N VAL A 146 -16.51 19.45 5.44
CA VAL A 146 -17.09 18.32 4.72
C VAL A 146 -18.47 18.76 4.27
N LEU A 147 -18.63 18.96 2.96
CA LEU A 147 -19.93 19.26 2.37
C LEU A 147 -20.53 17.94 1.88
N THR A 148 -21.50 17.44 2.62
CA THR A 148 -22.21 16.22 2.26
C THR A 148 -23.63 16.56 1.89
N PHE A 149 -23.92 16.56 0.59
CA PHE A 149 -25.23 16.93 0.07
C PHE A 149 -26.02 15.66 -0.19
N ARG A 150 -27.15 15.52 0.50
CA ARG A 150 -28.05 14.38 0.35
C ARG A 150 -29.28 14.83 -0.41
N ARG A 151 -29.56 14.18 -1.54
CA ARG A 151 -30.68 14.51 -2.39
C ARG A 151 -31.67 13.34 -2.36
N SER A 152 -32.95 13.66 -2.21
CA SER A 152 -34.00 12.66 -2.16
C SER A 152 -35.22 13.16 -2.93
N TYR A 153 -36.14 12.25 -3.20
CA TYR A 153 -37.38 12.55 -3.90
C TYR A 153 -38.54 12.00 -3.08
N ALA A 154 -39.51 12.86 -2.79
CA ALA A 154 -40.66 12.50 -1.96
C ALA A 154 -41.89 12.32 -2.83
N TYR A 155 -42.59 11.20 -2.63
CA TYR A 155 -43.80 10.90 -3.38
C TYR A 155 -44.85 10.39 -2.40
N HIS A 156 -45.89 11.18 -2.17
CA HIS A 156 -46.95 10.85 -1.23
C HIS A 156 -46.40 10.60 0.17
N ARG A 157 -46.34 9.32 0.58
CA ARG A 157 -45.85 8.95 1.90
C ARG A 157 -44.51 8.22 1.85
N THR A 158 -44.04 7.87 0.67
CA THR A 158 -42.77 7.17 0.52
C THR A 158 -41.77 8.09 -0.16
N THR A 159 -40.59 8.24 0.45
CA THR A 159 -39.55 9.11 -0.06
C THR A 159 -38.44 8.29 -0.68
N TYR A 160 -38.04 8.65 -1.89
CA TYR A 160 -37.02 7.94 -2.65
C TYR A 160 -35.72 8.73 -2.53
N LEU A 161 -34.70 8.10 -1.94
CA LEU A 161 -33.39 8.75 -1.84
C LEU A 161 -32.71 8.77 -3.19
N LEU A 162 -32.46 9.98 -3.71
CA LEU A 162 -31.83 10.13 -5.01
C LEU A 162 -30.31 10.04 -4.97
N GLY A 163 -29.71 10.10 -3.79
CA GLY A 163 -28.28 9.87 -3.67
C GLY A 163 -27.66 10.87 -2.72
N SER A 164 -26.33 10.89 -2.73
CA SER A 164 -25.56 11.79 -1.90
C SER A 164 -24.17 11.98 -2.51
N ASN A 165 -23.61 13.16 -2.30
CA ASN A 165 -22.25 13.45 -2.74
C ASN A 165 -21.51 14.16 -1.62
N THR A 166 -20.30 13.67 -1.32
CA THR A 166 -19.49 14.18 -0.23
C THR A 166 -18.21 14.77 -0.81
N GLU A 167 -17.88 15.99 -0.42
CA GLU A 167 -16.66 16.67 -0.86
C GLU A 167 -15.99 17.32 0.34
N TYR A 168 -14.68 17.52 0.24
CA TYR A 168 -13.89 18.17 1.28
C TYR A 168 -13.29 19.46 0.72
N VAL A 169 -13.46 20.55 1.46
CA VAL A 169 -12.95 21.85 1.05
C VAL A 169 -12.16 22.47 2.19
N ALA A 170 -11.26 23.38 1.83
CA ALA A 170 -10.38 24.06 2.77
C ALA A 170 -11.10 25.26 3.38
N PRO A 171 -11.24 25.32 4.70
CA PRO A 171 -11.87 26.49 5.31
C PRO A 171 -11.00 27.72 5.14
N PRO A 172 -11.61 28.91 5.16
CA PRO A 172 -10.82 30.14 4.97
C PRO A 172 -9.87 30.37 6.13
N MET A 173 -8.85 31.21 5.86
CA MET A 173 -7.78 31.41 6.83
C MET A 173 -8.30 32.07 8.10
N TRP A 174 -9.19 33.04 7.99
CA TRP A 174 -9.76 33.68 9.17
C TRP A 174 -10.53 32.67 10.01
N GLU A 175 -11.21 31.72 9.35
CA GLU A 175 -11.88 30.67 10.09
C GLU A 175 -10.89 29.75 10.78
N ILE A 176 -9.73 29.51 10.15
CA ILE A 176 -8.68 28.74 10.81
C ILE A 176 -8.20 29.46 12.07
N HIS A 177 -8.02 30.77 11.98
CA HIS A 177 -7.62 31.55 13.16
C HIS A 177 -8.69 31.48 14.24
N HIS A 178 -9.96 31.59 13.85
CA HIS A 178 -11.05 31.52 14.83
C HIS A 178 -11.09 30.14 15.50
N ILE A 179 -10.85 29.07 14.74
CA ILE A 179 -10.80 27.74 15.31
C ILE A 179 -9.64 27.61 16.29
N ASN A 180 -8.47 28.11 15.90
CA ASN A 180 -7.30 28.00 16.77
C ASN A 180 -7.43 28.88 18.00
N SER A 181 -8.29 29.90 17.97
CA SER A 181 -8.47 30.78 19.11
C SER A 181 -9.60 30.36 20.04
N HIS A 182 -10.68 29.80 19.50
CA HIS A 182 -11.88 29.52 20.30
C HIS A 182 -12.36 28.08 20.21
N SER A 183 -11.68 27.21 19.47
CA SER A 183 -12.13 25.82 19.23
C SER A 183 -13.51 25.79 18.60
N GLN A 184 -13.85 26.81 17.82
CA GLN A 184 -15.17 26.93 17.20
C GLN A 184 -15.02 27.36 15.75
N CYS A 185 -15.89 26.83 14.89
CA CYS A 185 -15.92 27.23 13.49
C CYS A 185 -17.29 27.84 13.17
N TYR A 186 -17.48 28.18 11.90
CA TYR A 186 -18.72 28.78 11.42
C TYR A 186 -19.47 27.79 10.55
N SER A 187 -20.80 27.82 10.63
CA SER A 187 -21.67 26.92 9.89
C SER A 187 -21.87 27.34 8.44
N SER A 188 -21.04 28.25 7.93
CA SER A 188 -21.15 28.71 6.55
C SER A 188 -19.78 28.64 5.88
N TYR A 189 -19.79 28.27 4.60
CA TYR A 189 -18.57 28.18 3.80
C TYR A 189 -18.75 29.02 2.53
N SER A 190 -17.69 29.71 2.14
CA SER A 190 -17.71 30.56 0.95
C SER A 190 -16.57 30.18 0.03
N ARG A 191 -16.86 30.15 -1.27
CA ARG A 191 -15.85 29.82 -2.27
C ARG A 191 -16.01 30.74 -3.47
N VAL A 192 -14.90 31.23 -4.00
CA VAL A 192 -14.91 32.14 -5.15
C VAL A 192 -14.60 31.33 -6.40
N ILE A 193 -15.55 31.32 -7.34
CA ILE A 193 -15.38 30.64 -8.62
C ILE A 193 -15.78 31.61 -9.72
N ALA A 194 -14.84 31.90 -10.61
CA ALA A 194 -15.07 32.78 -11.76
C ALA A 194 -15.63 34.14 -11.34
N GLY A 195 -15.16 34.67 -10.21
CA GLY A 195 -15.63 35.94 -9.72
C GLY A 195 -16.95 35.92 -9.00
N THR A 196 -17.54 34.75 -8.81
CA THR A 196 -18.84 34.60 -8.15
C THR A 196 -18.64 33.87 -6.83
N VAL A 197 -19.28 34.38 -5.78
CA VAL A 197 -19.17 33.80 -4.45
C VAL A 197 -20.31 32.81 -4.24
N PHE A 198 -19.96 31.56 -3.98
CA PHE A 198 -20.91 30.51 -3.67
C PHE A 198 -20.82 30.21 -2.18
N VAL A 199 -21.96 30.27 -1.50
CA VAL A 199 -22.03 30.12 -0.05
C VAL A 199 -22.92 28.93 0.28
N ALA A 200 -22.41 28.04 1.14
CA ALA A 200 -23.15 26.85 1.58
C ALA A 200 -23.33 26.95 3.09
N TYR A 201 -24.57 26.79 3.53
CA TYR A 201 -24.90 26.83 4.95
C TYR A 201 -25.21 25.43 5.46
N HIS A 202 -24.94 25.21 6.75
CA HIS A 202 -25.18 23.91 7.35
C HIS A 202 -26.67 23.69 7.59
N ARG A 203 -27.17 22.54 7.11
CA ARG A 203 -28.58 22.17 7.27
C ARG A 203 -29.50 23.27 6.73
N ASP A 204 -29.12 23.83 5.57
CA ASP A 204 -29.81 24.93 4.90
C ASP A 204 -30.32 25.98 5.89
N SER A 205 -29.50 26.32 6.88
CA SER A 205 -29.81 27.35 7.87
C SER A 205 -28.96 28.59 7.55
N TYR A 206 -29.63 29.66 7.12
CA TYR A 206 -28.95 30.81 6.53
C TYR A 206 -28.41 31.79 7.57
N GLU A 207 -28.23 31.36 8.81
CA GLU A 207 -27.72 32.23 9.85
C GLU A 207 -26.19 32.18 9.87
N ASN A 208 -25.59 32.87 10.86
CA ASN A 208 -24.14 32.88 11.05
C ASN A 208 -23.79 32.20 12.37
N LYS A 209 -24.39 31.05 12.64
CA LYS A 209 -24.19 30.36 13.90
C LYS A 209 -22.76 29.84 14.02
N THR A 210 -22.19 29.99 15.21
CA THR A 210 -20.83 29.51 15.50
C THR A 210 -20.95 28.20 16.26
N MET A 211 -20.35 27.15 15.72
CA MET A 211 -20.47 25.83 16.30
C MET A 211 -19.15 25.37 16.92
N GLN A 212 -19.27 24.66 18.04
CA GLN A 212 -18.11 24.19 18.79
C GLN A 212 -17.67 22.81 18.29
N LEU A 213 -16.39 22.52 18.51
CA LEU A 213 -15.79 21.26 18.09
C LEU A 213 -15.93 20.26 19.23
N MET A 214 -16.73 19.22 18.99
CA MET A 214 -16.86 18.17 20.00
C MET A 214 -16.31 16.86 19.46
N PRO A 215 -15.75 16.02 20.32
CA PRO A 215 -15.16 14.76 19.86
C PRO A 215 -16.20 13.82 19.27
N ASP A 216 -15.77 13.03 18.29
CA ASP A 216 -16.62 12.07 17.62
C ASP A 216 -16.38 10.64 18.09
N ASP A 217 -15.77 10.49 19.27
CA ASP A 217 -15.48 9.18 19.88
C ASP A 217 -14.53 8.43 18.94
N TYR A 218 -14.81 7.17 18.59
CA TYR A 218 -13.95 6.35 17.74
C TYR A 218 -12.56 6.16 18.35
N SER A 219 -11.72 5.37 17.70
CA SER A 219 -10.34 5.19 18.14
C SER A 219 -9.35 5.71 17.11
N ASN A 220 -9.36 5.16 15.89
CA ASN A 220 -8.51 5.62 14.79
C ASN A 220 -7.03 5.68 15.18
N THR A 221 -6.61 4.84 16.13
CA THR A 221 -5.24 4.81 16.63
C THR A 221 -4.80 6.19 17.11
N HIS A 222 -4.20 6.97 16.21
CA HIS A 222 -3.69 8.30 16.50
C HIS A 222 -4.24 9.33 15.53
N SER A 223 -5.56 9.29 15.31
CA SER A 223 -6.22 10.18 14.36
C SER A 223 -7.47 10.78 14.99
N THR A 224 -7.33 11.30 16.21
CA THR A 224 -8.46 11.90 16.92
C THR A 224 -9.04 13.05 16.11
N ARG A 225 -10.37 13.07 16.00
CA ARG A 225 -11.09 14.04 15.19
C ARG A 225 -12.12 14.77 16.05
N TYR A 226 -12.22 16.09 15.86
CA TYR A 226 -13.23 16.91 16.50
C TYR A 226 -14.14 17.46 15.42
N VAL A 227 -15.44 17.19 15.54
CA VAL A 227 -16.42 17.58 14.53
C VAL A 227 -17.54 18.35 15.21
N THR A 228 -18.05 19.38 14.52
CA THR A 228 -19.19 20.12 15.03
C THR A 228 -20.49 19.35 14.89
N VAL A 229 -20.56 18.45 13.92
CA VAL A 229 -21.76 17.65 13.65
C VAL A 229 -21.41 16.18 13.82
N LYS A 230 -22.17 15.49 14.66
CA LYS A 230 -21.94 14.07 14.93
C LYS A 230 -22.97 13.15 14.30
N ASP A 231 -24.03 13.71 13.72
CA ASP A 231 -25.08 12.90 13.10
C ASP A 231 -25.46 13.52 11.77
N GLN A 232 -25.57 12.67 10.74
CA GLN A 232 -26.02 13.14 9.44
C GLN A 232 -27.48 13.56 9.50
N TRP A 233 -27.80 14.67 8.84
CA TRP A 233 -29.13 15.25 8.88
C TRP A 233 -29.68 15.39 7.47
N HIS A 234 -30.93 14.99 7.27
CA HIS A 234 -31.60 15.14 6.00
C HIS A 234 -33.10 15.06 6.22
N SER A 235 -33.83 16.02 5.67
CA SER A 235 -35.28 16.05 5.77
C SER A 235 -35.91 15.81 4.40
N ARG A 236 -37.00 15.04 4.38
CA ARG A 236 -37.68 14.73 3.13
C ARG A 236 -38.28 15.98 2.52
N GLY A 237 -38.32 16.01 1.18
CA GLY A 237 -38.85 17.14 0.46
C GLY A 237 -40.37 17.11 0.33
N SER A 238 -40.88 18.05 -0.46
CA SER A 238 -42.31 18.14 -0.71
C SER A 238 -42.75 17.06 -1.70
N THR A 239 -44.06 16.88 -1.80
CA THR A 239 -44.61 15.89 -2.70
C THR A 239 -44.36 16.28 -4.15
N ASN A 240 -43.98 15.30 -4.98
CA ASN A 240 -43.70 15.50 -6.40
C ASN A 240 -42.60 16.54 -6.62
N LEU A 241 -41.60 16.56 -5.75
CA LEU A 241 -40.49 17.49 -5.89
C LEU A 241 -39.28 16.95 -5.13
N THR A 242 -38.12 16.99 -5.76
CA THR A 242 -36.89 16.54 -5.14
C THR A 242 -36.27 17.64 -4.29
N ARG A 243 -35.62 17.24 -3.20
CA ARG A 243 -34.98 18.17 -2.29
C ARG A 243 -33.57 17.69 -1.96
N GLU A 244 -32.62 18.61 -1.96
CA GLU A 244 -31.23 18.32 -1.61
C GLU A 244 -30.83 19.18 -0.43
N THR A 245 -30.28 18.56 0.60
CA THR A 245 -29.90 19.25 1.83
C THR A 245 -28.41 19.07 2.10
N SER A 246 -27.78 20.14 2.57
CA SER A 246 -26.35 20.15 2.87
C SER A 246 -26.11 19.70 4.31
N ASN A 247 -24.94 19.09 4.53
CA ASN A 247 -24.55 18.61 5.85
C ASN A 247 -23.14 19.06 6.17
N LEU A 248 -22.85 20.34 5.97
CA LEU A 248 -21.53 20.90 6.20
C LEU A 248 -21.04 20.64 7.62
N ASN A 249 -19.84 20.08 7.73
CA ASN A 249 -19.28 19.68 9.02
C ASN A 249 -17.85 20.21 9.12
N CYS A 250 -17.54 20.86 10.24
CA CYS A 250 -16.18 21.35 10.49
C CYS A 250 -15.40 20.27 11.24
N MET A 251 -14.39 19.70 10.59
CA MET A 251 -13.64 18.59 11.16
C MET A 251 -12.18 19.00 11.31
N VAL A 252 -11.66 18.86 12.52
CA VAL A 252 -10.26 19.10 12.81
C VAL A 252 -9.64 17.79 13.25
N THR A 253 -8.62 17.34 12.53
CA THR A 253 -7.98 16.06 12.78
C THR A 253 -6.56 16.30 13.26
N ILE A 254 -6.22 15.74 14.42
CA ILE A 254 -4.85 15.80 14.94
C ILE A 254 -4.15 14.53 14.44
N THR A 255 -3.65 14.61 13.22
CA THR A 255 -3.04 13.46 12.58
C THR A 255 -1.54 13.41 12.89
N THR A 256 -0.94 12.25 12.66
CA THR A 256 0.48 12.06 12.81
C THR A 256 1.13 12.05 11.42
N ALA A 257 2.01 13.02 11.19
CA ALA A 257 2.71 13.16 9.92
C ALA A 257 4.15 12.68 10.08
N ARG A 258 4.58 11.83 9.16
CA ARG A 258 5.92 11.25 9.19
C ARG A 258 6.71 11.75 7.98
N SER A 259 7.97 12.11 8.23
CA SER A 259 8.87 12.58 7.18
C SER A 259 10.20 11.87 7.29
N LYS A 260 10.82 11.61 6.14
CA LYS A 260 12.10 10.93 6.09
C LYS A 260 13.14 11.85 5.45
N TYR A 261 14.40 11.66 5.85
CA TYR A 261 15.48 12.50 5.36
C TYR A 261 15.55 12.43 3.84
N PRO A 262 15.81 13.54 3.15
CA PRO A 262 16.13 14.89 3.65
C PRO A 262 14.90 15.74 4.02
N TYR A 263 13.77 15.10 4.34
CA TYR A 263 12.57 15.80 4.80
C TYR A 263 12.08 16.82 3.79
N HIS A 264 12.16 16.46 2.50
CA HIS A 264 11.62 17.31 1.45
C HIS A 264 10.10 17.24 1.36
N PHE A 265 9.48 16.26 2.02
CA PHE A 265 8.03 16.13 2.02
C PHE A 265 7.62 15.28 3.21
N PHE A 266 6.43 15.57 3.74
CA PHE A 266 5.86 14.78 4.82
C PHE A 266 4.41 14.45 4.50
N ALA A 267 3.98 13.28 4.94
CA ALA A 267 2.64 12.79 4.70
C ALA A 267 2.02 12.33 6.01
N THR A 268 0.74 12.65 6.20
CA THR A 268 0.02 12.27 7.39
C THR A 268 -0.46 10.83 7.28
N SER A 269 -1.20 10.37 8.30
CA SER A 269 -1.77 9.03 8.26
C SER A 269 -2.78 8.89 7.13
N THR A 270 -3.60 9.92 6.91
CA THR A 270 -4.55 9.92 5.82
C THR A 270 -3.84 10.21 4.50
N GLY A 271 -4.63 10.32 3.42
CA GLY A 271 -4.07 10.54 2.10
C GLY A 271 -3.75 11.98 1.81
N ASP A 272 -2.80 12.56 2.54
CA ASP A 272 -2.38 13.93 2.33
C ASP A 272 -0.87 13.97 2.14
N VAL A 273 -0.43 14.43 0.97
CA VAL A 273 0.98 14.56 0.66
C VAL A 273 1.26 16.00 0.27
N VAL A 274 2.28 16.60 0.90
CA VAL A 274 2.65 17.99 0.65
C VAL A 274 4.13 18.04 0.31
N ASP A 275 4.48 18.86 -0.68
CA ASP A 275 5.88 19.03 -1.08
C ASP A 275 6.54 20.20 -0.36
N ILE A 276 6.45 20.20 0.96
CA ILE A 276 7.02 21.26 1.79
C ILE A 276 7.78 20.61 2.94
N SER A 277 9.00 21.08 3.18
CA SER A 277 9.77 20.58 4.31
C SER A 277 9.10 21.02 5.61
N PRO A 278 9.05 20.15 6.63
CA PRO A 278 8.43 20.55 7.90
C PRO A 278 9.18 21.66 8.62
N PHE A 279 10.45 21.89 8.29
CA PHE A 279 11.26 22.89 8.97
C PHE A 279 11.42 24.19 8.18
N TYR A 280 10.96 24.24 6.93
CA TYR A 280 11.03 25.46 6.16
C TYR A 280 10.15 26.54 6.80
N ASN A 281 10.70 27.74 6.96
CA ASN A 281 10.00 28.82 7.63
C ASN A 281 10.19 30.13 6.88
N GLY A 282 10.33 30.06 5.56
CA GLY A 282 10.50 31.24 4.75
C GLY A 282 11.96 31.60 4.50
N THR A 283 12.73 31.74 5.58
CA THR A 283 14.14 32.08 5.48
C THR A 283 15.04 30.86 5.34
N ASN A 284 14.48 29.65 5.32
CA ASN A 284 15.24 28.42 5.21
C ASN A 284 15.06 27.77 3.83
N ARG A 285 14.95 28.60 2.79
CA ARG A 285 14.70 28.07 1.45
C ARG A 285 15.86 27.24 0.95
N ASN A 286 17.09 27.70 1.18
CA ASN A 286 18.26 27.01 0.65
C ASN A 286 18.62 25.75 1.43
N ALA A 287 18.08 25.57 2.64
CA ALA A 287 18.36 24.39 3.44
C ALA A 287 17.15 23.48 3.61
N SER A 288 15.94 23.97 3.32
CA SER A 288 14.73 23.16 3.43
C SER A 288 13.95 23.26 2.12
N TYR A 289 13.49 22.12 1.63
CA TYR A 289 12.79 22.09 0.35
C TYR A 289 11.42 22.76 0.46
N PHE A 290 11.01 23.39 -0.64
CA PHE A 290 9.71 24.04 -0.72
C PHE A 290 9.26 23.98 -2.19
N GLY A 291 8.44 22.99 -2.52
CA GLY A 291 8.00 22.80 -3.89
C GLY A 291 6.58 23.23 -4.16
N GLU A 292 5.82 23.49 -3.10
CA GLU A 292 4.44 23.92 -3.26
C GLU A 292 4.39 25.42 -3.57
N ASN A 293 3.20 25.88 -3.96
CA ASN A 293 3.01 27.29 -4.29
C ASN A 293 3.19 28.15 -3.04
N ALA A 294 3.91 29.27 -3.20
CA ALA A 294 4.13 30.18 -2.08
C ALA A 294 2.88 30.94 -1.70
N ASP A 295 1.89 31.02 -2.60
CA ASP A 295 0.65 31.72 -2.28
C ASP A 295 -0.12 30.99 -1.19
N LYS A 296 -0.12 29.65 -1.24
CA LYS A 296 -0.89 28.84 -0.30
C LYS A 296 -0.16 28.56 1.00
N PHE A 297 1.07 29.03 1.14
CA PHE A 297 1.88 28.76 2.33
C PHE A 297 2.03 30.03 3.15
N PHE A 298 1.78 29.92 4.45
CA PHE A 298 1.84 31.06 5.36
C PHE A 298 2.59 30.68 6.63
N ILE A 299 3.25 31.67 7.21
CA ILE A 299 4.02 31.52 8.45
C ILE A 299 3.51 32.54 9.46
N PHE A 300 3.25 32.08 10.68
CA PHE A 300 2.74 32.97 11.73
C PHE A 300 3.61 32.82 12.98
N PRO A 301 4.26 33.89 13.44
CA PRO A 301 5.01 33.82 14.69
C PRO A 301 4.15 34.16 15.90
N ASN A 302 4.54 33.59 17.04
CA ASN A 302 3.82 33.77 18.31
C ASN A 302 2.34 33.44 18.15
N TYR A 303 2.05 32.37 17.41
CA TYR A 303 0.69 31.99 17.07
C TYR A 303 0.05 31.26 18.25
N THR A 304 -1.24 31.51 18.44
CA THR A 304 -1.99 30.96 19.57
C THR A 304 -2.89 29.85 19.07
N ILE A 305 -2.79 28.67 19.71
CA ILE A 305 -3.62 27.52 19.37
C ILE A 305 -4.24 26.96 20.64
N VAL A 306 -5.49 26.50 20.54
CA VAL A 306 -6.16 25.92 21.70
C VAL A 306 -5.45 24.65 22.13
N SER A 307 -5.38 24.44 23.45
CA SER A 307 -4.79 23.21 23.96
C SER A 307 -5.67 22.00 23.70
N ASP A 308 -6.98 22.14 23.91
CA ASP A 308 -7.94 21.07 23.66
C ASP A 308 -9.01 21.59 22.72
N PHE A 309 -9.20 20.92 21.59
CA PHE A 309 -10.24 21.32 20.64
C PHE A 309 -11.62 20.84 21.07
N GLY A 310 -11.70 19.92 22.04
CA GLY A 310 -12.96 19.32 22.39
C GLY A 310 -13.91 20.24 23.15
N ARG A 311 -13.37 21.26 23.81
CA ARG A 311 -14.19 22.15 24.61
C ARG A 311 -13.83 23.60 24.31
N PRO A 312 -14.80 24.51 24.38
CA PRO A 312 -14.52 25.92 24.12
C PRO A 312 -13.75 26.56 25.26
N ASN A 313 -13.14 27.70 24.95
CA ASN A 313 -12.36 28.49 25.90
C ASN A 313 -11.23 27.70 26.53
N SER A 314 -10.61 26.79 25.77
CA SER A 314 -9.50 26.02 26.29
C SER A 314 -8.26 26.91 26.42
N ALA A 315 -7.25 26.39 27.11
CA ALA A 315 -6.00 27.11 27.29
C ALA A 315 -5.36 27.37 25.93
N LEU A 316 -4.92 28.61 25.72
CA LEU A 316 -4.32 29.02 24.45
C LEU A 316 -2.80 28.96 24.60
N GLU A 317 -2.20 27.92 24.02
CA GLU A 317 -0.75 27.81 24.00
C GLU A 317 -0.17 28.65 22.87
N THR A 318 0.92 29.34 23.18
CA THR A 318 1.62 30.20 22.22
C THR A 318 2.84 29.46 21.69
N HIS A 319 3.00 29.49 20.37
CA HIS A 319 4.12 28.83 19.70
C HIS A 319 4.91 29.85 18.89
N ARG A 320 6.21 29.64 18.82
CA ARG A 320 7.09 30.63 18.21
C ARG A 320 6.86 30.75 16.71
N LEU A 321 6.44 29.67 16.06
CA LEU A 321 6.29 29.68 14.61
C LEU A 321 5.38 28.54 14.18
N VAL A 322 4.31 28.87 13.48
CA VAL A 322 3.36 27.87 12.99
C VAL A 322 3.19 28.05 11.48
N ALA A 323 3.24 26.96 10.74
CA ALA A 323 3.13 26.97 9.30
C ALA A 323 1.77 26.44 8.86
N PHE A 324 1.14 27.13 7.92
CA PHE A 324 -0.15 26.76 7.37
C PHE A 324 -0.05 26.60 5.86
N LEU A 325 -0.78 25.63 5.33
CA LEU A 325 -0.84 25.39 3.90
C LEU A 325 -2.29 25.12 3.50
N GLU A 326 -2.82 25.92 2.59
CA GLU A 326 -4.19 25.74 2.10
C GLU A 326 -4.17 24.71 0.99
N ARG A 327 -4.43 23.46 1.35
CA ARG A 327 -4.49 22.38 0.38
C ARG A 327 -5.76 22.49 -0.47
N ALA A 328 -5.88 21.58 -1.43
CA ALA A 328 -7.05 21.58 -2.30
C ALA A 328 -8.32 21.25 -1.51
N ASP A 329 -8.25 20.29 -0.60
CA ASP A 329 -9.42 19.81 0.12
C ASP A 329 -9.44 20.16 1.60
N SER A 330 -8.35 20.74 2.13
CA SER A 330 -8.28 21.04 3.55
C SER A 330 -7.17 22.05 3.77
N VAL A 331 -6.92 22.36 5.05
CA VAL A 331 -5.81 23.23 5.47
C VAL A 331 -4.96 22.44 6.45
N ILE A 332 -3.66 22.38 6.18
CA ILE A 332 -2.72 21.61 6.98
C ILE A 332 -1.84 22.58 7.76
N SER A 333 -1.83 22.44 9.08
CA SER A 333 -1.05 23.31 9.95
C SER A 333 -0.11 22.47 10.80
N TRP A 334 1.09 22.99 11.01
CA TRP A 334 2.06 22.29 11.85
C TRP A 334 2.97 23.28 12.56
N ASP A 335 3.36 22.91 13.77
CA ASP A 335 4.29 23.72 14.55
C ASP A 335 5.70 23.50 14.06
N ILE A 336 6.39 24.58 13.69
CA ILE A 336 7.72 24.50 13.11
C ILE A 336 8.73 24.30 14.23
N GLN A 337 9.56 23.26 14.09
CA GLN A 337 10.65 22.99 15.02
C GLN A 337 11.98 22.97 14.29
N ASP A 338 13.04 23.26 15.03
CA ASP A 338 14.38 23.28 14.44
C ASP A 338 14.79 21.87 14.03
N GLU A 339 15.40 21.78 12.84
CA GLU A 339 15.83 20.47 12.34
C GLU A 339 16.89 19.85 13.23
N LYS A 340 17.83 20.66 13.73
CA LYS A 340 18.92 20.14 14.55
C LYS A 340 18.52 19.98 16.01
N ASN A 341 17.29 20.31 16.37
CA ASN A 341 16.87 20.25 17.77
C ASN A 341 16.01 19.03 18.09
N VAL A 342 15.14 18.61 17.18
CA VAL A 342 14.19 17.55 17.48
C VAL A 342 14.23 16.48 16.40
N THR A 343 15.00 16.71 15.35
CA THR A 343 15.04 15.82 14.19
C THR A 343 16.47 15.38 13.90
N CYS A 344 17.15 14.92 14.95
CA CYS A 344 18.52 14.44 14.81
C CYS A 344 18.54 13.10 14.08
N GLN A 345 19.55 12.89 13.24
CA GLN A 345 19.59 11.77 12.31
C GLN A 345 20.31 10.54 12.86
N LEU A 346 20.71 10.55 14.13
CA LEU A 346 21.39 9.40 14.74
C LEU A 346 20.59 8.90 15.93
N THR A 347 20.40 7.59 15.99
CA THR A 347 19.67 6.95 17.07
C THR A 347 20.62 6.04 17.84
N PHE A 348 20.58 6.15 19.17
CA PHE A 348 21.46 5.33 20.00
C PHE A 348 21.09 3.86 19.91
N TRP A 349 21.96 3.07 19.29
CA TRP A 349 21.73 1.63 19.23
C TRP A 349 22.21 0.94 20.49
N GLU A 350 23.51 1.02 20.79
CA GLU A 350 24.05 0.33 21.95
C GLU A 350 25.38 0.94 22.36
N ALA A 351 25.99 0.35 23.37
CA ALA A 351 27.31 0.74 23.85
C ALA A 351 28.07 -0.50 24.33
N SER A 352 29.40 -0.38 24.34
CA SER A 352 30.26 -1.49 24.75
C SER A 352 31.53 -0.92 25.38
N GLU A 353 31.77 -1.25 26.64
CA GLU A 353 32.97 -0.81 27.33
C GLU A 353 34.15 -1.74 27.11
N ARG A 354 33.89 -3.03 26.85
CA ARG A 354 34.95 -4.01 26.63
C ARG A 354 35.00 -4.31 25.13
N THR A 355 35.78 -3.50 24.42
CA THR A 355 35.93 -3.62 22.97
C THR A 355 37.41 -3.65 22.62
N ILE A 356 37.79 -4.61 21.79
CA ILE A 356 39.16 -4.71 21.32
C ILE A 356 39.30 -3.93 20.02
N ARG A 357 40.32 -3.08 19.94
CA ARG A 357 40.60 -2.27 18.77
C ARG A 357 41.82 -2.81 18.05
N SER A 358 41.71 -2.93 16.73
CA SER A 358 42.81 -3.44 15.91
C SER A 358 42.92 -2.60 14.65
N GLU A 359 44.10 -2.64 14.04
CA GLU A 359 44.38 -1.89 12.82
C GLU A 359 44.75 -2.86 11.71
N ALA A 360 44.21 -2.62 10.52
CA ALA A 360 44.52 -3.39 9.33
C ALA A 360 44.77 -2.44 8.18
N GLU A 361 45.43 -2.96 7.14
CA GLU A 361 45.96 -2.15 6.05
C GLU A 361 44.97 -1.13 5.52
N ASP A 362 43.66 -1.35 5.70
CA ASP A 362 42.68 -0.40 5.20
C ASP A 362 41.54 -0.12 6.18
N SER A 363 41.60 -0.62 7.42
CA SER A 363 40.43 -0.46 8.27
C SER A 363 40.77 -0.57 9.75
N TYR A 364 40.11 0.24 10.56
CA TYR A 364 40.08 0.04 12.00
C TYR A 364 38.97 -0.94 12.35
N HIS A 365 39.30 -1.95 13.15
CA HIS A 365 38.36 -2.98 13.55
C HIS A 365 38.04 -2.81 15.03
N PHE A 366 36.75 -2.71 15.36
CA PHE A 366 36.28 -2.64 16.74
C PHE A 366 35.44 -3.88 17.01
N SER A 367 35.95 -4.78 17.85
CA SER A 367 35.31 -6.06 18.11
C SER A 367 34.78 -6.07 19.54
N SER A 368 33.48 -6.32 19.69
CA SER A 368 32.84 -6.39 21.00
C SER A 368 32.28 -7.79 21.20
N ALA A 369 32.68 -8.42 22.31
CA ALA A 369 32.14 -9.73 22.65
C ALA A 369 30.80 -9.65 23.37
N LYS A 370 30.43 -8.47 23.86
CA LYS A 370 29.10 -8.29 24.44
C LYS A 370 28.02 -8.50 23.39
N MET A 371 28.22 -7.93 22.21
CA MET A 371 27.34 -8.15 21.07
C MET A 371 27.87 -9.19 20.10
N THR A 372 29.09 -9.70 20.34
CA THR A 372 29.72 -10.70 19.49
C THR A 372 29.78 -10.24 18.03
N ALA A 373 30.29 -9.03 17.80
CA ALA A 373 30.37 -8.50 16.46
C ALA A 373 31.51 -7.50 16.37
N THR A 374 32.09 -7.38 15.17
CA THR A 374 33.14 -6.42 14.89
C THR A 374 32.70 -5.50 13.76
N PHE A 375 33.03 -4.22 13.91
CA PHE A 375 32.71 -3.19 12.92
C PHE A 375 34.00 -2.66 12.33
N LEU A 376 34.01 -2.47 11.02
CA LEU A 376 35.18 -2.01 10.28
C LEU A 376 34.93 -0.59 9.77
N SER A 377 35.87 0.30 10.05
CA SER A 377 35.76 1.69 9.63
C SER A 377 37.00 2.08 8.81
N LYS A 378 36.82 3.08 7.97
CA LYS A 378 37.90 3.53 7.10
C LYS A 378 39.03 4.16 7.91
N LYS A 379 40.20 4.30 7.28
CA LYS A 379 41.39 4.84 7.93
C LYS A 379 41.33 6.37 8.00
N GLN A 380 40.26 6.86 8.61
CA GLN A 380 40.08 8.29 8.82
C GLN A 380 39.07 8.49 9.93
N GLU A 381 39.12 9.66 10.56
CA GLU A 381 38.22 10.01 11.65
C GLU A 381 37.33 11.18 11.23
N VAL A 382 36.04 11.08 11.55
CA VAL A 382 35.10 12.15 11.26
C VAL A 382 35.35 13.30 12.21
N ASN A 383 35.33 14.52 11.67
CA ASN A 383 35.56 15.71 12.50
C ASN A 383 34.49 15.82 13.57
N MET A 384 34.92 16.13 14.80
CA MET A 384 33.98 16.21 15.92
C MET A 384 33.01 17.36 15.75
N SER A 385 33.39 18.41 15.03
CA SER A 385 32.55 19.59 14.83
C SER A 385 31.60 19.43 13.65
N ASP A 386 31.30 18.21 13.23
CA ASP A 386 30.37 18.00 12.13
C ASP A 386 28.96 18.42 12.53
N SER A 387 28.22 18.96 11.55
CA SER A 387 26.88 19.46 11.83
C SER A 387 25.87 18.33 12.05
N ALA A 388 26.17 17.12 11.60
CA ALA A 388 25.24 16.01 11.76
C ALA A 388 25.37 15.30 13.10
N LEU A 389 26.35 15.67 13.92
CA LEU A 389 26.58 15.04 15.21
C LEU A 389 26.17 15.90 16.39
N ASP A 390 25.56 17.06 16.13
CA ASP A 390 25.34 18.08 17.16
C ASP A 390 24.63 17.54 18.40
N CYS A 391 23.37 17.14 18.26
CA CYS A 391 22.63 16.61 19.40
C CYS A 391 23.26 15.34 19.94
N VAL A 392 24.08 14.66 19.14
CA VAL A 392 24.75 13.46 19.63
C VAL A 392 26.07 13.82 20.30
N ARG A 393 26.69 14.92 19.88
CA ARG A 393 28.04 15.25 20.31
C ARG A 393 28.16 15.26 21.83
N ASP A 394 27.25 15.97 22.49
CA ASP A 394 27.22 15.92 23.95
C ASP A 394 26.74 14.56 24.44
N GLU A 395 25.63 14.07 23.88
CA GLU A 395 24.98 12.87 24.41
C GLU A 395 25.90 11.67 24.34
N ALA A 396 26.47 11.41 23.15
CA ALA A 396 27.41 10.30 23.01
C ALA A 396 28.59 10.45 23.96
N ILE A 397 29.01 11.68 24.26
CA ILE A 397 30.05 11.89 25.24
C ILE A 397 29.54 11.55 26.63
N ASN A 398 28.34 12.03 26.97
CA ASN A 398 27.84 11.90 28.34
C ASN A 398 27.79 10.43 28.76
N LYS A 399 27.14 9.59 27.95
CA LYS A 399 27.11 8.16 28.25
C LYS A 399 28.51 7.61 28.44
N LEU A 400 29.44 7.99 27.56
CA LEU A 400 30.83 7.56 27.70
C LEU A 400 31.35 7.92 29.09
N GLN A 401 31.16 9.17 29.50
CA GLN A 401 31.60 9.57 30.83
C GLN A 401 30.91 8.73 31.89
N GLN A 402 29.62 8.49 31.74
CA GLN A 402 28.90 7.63 32.67
C GLN A 402 29.58 6.26 32.74
N ILE A 403 29.91 5.70 31.58
CA ILE A 403 30.60 4.41 31.57
C ILE A 403 31.94 4.53 32.27
N PHE A 404 32.67 5.62 32.02
CA PHE A 404 33.96 5.81 32.67
C PHE A 404 33.79 5.98 34.17
N ASN A 405 32.59 6.32 34.62
CA ASN A 405 32.30 6.42 36.04
C ASN A 405 31.51 5.23 36.56
N THR A 406 31.39 4.16 35.79
CA THR A 406 30.58 3.01 36.19
C THR A 406 31.36 1.70 36.25
N SER A 407 32.24 1.44 35.29
CA SER A 407 32.87 0.12 35.24
C SER A 407 34.39 0.17 35.23
N TYR A 408 34.99 1.20 34.64
CA TYR A 408 36.44 1.27 34.46
C TYR A 408 37.00 2.55 35.05
N ASN A 409 36.64 2.83 36.30
CA ASN A 409 37.15 3.99 37.01
C ASN A 409 38.48 3.61 37.69
N GLN A 410 38.96 4.51 38.55
CA GLN A 410 40.23 4.39 39.29
C GLN A 410 41.36 3.74 38.52
N THR A 411 41.25 2.43 38.23
CA THR A 411 42.35 1.68 37.63
C THR A 411 42.54 1.99 36.15
N TYR A 412 41.66 2.74 35.51
CA TYR A 412 41.77 3.07 34.10
C TYR A 412 41.67 4.57 33.90
N GLU A 413 42.28 5.03 32.80
CA GLU A 413 42.28 6.45 32.45
C GLU A 413 41.92 6.59 30.98
N LYS A 414 41.35 7.74 30.61
CA LYS A 414 40.95 8.01 29.25
C LYS A 414 42.18 8.27 28.39
N TYR A 415 42.40 7.42 27.39
CA TYR A 415 43.54 7.57 26.49
C TYR A 415 43.04 8.22 25.19
N GLY A 416 43.42 9.48 24.98
CA GLY A 416 43.02 10.20 23.80
C GLY A 416 41.65 10.85 23.94
N ASN A 417 41.30 11.64 22.93
CA ASN A 417 40.03 12.33 22.92
C ASN A 417 38.96 11.49 22.22
N VAL A 418 37.71 11.93 22.32
CA VAL A 418 36.60 11.23 21.69
C VAL A 418 36.68 11.39 20.18
N SER A 419 36.52 10.29 19.45
CA SER A 419 36.60 10.29 18.00
C SER A 419 35.32 9.71 17.42
N VAL A 420 35.04 10.08 16.18
CA VAL A 420 33.85 9.63 15.46
C VAL A 420 34.29 8.88 14.22
N PHE A 421 33.75 7.68 14.03
CA PHE A 421 34.08 6.85 12.88
C PHE A 421 32.79 6.40 12.19
N GLU A 422 32.87 6.27 10.88
CA GLU A 422 31.75 5.78 10.07
C GLU A 422 32.12 4.42 9.52
N THR A 423 31.44 3.37 9.98
CA THR A 423 31.74 2.02 9.56
C THR A 423 31.28 1.78 8.13
N THR A 424 31.86 0.75 7.51
CA THR A 424 31.48 0.38 6.15
C THR A 424 30.02 -0.06 6.06
N GLY A 425 29.45 -0.55 7.15
CA GLY A 425 28.06 -0.95 7.17
C GLY A 425 27.06 0.19 7.36
N GLY A 426 27.55 1.40 7.60
CA GLY A 426 26.69 2.55 7.77
C GLY A 426 26.51 3.01 9.21
N LEU A 427 26.93 2.20 10.18
CA LEU A 427 26.79 2.58 11.58
C LEU A 427 27.81 3.64 11.96
N VAL A 428 27.48 4.39 13.01
CA VAL A 428 28.36 5.44 13.54
C VAL A 428 28.93 4.96 14.87
N VAL A 429 30.22 5.17 15.07
CA VAL A 429 30.91 4.72 16.28
C VAL A 429 31.55 5.92 16.95
N PHE A 430 31.17 6.17 18.20
CA PHE A 430 31.84 7.15 19.05
C PHE A 430 32.82 6.40 19.94
N TRP A 431 34.11 6.62 19.72
CA TRP A 431 35.18 5.82 20.31
C TRP A 431 35.98 6.67 21.29
N GLN A 432 36.30 6.09 22.45
CA GLN A 432 37.16 6.73 23.43
C GLN A 432 38.11 5.68 23.98
N GLY A 433 39.37 5.73 23.56
CA GLY A 433 40.35 4.78 24.05
C GLY A 433 40.60 4.93 25.54
N ILE A 434 40.87 3.81 26.20
CA ILE A 434 41.02 3.79 27.65
C ILE A 434 42.19 2.88 27.99
N LYS A 435 43.02 3.33 28.93
CA LYS A 435 44.18 2.56 29.37
C LYS A 435 44.32 2.62 30.90
N THR A 468 36.93 13.86 6.01
CA THR A 468 36.60 13.73 7.42
C THR A 468 35.18 14.16 7.70
N HIS A 469 34.23 13.62 6.93
CA HIS A 469 32.83 13.94 7.07
C HIS A 469 31.99 12.68 6.84
N LEU A 470 30.78 12.69 7.40
CA LEU A 470 29.87 11.58 7.24
C LEU A 470 29.27 11.56 5.83
N SER A 471 28.80 10.39 5.44
CA SER A 471 28.16 10.18 4.14
C SER A 471 26.67 9.93 4.33
N ASN A 472 25.98 9.70 3.21
CA ASN A 472 24.54 9.46 3.22
C ASN A 472 24.20 7.97 3.24
N MET A 473 25.20 7.10 3.33
CA MET A 473 24.93 5.66 3.35
C MET A 473 24.20 5.28 4.63
N GLU A 474 23.18 4.45 4.49
CA GLU A 474 22.37 4.01 5.63
C GLU A 474 22.88 2.67 6.15
N SER A 475 22.56 2.40 7.42
CA SER A 475 23.00 1.17 8.06
C SER A 475 22.25 -0.03 7.51
N VAL A 476 22.94 -1.17 7.49
CA VAL A 476 22.35 -2.42 7.02
C VAL A 476 21.43 -2.97 8.10
N HIS A 477 20.20 -3.33 7.72
CA HIS A 477 19.23 -3.81 8.69
C HIS A 477 19.70 -5.09 9.37
N ASN A 478 20.27 -6.01 8.60
CA ASN A 478 20.75 -7.30 9.12
C ASN A 478 22.23 -7.16 9.42
N LEU A 479 22.61 -7.40 10.67
CA LEU A 479 23.99 -7.23 11.13
C LEU A 479 24.75 -8.55 11.22
N VAL A 480 24.21 -9.64 10.66
CA VAL A 480 24.88 -10.94 10.76
C VAL A 480 26.27 -10.87 10.12
N TYR A 481 26.42 -10.06 9.07
CA TYR A 481 27.72 -9.90 8.43
C TYR A 481 28.76 -9.42 9.45
N ALA A 482 28.37 -8.48 10.32
CA ALA A 482 29.26 -8.06 11.39
C ALA A 482 29.61 -9.24 12.28
N GLN A 483 28.61 -10.04 12.66
CA GLN A 483 28.88 -11.27 13.39
C GLN A 483 29.79 -12.19 12.59
N LEU A 484 29.66 -12.17 11.26
CA LEU A 484 30.56 -12.95 10.43
C LEU A 484 32.01 -12.54 10.66
N GLN A 485 32.26 -11.23 10.77
CA GLN A 485 33.59 -10.77 11.13
C GLN A 485 34.00 -11.29 12.50
N PHE A 486 33.05 -11.32 13.45
CA PHE A 486 33.35 -11.90 14.75
C PHE A 486 33.63 -13.39 14.63
N THR A 487 33.08 -14.05 13.63
CA THR A 487 33.42 -15.45 13.38
C THR A 487 34.78 -15.57 12.71
N TYR A 488 35.24 -14.51 12.04
CA TYR A 488 36.54 -14.53 11.37
C TYR A 488 37.63 -13.95 12.26
N ASP A 489 37.46 -12.69 12.70
CA ASP A 489 38.50 -12.02 13.47
C ASP A 489 38.88 -12.80 14.72
N THR A 490 37.93 -13.50 15.32
CA THR A 490 38.26 -14.40 16.42
C THR A 490 39.14 -15.54 15.93
N LEU A 491 38.64 -16.32 14.96
CA LEU A 491 39.38 -17.47 14.47
C LEU A 491 40.70 -17.03 13.83
N ARG A 492 40.67 -15.96 13.03
CA ARG A 492 41.91 -15.43 12.49
C ARG A 492 42.84 -14.97 13.60
N GLY A 493 42.27 -14.43 14.68
CA GLY A 493 43.05 -14.11 15.85
C GLY A 493 43.39 -15.29 16.72
N TYR A 494 42.73 -16.44 16.51
CA TYR A 494 43.01 -17.66 17.27
C TYR A 494 43.98 -18.56 16.53
N ILE A 495 43.59 -19.00 15.32
CA ILE A 495 44.39 -19.99 14.58
C ILE A 495 45.80 -19.47 14.38
N ASN A 496 45.93 -18.24 13.89
CA ASN A 496 47.25 -17.63 13.74
C ASN A 496 47.99 -17.63 15.07
N ARG A 497 47.32 -17.19 16.14
CA ARG A 497 47.95 -17.25 17.46
C ARG A 497 48.27 -18.69 17.83
N ALA A 498 47.37 -19.61 17.48
CA ALA A 498 47.66 -21.03 17.68
C ALA A 498 48.94 -21.41 16.92
N LEU A 499 49.08 -20.92 15.68
CA LEU A 499 50.34 -21.12 14.98
C LEU A 499 51.48 -20.43 15.72
N ALA A 500 51.23 -19.22 16.22
CA ALA A 500 52.22 -18.54 17.05
C ALA A 500 52.50 -19.32 18.33
N GLN A 501 51.60 -20.21 18.73
CA GLN A 501 51.84 -21.09 19.86
C GLN A 501 52.26 -22.49 19.44
N ILE A 502 52.25 -22.79 18.15
CA ILE A 502 52.72 -24.08 17.66
C ILE A 502 54.07 -23.95 16.96
N ALA A 503 54.16 -23.05 15.98
CA ALA A 503 55.42 -22.86 15.26
C ALA A 503 56.53 -22.42 16.21
N GLU A 504 56.21 -21.49 17.12
CA GLU A 504 57.18 -21.12 18.16
C GLU A 504 57.59 -22.33 18.98
N ALA A 505 56.64 -23.21 19.29
CA ALA A 505 56.99 -24.47 19.92
C ALA A 505 57.70 -25.40 18.95
N TRP A 506 57.32 -25.37 17.67
CA TRP A 506 57.94 -26.25 16.69
C TRP A 506 59.37 -25.82 16.38
N CYS A 507 59.58 -24.52 16.13
CA CYS A 507 60.90 -24.04 15.74
C CYS A 507 61.92 -24.31 16.84
N VAL A 508 61.53 -24.11 18.10
CA VAL A 508 62.41 -24.49 19.21
C VAL A 508 62.63 -26.00 19.21
N ASP A 509 61.55 -26.77 19.02
CA ASP A 509 61.68 -28.22 19.03
C ASP A 509 62.62 -28.70 17.94
N GLN A 510 62.41 -28.24 16.70
CA GLN A 510 63.33 -28.55 15.62
C GLN A 510 64.74 -28.10 15.96
N ARG A 511 64.89 -27.01 16.71
CA ARG A 511 66.21 -26.61 17.19
C ARG A 511 66.73 -27.59 18.22
N ARG A 512 65.87 -27.97 19.18
CA ARG A 512 66.31 -28.87 20.26
C ARG A 512 66.75 -30.21 19.69
N THR A 513 66.02 -30.74 18.72
CA THR A 513 66.45 -31.96 18.04
C THR A 513 67.74 -31.72 17.27
N LEU A 514 67.87 -30.55 16.63
CA LEU A 514 69.01 -30.30 15.75
C LEU A 514 70.32 -30.44 16.50
N GLU A 515 70.41 -29.83 17.69
CA GLU A 515 71.62 -29.95 18.49
C GLU A 515 71.89 -31.41 18.85
N VAL A 516 70.82 -32.17 19.13
CA VAL A 516 70.97 -33.60 19.38
C VAL A 516 71.63 -34.27 18.18
N PHE A 517 71.25 -33.88 16.98
CA PHE A 517 71.92 -34.39 15.79
C PHE A 517 73.30 -33.79 15.61
N LYS A 518 73.51 -32.55 16.07
CA LYS A 518 74.76 -31.85 15.79
C LYS A 518 75.96 -32.61 16.34
N GLU A 519 75.86 -33.09 17.58
CA GLU A 519 76.91 -33.95 18.12
C GLU A 519 76.81 -35.37 17.57
N LEU A 520 75.59 -35.83 17.27
CA LEU A 520 75.40 -37.22 16.84
C LEU A 520 76.13 -37.50 15.53
N SER A 521 76.25 -36.48 14.67
CA SER A 521 76.97 -36.65 13.42
C SER A 521 78.43 -37.03 13.67
N LYS A 522 78.99 -36.61 14.80
CA LYS A 522 80.36 -37.01 15.12
C LYS A 522 80.43 -38.46 15.57
N ILE A 523 79.35 -38.99 16.13
CA ILE A 523 79.32 -40.35 16.64
C ILE A 523 78.58 -41.30 15.70
N ASN A 524 77.34 -40.95 15.33
CA ASN A 524 76.52 -41.80 14.46
C ASN A 524 76.03 -40.96 13.28
N PRO A 525 76.82 -40.86 12.21
CA PRO A 525 76.41 -40.05 11.05
C PRO A 525 75.24 -40.62 10.27
N SER A 526 74.82 -41.86 10.56
CA SER A 526 73.74 -42.47 9.80
C SER A 526 72.44 -41.70 9.98
N ALA A 527 72.14 -41.27 11.20
CA ALA A 527 70.92 -40.50 11.45
C ALA A 527 70.93 -39.18 10.68
N ILE A 528 72.07 -38.50 10.66
CA ILE A 528 72.16 -37.23 9.94
C ILE A 528 72.02 -37.44 8.44
N LEU A 529 72.65 -38.50 7.91
CA LEU A 529 72.52 -38.80 6.49
C LEU A 529 71.08 -39.13 6.13
N SER A 530 70.39 -39.90 6.97
CA SER A 530 68.99 -40.19 6.72
C SER A 530 68.13 -38.93 6.80
N ALA A 531 68.42 -38.04 7.75
CA ALA A 531 67.65 -36.80 7.86
C ALA A 531 67.84 -35.92 6.63
N ILE A 532 69.08 -35.79 6.14
CA ILE A 532 69.32 -34.97 4.96
C ILE A 532 68.88 -35.66 3.67
N TYR A 533 68.69 -36.97 3.69
CA TYR A 533 68.16 -37.69 2.54
C TYR A 533 66.65 -37.89 2.62
N ASN A 534 66.09 -37.89 3.84
CA ASN A 534 64.66 -38.08 4.09
C ASN A 534 64.16 -39.43 3.60
N LYS A 535 65.07 -40.40 3.43
CA LYS A 535 64.72 -41.74 3.00
C LYS A 535 65.65 -42.73 3.69
N PRO A 536 65.19 -43.96 3.92
CA PRO A 536 66.07 -44.98 4.52
C PRO A 536 67.12 -45.44 3.51
N ILE A 537 68.39 -45.42 3.94
CA ILE A 537 69.50 -45.82 3.10
C ILE A 537 70.41 -46.76 3.88
N ALA A 538 71.20 -47.52 3.13
CA ALA A 538 72.13 -48.48 3.72
C ALA A 538 73.34 -48.70 2.82
N LEU A 651 48.77 -39.91 12.41
CA LEU A 651 48.29 -39.03 13.47
C LEU A 651 46.78 -39.14 13.63
N ASP A 652 46.04 -38.52 12.71
CA ASP A 652 44.58 -38.55 12.76
C ASP A 652 44.04 -38.27 11.37
N ILE A 653 42.78 -38.65 11.17
CA ILE A 653 42.06 -38.35 9.93
C ILE A 653 41.53 -36.93 10.00
N ASP A 654 41.08 -36.40 8.86
CA ASP A 654 40.54 -35.05 8.81
C ASP A 654 39.05 -35.08 8.50
N PRO A 655 38.18 -35.01 9.52
CA PRO A 655 36.74 -35.00 9.27
C PRO A 655 36.21 -33.70 8.69
N LEU A 656 37.07 -32.70 8.48
CA LEU A 656 36.61 -31.42 7.92
C LEU A 656 36.30 -31.58 6.45
N GLU A 657 35.05 -31.86 6.12
CA GLU A 657 34.61 -32.09 4.75
C GLU A 657 33.95 -30.82 4.19
N ASN A 658 33.48 -30.93 2.95
CA ASN A 658 32.85 -29.80 2.27
C ASN A 658 31.38 -29.73 2.69
N THR A 659 31.08 -28.90 3.68
CA THR A 659 29.72 -28.68 4.15
C THR A 659 29.04 -27.57 3.37
N ASP A 660 28.70 -27.82 2.11
CA ASP A 660 28.07 -26.83 1.25
C ASP A 660 26.72 -26.40 1.80
N PHE A 661 26.65 -25.14 2.24
CA PHE A 661 25.42 -24.61 2.83
C PHE A 661 24.37 -24.39 1.75
N ARG A 662 23.13 -24.74 2.07
CA ARG A 662 21.99 -24.49 1.19
C ARG A 662 21.20 -23.29 1.69
N VAL A 663 20.36 -22.75 0.82
CA VAL A 663 19.59 -21.56 1.15
C VAL A 663 18.46 -21.95 2.10
N LEU A 664 18.66 -21.69 3.39
CA LEU A 664 17.67 -22.00 4.41
C LEU A 664 16.63 -20.89 4.46
N GLU A 665 15.70 -20.93 3.52
CA GLU A 665 14.58 -19.99 3.51
C GLU A 665 13.53 -20.49 4.49
N LEU A 666 13.45 -19.83 5.66
CA LEU A 666 12.51 -20.26 6.69
C LEU A 666 11.07 -20.12 6.19
N TYR A 667 10.77 -19.03 5.50
CA TYR A 667 9.44 -18.80 4.93
C TYR A 667 9.56 -18.65 3.43
N SER A 668 8.72 -19.37 2.70
CA SER A 668 8.73 -19.29 1.24
C SER A 668 8.16 -17.96 0.77
N GLN A 669 8.34 -17.68 -0.53
CA GLN A 669 7.84 -16.42 -1.09
C GLN A 669 6.34 -16.31 -0.96
N LYS A 670 5.61 -17.42 -1.12
CA LYS A 670 4.17 -17.41 -0.90
C LYS A 670 3.85 -17.03 0.55
N GLU A 671 4.60 -17.59 1.49
CA GLU A 671 4.41 -17.23 2.90
C GLU A 671 4.82 -15.78 3.17
N LEU A 672 5.88 -15.32 2.52
CA LEU A 672 6.33 -13.95 2.71
C LEU A 672 5.32 -12.93 2.17
N ARG A 673 4.63 -13.27 1.09
CA ARG A 673 3.64 -12.36 0.54
C ARG A 673 2.37 -12.27 1.39
N SER A 674 2.19 -13.19 2.34
CA SER A 674 1.00 -13.23 3.18
C SER A 674 1.33 -12.96 4.65
N ILE A 675 2.43 -12.26 4.91
CA ILE A 675 2.80 -11.94 6.29
C ILE A 675 1.79 -10.97 6.90
N ASN A 676 1.44 -9.92 6.16
CA ASN A 676 0.53 -8.89 6.64
C ASN A 676 -0.88 -9.14 6.12
N VAL A 677 -1.86 -8.59 6.86
CA VAL A 677 -3.25 -8.74 6.48
C VAL A 677 -3.64 -7.85 5.31
N PHE A 678 -2.78 -6.93 4.91
CA PHE A 678 -3.03 -6.04 3.77
C PHE A 678 -2.00 -6.33 2.69
N ASP A 679 -2.48 -6.57 1.47
CA ASP A 679 -1.63 -6.74 0.29
C ASP A 679 -1.98 -5.65 -0.70
N LEU A 680 -0.97 -4.87 -1.10
CA LEU A 680 -1.20 -3.73 -1.99
C LEU A 680 -1.72 -4.16 -3.34
N GLU A 681 -1.18 -5.25 -3.90
CA GLU A 681 -1.64 -5.72 -5.22
C GLU A 681 -3.12 -6.10 -5.18
N GLU A 682 -3.54 -6.81 -4.14
CA GLU A 682 -4.95 -7.20 -4.02
C GLU A 682 -5.85 -5.99 -3.87
N ILE A 683 -5.42 -4.99 -3.09
CA ILE A 683 -6.23 -3.78 -2.91
C ILE A 683 -6.36 -3.03 -4.23
N MET A 684 -5.27 -2.92 -4.99
CA MET A 684 -5.33 -2.23 -6.27
C MET A 684 -6.19 -2.99 -7.28
N ARG A 685 -6.11 -4.34 -7.26
CA ARG A 685 -6.98 -5.12 -8.13
C ARG A 685 -8.45 -4.94 -7.74
N GLU A 686 -8.73 -4.86 -6.45
CA GLU A 686 -10.11 -4.63 -6.01
C GLU A 686 -10.59 -3.25 -6.42
N PHE A 687 -9.72 -2.25 -6.35
CA PHE A 687 -10.09 -0.92 -6.82
C PHE A 687 -10.37 -0.91 -8.32
N ASN A 688 -9.54 -1.63 -9.09
CA ASN A 688 -9.79 -1.76 -10.53
C ASN A 688 -11.11 -2.46 -10.79
N SER A 689 -11.42 -3.51 -10.01
CA SER A 689 -12.70 -4.19 -10.16
C SER A 689 -13.86 -3.26 -9.83
N TYR A 690 -13.69 -2.41 -8.82
CA TYR A 690 -14.71 -1.41 -8.50
C TYR A 690 -14.93 -0.44 -9.65
N LYS A 691 -13.83 0.01 -10.27
CA LYS A 691 -13.95 0.91 -11.41
C LYS A 691 -14.67 0.21 -12.57
N GLN A 692 -14.34 -1.06 -12.81
CA GLN A 692 -15.03 -1.81 -13.86
C GLN A 692 -16.51 -1.96 -13.55
N ARG A 693 -16.84 -2.24 -12.28
CA ARG A 693 -18.24 -2.42 -11.91
C ARG A 693 -19.03 -1.13 -12.04
N VAL A 694 -18.40 0.02 -11.77
CA VAL A 694 -19.12 1.29 -11.88
C VAL A 694 -19.13 1.86 -13.29
N LYS A 695 -18.21 1.44 -14.16
CA LYS A 695 -18.15 1.97 -15.52
C LYS A 695 -18.33 0.91 -16.59
N TYR A 696 -17.61 -0.21 -16.50
CA TYR A 696 -17.64 -1.20 -17.57
C TYR A 696 -19.00 -1.91 -17.66
N VAL A 697 -19.70 -2.03 -16.54
CA VAL A 697 -21.00 -2.72 -16.53
C VAL A 697 -22.00 -2.01 -17.43
N GLU A 698 -21.85 -0.69 -17.62
CA GLU A 698 -22.72 0.06 -18.51
C GLU A 698 -22.71 -0.50 -19.93
N GLN B 1 -2.45 30.98 36.35
CA GLN B 1 -1.06 30.54 36.22
C GLN B 1 -0.14 31.75 36.07
N VAL B 2 -0.68 32.83 35.50
CA VAL B 2 0.06 34.07 35.32
C VAL B 2 -0.40 35.06 36.39
N GLN B 3 0.57 35.66 37.09
CA GLN B 3 0.25 36.54 38.21
C GLN B 3 -0.52 37.77 37.74
N LEU B 4 -0.09 38.39 36.65
CA LEU B 4 -0.71 39.60 36.11
C LEU B 4 -0.72 40.71 37.16
N VAL B 5 0.49 41.14 37.54
CA VAL B 5 0.63 42.17 38.57
C VAL B 5 0.04 43.48 38.07
N GLN B 6 -0.41 44.31 39.01
CA GLN B 6 -1.04 45.58 38.70
C GLN B 6 -0.46 46.66 39.59
N SER B 7 -0.61 47.92 39.14
CA SER B 7 -0.10 49.05 39.89
C SER B 7 -0.83 49.18 41.23
N GLY B 8 -0.23 49.96 42.14
CA GLY B 8 -0.76 50.12 43.47
C GLY B 8 -1.99 51.01 43.50
N ALA B 9 -2.44 51.30 44.73
CA ALA B 9 -3.63 52.11 44.92
C ALA B 9 -3.41 53.51 44.41
N GLU B 10 -4.42 54.05 43.72
CA GLU B 10 -4.37 55.39 43.15
C GLU B 10 -5.51 56.23 43.70
N VAL B 11 -5.21 57.47 44.05
CA VAL B 11 -6.20 58.40 44.58
C VAL B 11 -6.30 59.58 43.63
N LYS B 12 -7.52 59.86 43.14
CA LYS B 12 -7.73 60.95 42.21
C LYS B 12 -9.16 61.46 42.38
N LYS B 13 -9.30 62.78 42.30
CA LYS B 13 -10.62 63.41 42.37
C LYS B 13 -11.38 63.17 41.08
N PRO B 14 -12.72 63.24 41.13
CA PRO B 14 -13.51 63.05 39.90
C PRO B 14 -13.33 64.22 38.94
N GLY B 15 -13.84 64.02 37.72
CA GLY B 15 -13.75 65.03 36.68
C GLY B 15 -12.60 64.84 35.72
N GLU B 16 -11.39 64.66 36.25
CA GLU B 16 -10.22 64.50 35.39
C GLU B 16 -10.11 63.05 34.93
N SER B 17 -8.98 62.71 34.31
CA SER B 17 -8.75 61.39 33.73
C SER B 17 -7.98 60.51 34.69
N LEU B 18 -8.24 59.20 34.60
CA LEU B 18 -7.58 58.21 35.42
C LEU B 18 -6.75 57.28 34.55
N LYS B 19 -5.51 57.05 34.96
CA LYS B 19 -4.57 56.17 34.27
C LYS B 19 -4.22 55.00 35.17
N ILE B 20 -4.34 53.79 34.64
CA ILE B 20 -4.04 52.57 35.38
C ILE B 20 -3.15 51.69 34.50
N SER B 21 -2.05 51.21 35.07
CA SER B 21 -1.12 50.31 34.39
C SER B 21 -1.22 48.92 34.99
N CYS B 22 -1.28 47.91 34.13
CA CYS B 22 -1.40 46.52 34.57
C CYS B 22 -0.42 45.68 33.76
N LYS B 23 0.70 45.33 34.38
CA LYS B 23 1.74 44.58 33.71
C LYS B 23 1.32 43.13 33.51
N GLY B 24 1.69 42.58 32.36
CA GLY B 24 1.42 41.18 32.06
C GLY B 24 2.50 40.26 32.57
N SER B 25 2.55 40.07 33.88
CA SER B 25 3.60 39.27 34.50
C SER B 25 3.27 37.78 34.33
N GLY B 26 4.05 36.93 34.99
CA GLY B 26 3.86 35.49 34.89
C GLY B 26 4.62 34.89 33.72
N TYR B 27 4.21 35.23 32.50
CA TYR B 27 4.86 34.73 31.31
C TYR B 27 4.51 35.63 30.14
N THR B 28 5.45 35.82 29.22
CA THR B 28 5.21 36.62 28.02
C THR B 28 4.13 35.96 27.18
N PHE B 29 2.96 36.60 27.09
CA PHE B 29 1.80 36.00 26.44
C PHE B 29 1.18 36.97 25.45
N THR B 30 0.68 36.41 24.35
CA THR B 30 -0.13 37.15 23.38
C THR B 30 -1.36 36.35 22.99
N ASN B 31 -1.87 35.53 23.89
CA ASN B 31 -2.96 34.60 23.63
C ASN B 31 -4.16 34.78 24.54
N TYR B 32 -3.95 35.15 25.79
CA TYR B 32 -5.02 35.24 26.76
C TYR B 32 -5.73 36.59 26.64
N TRP B 33 -7.05 36.55 26.43
CA TRP B 33 -7.83 37.77 26.28
C TRP B 33 -7.82 38.58 27.58
N ILE B 34 -7.90 39.89 27.44
CA ILE B 34 -7.78 40.81 28.57
C ILE B 34 -9.17 41.31 28.96
N GLY B 35 -9.47 41.23 30.24
CA GLY B 35 -10.72 41.75 30.78
C GLY B 35 -10.50 42.75 31.90
N TRP B 36 -11.05 43.95 31.73
CA TRP B 36 -11.01 45.00 32.74
C TRP B 36 -12.39 45.11 33.37
N VAL B 37 -12.45 45.00 34.70
CA VAL B 37 -13.70 45.02 35.45
C VAL B 37 -13.56 45.97 36.63
N ARG B 38 -14.70 46.29 37.25
CA ARG B 38 -14.73 47.08 38.46
C ARG B 38 -15.62 46.39 39.49
N GLN B 39 -15.27 46.59 40.76
CA GLN B 39 -16.03 45.99 41.86
C GLN B 39 -16.28 47.04 42.92
N MET B 40 -17.54 47.12 43.37
CA MET B 40 -17.97 48.03 44.43
C MET B 40 -18.54 47.24 45.60
N PRO B 41 -18.45 47.78 46.82
CA PRO B 41 -18.95 47.04 47.99
C PRO B 41 -20.44 46.76 47.88
N GLY B 42 -20.85 45.60 48.37
CA GLY B 42 -22.24 45.19 48.36
C GLY B 42 -22.68 44.43 47.13
N ALA B 43 -21.78 44.18 46.18
CA ALA B 43 -22.13 43.45 44.96
C ALA B 43 -20.88 42.81 44.41
N GLY B 44 -21.06 42.01 43.35
CA GLY B 44 -19.96 41.30 42.72
C GLY B 44 -19.28 42.13 41.65
N LEU B 45 -18.52 41.45 40.81
CA LEU B 45 -17.78 42.09 39.73
C LEU B 45 -18.66 42.25 38.49
N GLU B 46 -18.46 43.36 37.78
CA GLU B 46 -19.18 43.65 36.56
C GLU B 46 -18.18 43.91 35.44
N TRP B 47 -18.39 43.24 34.30
CA TRP B 47 -17.48 43.40 33.17
C TRP B 47 -17.59 44.80 32.58
N MET B 48 -16.44 45.35 32.18
CA MET B 48 -16.40 46.66 31.56
C MET B 48 -15.64 46.70 30.25
N ALA B 49 -14.63 45.86 30.07
CA ALA B 49 -13.89 45.83 28.81
C ALA B 49 -13.38 44.42 28.55
N ILE B 50 -13.65 43.90 27.36
CA ILE B 50 -13.13 42.60 26.92
C ILE B 50 -12.43 42.82 25.59
N ILE B 51 -11.12 42.52 25.55
CA ILE B 51 -10.29 42.86 24.39
C ILE B 51 -9.31 41.73 24.11
N PHE B 52 -8.72 41.77 22.91
CA PHE B 52 -7.72 40.81 22.49
C PHE B 52 -6.42 41.03 23.26
N PRO B 53 -5.52 40.03 23.26
CA PRO B 53 -4.25 40.19 23.99
C PRO B 53 -3.32 41.21 23.37
N ARG B 54 -3.07 41.09 22.07
CA ARG B 54 -2.03 41.87 21.41
C ARG B 54 -2.46 43.29 21.07
N ASP B 55 -3.74 43.60 21.12
CA ASP B 55 -4.22 44.95 20.83
C ASP B 55 -5.46 45.20 21.69
N SER B 56 -6.21 46.24 21.37
CA SER B 56 -7.40 46.57 22.13
C SER B 56 -8.37 47.34 21.26
N TYR B 57 -9.66 47.18 21.57
CA TYR B 57 -10.71 47.93 20.90
C TYR B 57 -11.73 48.51 21.86
N SER B 58 -11.64 48.21 23.16
CA SER B 58 -12.55 48.75 24.17
C SER B 58 -14.00 48.46 23.82
N ALA B 59 -14.36 47.18 23.83
CA ALA B 59 -15.72 46.78 23.51
C ALA B 59 -16.65 47.06 24.69
N TYR B 60 -17.52 48.06 24.54
CA TYR B 60 -18.46 48.40 25.62
C TYR B 60 -19.76 48.91 24.98
N SER B 61 -20.73 48.01 24.85
CA SER B 61 -22.02 48.34 24.26
C SER B 61 -22.98 48.97 25.28
N PRO B 62 -23.29 48.32 26.41
CA PRO B 62 -24.31 48.89 27.31
C PRO B 62 -23.78 49.71 28.48
N SER B 63 -22.47 49.78 28.69
CA SER B 63 -21.90 50.37 29.90
C SER B 63 -20.86 51.41 29.52
N PHE B 64 -21.11 52.66 29.91
CA PHE B 64 -20.11 53.73 29.94
C PHE B 64 -19.47 53.94 28.56
N GLN B 65 -20.31 54.37 27.61
CA GLN B 65 -19.82 54.63 26.26
C GLN B 65 -18.90 55.84 26.25
N GLY B 66 -17.67 55.63 25.78
CA GLY B 66 -16.71 56.71 25.65
C GLY B 66 -15.89 56.99 26.90
N ARG B 67 -16.23 56.33 28.00
CA ARG B 67 -15.55 56.56 29.27
C ARG B 67 -14.37 55.62 29.51
N VAL B 68 -14.20 54.59 28.70
CA VAL B 68 -13.13 53.60 28.87
C VAL B 68 -12.31 53.55 27.59
N THR B 69 -10.99 53.62 27.74
CA THR B 69 -10.08 53.45 26.62
C THR B 69 -8.91 52.57 27.04
N ILE B 70 -8.71 51.46 26.33
CA ILE B 70 -7.63 50.53 26.61
C ILE B 70 -6.75 50.42 25.37
N SER B 71 -5.44 50.37 25.57
CA SER B 71 -4.49 50.24 24.48
C SER B 71 -3.73 48.92 24.51
N VAL B 72 -3.10 48.58 25.65
CA VAL B 72 -2.28 47.39 25.81
C VAL B 72 -1.19 47.38 24.74
N ASP B 73 -0.51 46.24 24.60
CA ASP B 73 0.57 46.08 23.62
C ASP B 73 0.84 44.58 23.50
N LYS B 74 1.82 44.24 22.65
CA LYS B 74 2.19 42.84 22.43
C LYS B 74 3.29 42.44 23.40
N SER B 75 3.79 41.21 23.22
CA SER B 75 4.87 40.65 24.04
C SER B 75 4.54 40.70 25.52
N ILE B 76 5.08 41.70 26.23
CA ILE B 76 4.88 41.81 27.67
C ILE B 76 3.43 42.11 28.01
N SER B 77 2.67 42.71 27.08
CA SER B 77 1.24 42.95 27.24
C SER B 77 0.95 43.81 28.47
N THR B 78 1.45 45.04 28.43
CA THR B 78 1.21 46.02 29.50
C THR B 78 -0.10 46.74 29.20
N ALA B 79 -1.15 46.37 29.93
CA ALA B 79 -2.46 46.97 29.70
C ALA B 79 -2.52 48.37 30.30
N TYR B 80 -3.16 49.29 29.57
CA TYR B 80 -3.32 50.67 30.00
C TYR B 80 -4.80 51.01 29.99
N LEU B 81 -5.36 51.25 31.18
CA LEU B 81 -6.74 51.70 31.31
C LEU B 81 -6.77 53.22 31.46
N HIS B 82 -7.60 53.87 30.66
CA HIS B 82 -7.76 55.32 30.70
C HIS B 82 -9.23 55.65 30.84
N TRP B 83 -9.56 56.49 31.81
CA TRP B 83 -10.94 56.91 32.07
C TRP B 83 -11.04 58.42 31.94
N SER B 84 -12.11 58.88 31.29
CA SER B 84 -12.38 60.29 31.12
C SER B 84 -13.71 60.62 31.78
N SER B 85 -13.81 61.85 32.32
CA SER B 85 -15.00 62.33 33.02
C SER B 85 -15.35 61.40 34.19
N LEU B 86 -14.42 61.35 35.15
CA LEU B 86 -14.61 60.52 36.34
C LEU B 86 -15.80 61.02 37.15
N GLU B 87 -16.62 60.08 37.62
CA GLU B 87 -17.82 60.40 38.38
C GLU B 87 -17.77 59.71 39.74
N ALA B 88 -18.66 60.13 40.63
CA ALA B 88 -18.69 59.58 41.98
C ALA B 88 -19.05 58.10 41.99
N SER B 89 -19.82 57.64 41.00
CA SER B 89 -20.18 56.23 40.92
C SER B 89 -19.01 55.34 40.53
N ASP B 90 -17.89 55.92 40.08
CA ASP B 90 -16.73 55.15 39.66
C ASP B 90 -15.77 54.83 40.81
N THR B 91 -16.06 55.31 42.02
CA THR B 91 -15.23 54.99 43.17
C THR B 91 -15.38 53.51 43.50
N ALA B 92 -14.36 52.72 43.17
CA ALA B 92 -14.45 51.26 43.26
C ALA B 92 -13.05 50.70 43.03
N VAL B 93 -12.94 49.37 43.10
CA VAL B 93 -11.67 48.69 42.89
C VAL B 93 -11.65 48.14 41.47
N TYR B 94 -10.69 48.59 40.66
CA TYR B 94 -10.55 48.14 39.28
C TYR B 94 -9.62 46.94 39.22
N TYR B 95 -9.99 45.96 38.40
CA TYR B 95 -9.23 44.73 38.27
C TYR B 95 -8.95 44.45 36.79
N CYS B 96 -7.74 43.99 36.51
CA CYS B 96 -7.35 43.48 35.21
C CYS B 96 -7.12 41.98 35.31
N ALA B 97 -7.59 41.24 34.32
CA ALA B 97 -7.46 39.80 34.34
C ALA B 97 -7.26 39.27 32.93
N ILE B 98 -6.73 38.06 32.85
CA ILE B 98 -6.67 37.32 31.60
C ILE B 98 -7.85 36.36 31.57
N TYR B 99 -8.47 36.21 30.39
CA TYR B 99 -9.71 35.45 30.31
C TYR B 99 -9.48 33.98 30.67
N ASN B 100 -8.39 33.38 30.19
CA ASN B 100 -8.09 31.98 30.49
C ASN B 100 -6.63 31.73 30.19
N ASP B 101 -5.85 31.34 31.20
CA ASP B 101 -4.46 30.96 30.98
C ASP B 101 -4.32 29.45 30.81
N LEU B 102 -4.72 28.68 31.82
CA LEU B 102 -4.64 27.22 31.79
C LEU B 102 -5.86 26.64 32.49
N ARG B 103 -6.60 25.79 31.78
CA ARG B 103 -7.75 25.07 32.32
C ARG B 103 -8.78 26.05 32.90
N SER B 104 -9.27 26.92 32.02
CA SER B 104 -10.27 27.94 32.36
C SER B 104 -9.78 28.87 33.47
N GLY B 105 -8.48 29.09 33.57
CA GLY B 105 -7.92 29.90 34.63
C GLY B 105 -7.95 31.38 34.34
N ASN B 106 -8.89 32.10 34.95
CA ASN B 106 -8.99 33.56 34.83
C ASN B 106 -8.30 34.17 36.05
N SER B 107 -7.03 34.49 35.90
CA SER B 107 -6.25 35.07 36.99
C SER B 107 -6.42 36.58 36.99
N TRP B 108 -6.83 37.14 38.12
CA TRP B 108 -7.08 38.56 38.24
C TRP B 108 -5.82 39.28 38.70
N GLY B 109 -5.81 40.61 38.55
CA GLY B 109 -4.72 41.41 39.03
C GLY B 109 -4.83 41.70 40.52
N GLN B 110 -3.85 42.47 41.01
CA GLN B 110 -3.85 42.85 42.42
C GLN B 110 -5.02 43.77 42.77
N GLY B 111 -5.47 44.60 41.83
CA GLY B 111 -6.60 45.47 42.07
C GLY B 111 -6.20 46.85 42.54
N THR B 112 -6.62 47.88 41.82
CA THR B 112 -6.33 49.26 42.18
C THR B 112 -7.58 49.92 42.73
N PRO B 113 -7.63 50.29 44.00
CA PRO B 113 -8.81 50.98 44.55
C PRO B 113 -8.78 52.46 44.21
N LEU B 114 -9.68 52.88 43.33
CA LEU B 114 -9.92 54.29 43.07
C LEU B 114 -10.94 54.79 44.08
N ILE B 115 -10.48 55.54 45.07
CA ILE B 115 -11.30 56.03 46.17
C ILE B 115 -11.03 57.51 46.37
N VAL B 116 -12.09 58.29 46.55
CA VAL B 116 -12.00 59.72 46.78
C VAL B 116 -12.18 59.97 48.28
N SER B 117 -11.14 60.48 48.93
CA SER B 117 -11.17 60.76 50.36
C SER B 117 -10.10 61.80 50.67
N SER B 118 -9.95 62.11 51.95
CA SER B 118 -8.97 63.08 52.40
C SER B 118 -7.82 62.40 53.13
N ASP C 1 -30.97 37.75 27.19
CA ASP C 1 -30.58 37.78 28.60
C ASP C 1 -30.84 36.43 29.25
N ILE C 2 -30.05 36.10 30.27
CA ILE C 2 -30.18 34.85 31.00
C ILE C 2 -30.23 35.15 32.49
N GLN C 3 -30.81 34.21 33.24
CA GLN C 3 -30.92 34.34 34.68
C GLN C 3 -29.80 33.58 35.38
N MET C 4 -29.56 33.95 36.64
CA MET C 4 -28.54 33.29 37.45
C MET C 4 -28.93 33.41 38.91
N THR C 5 -28.97 32.28 39.61
CA THR C 5 -29.36 32.24 41.02
C THR C 5 -28.38 31.36 41.77
N GLN C 6 -27.68 31.93 42.75
CA GLN C 6 -26.76 31.18 43.59
C GLN C 6 -27.37 31.06 44.98
N SER C 7 -27.50 29.83 45.46
CA SER C 7 -28.19 29.53 46.71
C SER C 7 -27.26 28.77 47.65
N PRO C 8 -27.37 29.02 48.96
CA PRO C 8 -28.26 29.97 49.65
C PRO C 8 -27.73 31.40 49.60
N SER C 9 -28.60 32.39 49.78
CA SER C 9 -28.14 33.78 49.80
C SER C 9 -27.24 34.03 51.00
N SER C 10 -27.58 33.49 52.16
CA SER C 10 -26.77 33.61 53.36
C SER C 10 -26.95 32.37 54.22
N LEU C 11 -25.84 31.85 54.72
CA LEU C 11 -25.88 30.64 55.55
C LEU C 11 -24.69 30.66 56.50
N SER C 12 -24.81 29.89 57.57
CA SER C 12 -23.77 29.78 58.58
C SER C 12 -23.56 28.32 58.94
N ALA C 13 -22.31 27.97 59.26
CA ALA C 13 -21.97 26.62 59.64
C ALA C 13 -20.74 26.65 60.53
N SER C 14 -20.54 25.56 61.26
CA SER C 14 -19.41 25.45 62.18
C SER C 14 -18.17 24.94 61.45
N VAL C 15 -17.08 24.82 62.20
CA VAL C 15 -15.81 24.38 61.64
C VAL C 15 -15.86 22.87 61.41
N GLY C 16 -15.51 22.45 60.20
CA GLY C 16 -15.46 21.03 59.88
C GLY C 16 -16.79 20.42 59.52
N ASP C 17 -17.62 21.13 58.75
CA ASP C 17 -18.92 20.64 58.31
C ASP C 17 -19.00 20.71 56.80
N ARG C 18 -19.42 19.61 56.18
CA ARG C 18 -19.61 19.57 54.73
C ARG C 18 -20.81 20.42 54.34
N VAL C 19 -20.61 21.31 53.37
CA VAL C 19 -21.64 22.25 52.95
C VAL C 19 -21.72 22.25 51.42
N THR C 20 -22.94 22.25 50.90
CA THR C 20 -23.19 22.25 49.46
C THR C 20 -23.90 23.53 49.07
N ILE C 21 -23.38 24.20 48.04
CA ILE C 21 -23.96 25.43 47.51
C ILE C 21 -24.33 25.22 46.05
N THR C 22 -25.52 25.66 45.68
CA THR C 22 -26.07 25.40 44.35
C THR C 22 -26.04 26.66 43.49
N CYS C 23 -25.97 26.44 42.18
CA CYS C 23 -25.99 27.52 41.20
C CYS C 23 -26.87 27.08 40.05
N ARG C 24 -27.81 27.94 39.66
CA ARG C 24 -28.77 27.63 38.61
C ARG C 24 -28.77 28.76 37.59
N ALA C 25 -28.97 28.40 36.32
CA ALA C 25 -28.97 29.38 35.24
C ALA C 25 -29.76 28.82 34.07
N SER C 26 -30.13 29.72 33.15
CA SER C 26 -30.86 29.36 31.95
C SER C 26 -29.94 29.25 30.74
N GLN C 27 -28.71 28.79 30.93
CA GLN C 27 -27.76 28.68 29.84
C GLN C 27 -28.20 27.61 28.84
N SER C 28 -27.95 27.88 27.56
CA SER C 28 -28.33 26.92 26.52
C SER C 28 -27.55 25.62 26.65
N ILE C 29 -26.25 25.70 26.95
CA ILE C 29 -25.39 24.54 27.07
C ILE C 29 -24.64 24.63 28.41
N THR C 30 -23.75 23.65 28.63
CA THR C 30 -23.03 23.58 29.89
C THR C 30 -22.09 24.76 30.09
N LYS C 31 -21.47 25.25 29.02
CA LYS C 31 -20.50 26.34 29.07
C LYS C 31 -19.33 25.89 29.93
N TYR C 32 -18.92 26.65 30.94
CA TYR C 32 -17.84 26.25 31.84
C TYR C 32 -18.27 26.12 33.28
N LEU C 33 -18.99 27.10 33.81
CA LEU C 33 -19.53 27.09 35.17
C LEU C 33 -18.41 26.89 36.20
N ASN C 34 -17.52 27.87 36.23
CA ASN C 34 -16.45 27.92 37.21
C ASN C 34 -16.97 28.46 38.55
N TRP C 35 -16.27 28.14 39.62
CA TRP C 35 -16.61 28.62 40.94
C TRP C 35 -15.43 29.35 41.55
N TYR C 36 -15.71 30.50 42.16
CA TYR C 36 -14.70 31.44 42.66
C TYR C 36 -14.67 31.44 44.18
N GLN C 37 -13.84 32.35 44.71
CA GLN C 37 -13.72 32.58 46.14
C GLN C 37 -13.26 34.01 46.36
N GLN C 38 -13.95 34.73 47.25
CA GLN C 38 -13.58 36.10 47.56
C GLN C 38 -13.73 36.35 49.06
N LYS C 39 -12.97 37.32 49.55
CA LYS C 39 -13.02 37.78 50.93
C LYS C 39 -13.21 39.29 50.95
N PRO C 40 -13.81 39.84 52.01
CA PRO C 40 -13.98 41.29 52.09
C PRO C 40 -12.64 42.01 52.09
N GLY C 41 -12.48 42.93 51.13
CA GLY C 41 -11.23 43.64 50.98
C GLY C 41 -10.15 42.90 50.23
N ARG C 42 -10.46 41.74 49.64
CA ARG C 42 -9.50 40.94 48.91
C ARG C 42 -10.02 40.66 47.50
N ALA C 43 -9.08 40.50 46.58
CA ALA C 43 -9.44 40.21 45.19
C ALA C 43 -10.03 38.81 45.08
N PRO C 44 -11.00 38.62 44.18
CA PRO C 44 -11.58 37.28 43.99
C PRO C 44 -10.57 36.30 43.43
N LYS C 45 -10.74 35.03 43.81
CA LYS C 45 -9.87 33.96 43.35
C LYS C 45 -10.71 32.75 42.98
N LEU C 46 -10.29 32.04 41.93
CA LEU C 46 -11.03 30.88 41.46
C LEU C 46 -10.87 29.70 42.41
N LEU C 47 -11.87 28.82 42.39
CA LEU C 47 -11.83 27.56 43.13
C LEU C 47 -11.91 26.34 42.22
N ILE C 48 -12.88 26.31 41.30
CA ILE C 48 -13.07 25.16 40.43
C ILE C 48 -13.36 25.64 39.01
N HIS C 49 -13.05 24.77 38.04
CA HIS C 49 -13.28 25.05 36.63
C HIS C 49 -13.78 23.79 35.95
N THR C 50 -14.64 23.98 34.94
CA THR C 50 -15.18 22.93 34.08
C THR C 50 -15.92 21.85 34.86
N THR C 51 -16.18 22.05 36.15
CA THR C 51 -16.79 21.07 37.04
C THR C 51 -15.99 19.78 37.14
N SER C 52 -14.75 19.77 36.63
CA SER C 52 -13.90 18.58 36.69
C SER C 52 -12.46 18.86 37.09
N THR C 53 -12.00 20.11 37.09
CA THR C 53 -10.63 20.45 37.47
C THR C 53 -10.65 21.63 38.42
N LEU C 54 -9.63 21.70 39.28
CA LEU C 54 -9.55 22.71 40.31
C LEU C 54 -8.31 23.57 40.11
N GLN C 55 -8.35 24.78 40.68
CA GLN C 55 -7.23 25.70 40.59
C GLN C 55 -6.02 25.15 41.32
N SER C 56 -4.84 25.33 40.73
CA SER C 56 -3.61 24.90 41.37
C SER C 56 -3.37 25.69 42.65
N GLY C 57 -2.91 25.00 43.69
CA GLY C 57 -2.70 25.59 45.00
C GLY C 57 -3.85 25.38 45.96
N VAL C 58 -5.04 25.05 45.46
CA VAL C 58 -6.20 24.78 46.30
C VAL C 58 -6.24 23.28 46.56
N PRO C 59 -6.25 22.83 47.83
CA PRO C 59 -6.25 21.38 48.11
C PRO C 59 -7.52 20.69 47.66
N SER C 60 -7.59 19.39 47.87
CA SER C 60 -8.70 18.56 47.39
C SER C 60 -9.90 18.56 48.33
N ARG C 61 -10.01 19.54 49.23
CA ARG C 61 -11.16 19.59 50.13
C ARG C 61 -12.41 20.16 49.48
N PHE C 62 -12.31 20.64 48.24
CA PHE C 62 -13.45 21.15 47.49
C PHE C 62 -13.77 20.22 46.34
N SER C 63 -15.06 20.05 46.05
CA SER C 63 -15.50 19.19 44.96
C SER C 63 -16.64 19.88 44.22
N GLY C 64 -16.85 19.46 42.98
CA GLY C 64 -17.90 20.04 42.16
C GLY C 64 -18.62 18.97 41.37
N SER C 65 -19.92 19.21 41.14
CA SER C 65 -20.75 18.31 40.36
C SER C 65 -21.83 19.14 39.68
N GLY C 66 -22.59 18.51 38.81
CA GLY C 66 -23.65 19.21 38.12
C GLY C 66 -24.55 18.25 37.38
N SER C 67 -25.78 18.70 37.16
CA SER C 67 -26.78 17.95 36.41
C SER C 67 -27.84 18.92 35.91
N GLY C 68 -28.27 18.72 34.67
CA GLY C 68 -29.26 19.60 34.08
C GLY C 68 -28.76 21.03 34.06
N THR C 69 -29.56 21.94 34.64
CA THR C 69 -29.20 23.34 34.74
C THR C 69 -28.69 23.71 36.14
N ASP C 70 -28.42 22.71 36.99
CA ASP C 70 -27.96 22.95 38.35
C ASP C 70 -26.51 22.48 38.51
N PHE C 71 -25.74 23.22 39.29
CA PHE C 71 -24.36 22.86 39.54
C PHE C 71 -24.04 23.11 41.01
N THR C 72 -23.45 22.12 41.67
CA THR C 72 -23.23 22.14 43.11
C THR C 72 -21.75 22.11 43.43
N LEU C 73 -21.36 22.94 44.39
CA LEU C 73 -20.01 22.97 44.95
C LEU C 73 -20.09 22.50 46.39
N THR C 74 -19.25 21.53 46.74
CA THR C 74 -19.30 20.86 48.04
C THR C 74 -17.96 21.03 48.76
N ILE C 75 -18.03 21.31 50.05
CA ILE C 75 -16.86 21.45 50.90
C ILE C 75 -16.93 20.41 52.01
N SER C 76 -15.88 19.61 52.14
CA SER C 76 -15.86 18.54 53.13
C SER C 76 -15.76 19.09 54.55
N SER C 77 -14.84 20.03 54.78
CA SER C 77 -14.59 20.59 56.10
C SER C 77 -14.34 22.09 55.95
N LEU C 78 -15.12 22.89 56.67
CA LEU C 78 -14.94 24.33 56.64
C LEU C 78 -13.82 24.74 57.60
N GLN C 79 -12.97 25.66 57.16
CA GLN C 79 -11.88 26.19 57.94
C GLN C 79 -12.12 27.66 58.26
N LEU C 80 -11.22 28.25 59.04
CA LEU C 80 -11.36 29.65 59.43
C LEU C 80 -11.26 30.57 58.22
N GLU C 81 -10.35 30.27 57.30
CA GLU C 81 -10.16 31.12 56.12
C GLU C 81 -11.15 30.84 55.01
N ASP C 82 -12.01 29.82 55.16
CA ASP C 82 -12.97 29.48 54.11
C ASP C 82 -14.21 30.37 54.13
N PHE C 83 -14.43 31.14 55.19
CA PHE C 83 -15.59 32.02 55.26
C PHE C 83 -15.37 33.23 54.36
N GLY C 84 -16.38 33.54 53.54
CA GLY C 84 -16.25 34.64 52.60
C GLY C 84 -17.35 34.61 51.58
N THR C 85 -17.12 35.30 50.47
CA THR C 85 -18.09 35.41 49.40
C THR C 85 -17.67 34.54 48.22
N TYR C 86 -18.60 33.71 47.75
CA TYR C 86 -18.37 32.81 46.63
C TYR C 86 -19.25 33.20 45.45
N TYR C 87 -18.76 32.95 44.23
CA TYR C 87 -19.46 33.30 43.01
C TYR C 87 -19.45 32.14 42.03
N CYS C 88 -20.52 32.05 41.23
CA CYS C 88 -20.57 31.18 40.07
C CYS C 88 -20.89 32.00 38.84
N GLN C 89 -20.28 31.63 37.71
CA GLN C 89 -20.37 32.47 36.51
C GLN C 89 -20.26 31.58 35.28
N GLN C 90 -20.70 32.14 34.15
CA GLN C 90 -20.48 31.51 32.85
C GLN C 90 -19.67 32.45 31.97
N SER C 91 -18.84 31.86 31.10
CA SER C 91 -17.97 32.63 30.23
C SER C 91 -17.76 31.86 28.93
N PHE C 92 -18.19 32.45 27.83
CA PHE C 92 -17.99 31.83 26.52
C PHE C 92 -17.48 32.88 25.54
N SER C 93 -16.40 32.55 24.83
CA SER C 93 -15.70 33.47 23.93
C SER C 93 -15.31 34.69 24.76
N THR C 94 -15.88 35.87 24.51
CA THR C 94 -15.64 37.03 25.35
C THR C 94 -16.83 37.38 26.22
N LEU C 95 -18.01 36.82 25.96
CA LEU C 95 -19.18 37.11 26.76
C LEU C 95 -19.07 36.45 28.13
N TRP C 96 -19.51 37.18 29.16
CA TRP C 96 -19.32 36.78 30.54
C TRP C 96 -20.53 37.22 31.35
N THR C 97 -21.09 36.27 32.12
CA THR C 97 -22.15 36.59 33.07
C THR C 97 -21.72 36.11 34.46
N PHE C 98 -21.86 36.99 35.44
CA PHE C 98 -21.42 36.74 36.80
C PHE C 98 -22.62 36.52 37.72
N GLY C 99 -22.33 35.95 38.89
CA GLY C 99 -23.35 35.66 39.87
C GLY C 99 -23.25 36.57 41.09
N GLN C 100 -24.36 36.67 41.83
CA GLN C 100 -24.40 37.51 43.02
C GLN C 100 -23.47 37.00 44.12
N GLY C 101 -23.38 35.69 44.32
CA GLY C 101 -22.44 35.14 45.27
C GLY C 101 -22.98 34.90 46.66
N THR C 102 -22.81 33.68 47.17
CA THR C 102 -23.25 33.33 48.51
C THR C 102 -22.24 33.82 49.55
N LYS C 103 -22.75 34.05 50.76
CA LYS C 103 -21.94 34.53 51.88
C LYS C 103 -21.87 33.44 52.94
N LEU C 104 -20.65 33.10 53.35
CA LEU C 104 -20.41 32.09 54.38
C LEU C 104 -19.69 32.76 55.55
N ASP C 105 -20.27 32.62 56.75
CA ASP C 105 -19.71 33.24 57.95
C ASP C 105 -20.12 32.42 59.16
N ILE C 106 -19.41 32.64 60.26
CA ILE C 106 -19.66 31.94 61.52
C ILE C 106 -19.95 32.97 62.60
N LYS C 107 -21.01 32.74 63.37
CA LYS C 107 -21.39 33.64 64.44
C LYS C 107 -20.41 33.53 65.61
N LEU D 121 41.74 -25.68 -8.12
CA LEU D 121 42.92 -24.84 -8.22
C LEU D 121 42.91 -24.05 -9.53
N ASP D 122 42.15 -24.56 -10.51
CA ASP D 122 42.05 -23.90 -11.79
C ASP D 122 41.37 -22.53 -11.65
N GLU D 123 41.75 -21.61 -12.53
CA GLU D 123 41.30 -20.23 -12.46
C GLU D 123 40.54 -19.86 -13.73
N GLY D 124 39.58 -18.95 -13.58
CA GLY D 124 38.81 -18.48 -14.72
C GLY D 124 38.13 -17.17 -14.41
N ILE D 125 37.76 -16.48 -15.48
CA ILE D 125 37.04 -15.21 -15.38
C ILE D 125 35.56 -15.50 -15.30
N MET D 126 34.89 -14.93 -14.31
CA MET D 126 33.47 -15.14 -14.10
C MET D 126 32.72 -13.82 -14.19
N VAL D 127 31.50 -13.89 -14.69
CA VAL D 127 30.58 -12.76 -14.70
C VAL D 127 29.29 -13.20 -14.03
N VAL D 128 28.98 -12.59 -12.89
CA VAL D 128 27.78 -12.90 -12.14
C VAL D 128 26.69 -11.94 -12.57
N TYR D 129 25.64 -12.49 -13.18
CA TYR D 129 24.41 -11.78 -13.51
C TYR D 129 23.36 -12.13 -12.47
N LYS D 130 22.71 -11.11 -11.92
CA LYS D 130 21.64 -11.30 -10.96
C LYS D 130 20.29 -11.31 -11.68
N ARG D 131 19.31 -11.93 -11.03
CA ARG D 131 17.97 -11.98 -11.60
C ARG D 131 17.36 -10.59 -11.65
N ASN D 132 16.71 -10.28 -12.77
CA ASN D 132 16.15 -8.94 -13.00
C ASN D 132 14.87 -8.82 -12.20
N ILE D 133 15.02 -8.60 -10.88
CA ILE D 133 13.86 -8.45 -10.02
C ILE D 133 13.17 -7.10 -10.21
N VAL D 134 13.85 -6.12 -10.81
CA VAL D 134 13.22 -4.83 -11.07
C VAL D 134 12.21 -5.00 -12.19
N ALA D 135 11.00 -4.48 -11.97
CA ALA D 135 9.95 -4.61 -12.96
C ALA D 135 10.28 -3.80 -14.20
N HIS D 136 10.08 -4.41 -15.36
CA HIS D 136 10.23 -3.71 -16.63
C HIS D 136 9.30 -2.51 -16.68
N THR D 137 9.84 -1.34 -16.95
CA THR D 137 9.10 -0.09 -16.92
C THR D 137 9.02 0.48 -18.34
N PHE D 138 7.82 0.83 -18.76
CA PHE D 138 7.60 1.42 -20.08
C PHE D 138 6.61 2.57 -19.95
N LYS D 139 6.44 3.29 -21.05
CA LYS D 139 5.57 4.47 -21.09
C LYS D 139 4.20 4.07 -21.62
N VAL D 140 3.16 4.46 -20.89
CA VAL D 140 1.78 4.14 -21.24
C VAL D 140 1.02 5.44 -21.39
N ARG D 141 0.31 5.59 -22.50
CA ARG D 141 -0.52 6.76 -22.76
C ARG D 141 -1.94 6.45 -22.30
N VAL D 142 -2.40 7.16 -21.29
CA VAL D 142 -3.75 6.99 -20.76
C VAL D 142 -4.58 8.19 -21.22
N TYR D 143 -5.56 7.92 -22.08
CA TYR D 143 -6.47 8.94 -22.57
C TYR D 143 -7.78 8.82 -21.80
N GLN D 144 -8.22 9.90 -21.17
CA GLN D 144 -9.42 9.84 -20.37
C GLN D 144 -10.20 11.15 -20.47
N LYS D 145 -11.52 11.03 -20.50
CA LYS D 145 -12.40 12.19 -20.47
C LYS D 145 -12.96 12.32 -19.06
N VAL D 146 -12.67 13.45 -18.42
CA VAL D 146 -13.09 13.72 -17.06
C VAL D 146 -14.37 14.54 -17.14
N LEU D 147 -15.49 13.93 -16.79
CA LEU D 147 -16.77 14.62 -16.70
C LEU D 147 -16.96 15.05 -15.25
N THR D 148 -16.76 16.35 -15.00
CA THR D 148 -16.94 16.93 -13.68
C THR D 148 -18.15 17.84 -13.71
N PHE D 149 -19.28 17.36 -13.18
CA PHE D 149 -20.53 18.09 -13.18
C PHE D 149 -20.68 18.80 -11.85
N ARG D 150 -20.77 20.13 -11.90
CA ARG D 150 -20.95 20.96 -10.73
C ARG D 150 -22.37 21.50 -10.71
N ARG D 151 -23.10 21.21 -9.64
CA ARG D 151 -24.48 21.63 -9.49
C ARG D 151 -24.57 22.64 -8.35
N SER D 152 -25.30 23.73 -8.59
CA SER D 152 -25.48 24.78 -7.60
C SER D 152 -26.91 25.28 -7.65
N TYR D 153 -27.28 26.03 -6.61
CA TYR D 153 -28.61 26.62 -6.50
C TYR D 153 -28.46 28.11 -6.22
N ALA D 154 -29.11 28.93 -7.03
CA ALA D 154 -29.01 30.38 -6.93
C ALA D 154 -30.28 30.96 -6.31
N TYR D 155 -30.11 31.81 -5.31
CA TYR D 155 -31.23 32.46 -4.62
C TYR D 155 -30.89 33.94 -4.45
N HIS D 156 -31.61 34.79 -5.17
CA HIS D 156 -31.39 36.23 -5.16
C HIS D 156 -29.95 36.58 -5.54
N ARG D 157 -29.14 36.95 -4.55
CA ARG D 157 -27.76 37.33 -4.78
C ARG D 157 -26.76 36.33 -4.23
N THR D 158 -27.21 35.34 -3.45
CA THR D 158 -26.34 34.33 -2.88
C THR D 158 -26.63 32.99 -3.54
N THR D 159 -25.59 32.34 -4.04
CA THR D 159 -25.72 31.06 -4.72
C THR D 159 -25.22 29.95 -3.82
N TYR D 160 -26.04 28.90 -3.68
CA TYR D 160 -25.73 27.75 -2.83
C TYR D 160 -25.22 26.63 -3.71
N LEU D 161 -23.98 26.20 -3.46
CA LEU D 161 -23.42 25.08 -4.21
C LEU D 161 -24.05 23.77 -3.74
N LEU D 162 -24.74 23.09 -4.65
CA LEU D 162 -25.41 21.84 -4.33
C LEU D 162 -24.49 20.63 -4.40
N GLY D 163 -23.30 20.77 -4.98
CA GLY D 163 -22.32 19.71 -4.95
C GLY D 163 -21.67 19.53 -6.30
N SER D 164 -20.97 18.41 -6.44
CA SER D 164 -20.28 18.08 -7.68
C SER D 164 -20.05 16.58 -7.72
N ASN D 165 -19.92 16.06 -8.95
CA ASN D 165 -19.59 14.66 -9.16
C ASN D 165 -18.62 14.55 -10.31
N THR D 166 -17.54 13.79 -10.11
CA THR D 166 -16.48 13.64 -11.09
C THR D 166 -16.40 12.17 -11.50
N GLU D 167 -16.42 11.93 -12.81
CA GLU D 167 -16.30 10.58 -13.35
C GLU D 167 -15.30 10.57 -14.49
N TYR D 168 -14.71 9.41 -14.74
CA TYR D 168 -13.75 9.23 -15.82
C TYR D 168 -14.31 8.23 -16.83
N VAL D 169 -14.29 8.60 -18.11
CA VAL D 169 -14.81 7.75 -19.17
C VAL D 169 -13.76 7.62 -20.26
N ALA D 170 -13.88 6.54 -21.02
CA ALA D 170 -12.94 6.24 -22.10
C ALA D 170 -13.34 6.98 -23.36
N PRO D 171 -12.47 7.80 -23.94
CA PRO D 171 -12.81 8.47 -25.19
C PRO D 171 -12.93 7.48 -26.32
N PRO D 172 -13.70 7.79 -27.36
CA PRO D 172 -13.87 6.85 -28.47
C PRO D 172 -12.57 6.65 -29.24
N MET D 173 -12.51 5.54 -29.97
CA MET D 173 -11.28 5.15 -30.65
C MET D 173 -10.87 6.15 -31.72
N TRP D 174 -11.85 6.67 -32.48
CA TRP D 174 -11.53 7.68 -33.48
C TRP D 174 -10.97 8.94 -32.82
N GLU D 175 -11.46 9.28 -31.63
CA GLU D 175 -10.90 10.42 -30.92
C GLU D 175 -9.48 10.12 -30.44
N ILE D 176 -9.20 8.86 -30.08
CA ILE D 176 -7.84 8.48 -29.74
C ILE D 176 -6.91 8.65 -30.93
N HIS D 177 -7.38 8.24 -32.12
CA HIS D 177 -6.58 8.43 -33.33
C HIS D 177 -6.36 9.91 -33.61
N HIS D 178 -7.40 10.74 -33.44
CA HIS D 178 -7.26 12.17 -33.67
C HIS D 178 -6.28 12.79 -32.69
N ILE D 179 -6.29 12.35 -31.43
CA ILE D 179 -5.33 12.84 -30.45
C ILE D 179 -3.91 12.44 -30.83
N ASN D 180 -3.74 11.18 -31.23
CA ASN D 180 -2.39 10.71 -31.59
C ASN D 180 -1.89 11.35 -32.87
N SER D 181 -2.79 11.87 -33.71
CA SER D 181 -2.38 12.49 -34.95
C SER D 181 -2.19 14.00 -34.85
N HIS D 182 -2.95 14.68 -33.99
CA HIS D 182 -2.95 16.14 -33.94
C HIS D 182 -2.73 16.72 -32.55
N SER D 183 -2.58 15.90 -31.52
CA SER D 183 -2.49 16.37 -30.13
C SER D 183 -3.71 17.20 -29.74
N GLN D 184 -4.86 16.86 -30.34
CA GLN D 184 -6.10 17.60 -30.10
C GLN D 184 -7.24 16.61 -29.92
N CYS D 185 -8.15 16.93 -29.01
CA CYS D 185 -9.35 16.14 -28.80
C CYS D 185 -10.58 17.00 -29.11
N TYR D 186 -11.76 16.40 -28.90
CA TYR D 186 -13.03 17.07 -29.13
C TYR D 186 -13.72 17.37 -27.81
N SER D 187 -14.43 18.49 -27.75
CA SER D 187 -15.11 18.94 -26.55
C SER D 187 -16.46 18.24 -26.34
N SER D 188 -16.71 17.13 -27.03
CA SER D 188 -17.96 16.39 -26.88
C SER D 188 -17.65 14.92 -26.67
N TYR D 189 -18.47 14.28 -25.83
CA TYR D 189 -18.35 12.85 -25.54
C TYR D 189 -19.68 12.18 -25.78
N SER D 190 -19.64 10.97 -26.35
CA SER D 190 -20.85 10.21 -26.65
C SER D 190 -20.74 8.83 -26.02
N ARG D 191 -21.85 8.37 -25.44
CA ARG D 191 -21.89 7.05 -24.83
C ARG D 191 -23.22 6.39 -25.18
N VAL D 192 -23.17 5.09 -25.52
CA VAL D 192 -24.37 4.34 -25.88
C VAL D 192 -24.81 3.53 -24.68
N ILE D 193 -26.02 3.79 -24.20
CA ILE D 193 -26.61 3.06 -23.08
C ILE D 193 -28.02 2.63 -23.48
N ALA D 194 -28.26 1.32 -23.49
CA ALA D 194 -29.57 0.74 -23.82
C ALA D 194 -30.09 1.22 -25.16
N GLY D 195 -29.19 1.38 -26.14
CA GLY D 195 -29.57 1.84 -27.46
C GLY D 195 -29.77 3.33 -27.60
N THR D 196 -29.55 4.10 -26.53
CA THR D 196 -29.72 5.55 -26.56
C THR D 196 -28.36 6.22 -26.45
N VAL D 197 -28.13 7.23 -27.28
CA VAL D 197 -26.87 7.96 -27.28
C VAL D 197 -26.98 9.16 -26.37
N PHE D 198 -26.12 9.21 -25.36
CA PHE D 198 -26.02 10.34 -24.44
C PHE D 198 -24.77 11.13 -24.78
N VAL D 199 -24.93 12.43 -25.01
CA VAL D 199 -23.84 13.30 -25.44
C VAL D 199 -23.64 14.40 -24.40
N ALA D 200 -22.39 14.56 -23.97
CA ALA D 200 -22.01 15.59 -23.01
C ALA D 200 -21.06 16.56 -23.68
N TYR D 201 -21.39 17.84 -23.63
CA TYR D 201 -20.57 18.90 -24.21
C TYR D 201 -19.82 19.65 -23.11
N HIS D 202 -18.65 20.17 -23.45
CA HIS D 202 -17.84 20.90 -22.49
C HIS D 202 -18.42 22.28 -22.24
N ARG D 203 -18.61 22.62 -20.97
CA ARG D 203 -19.14 23.92 -20.55
C ARG D 203 -20.48 24.22 -21.23
N ASP D 204 -21.33 23.20 -21.31
CA ASP D 204 -22.63 23.23 -21.97
C ASP D 204 -22.60 24.02 -23.28
N SER D 205 -21.55 23.85 -24.06
CA SER D 205 -21.40 24.47 -25.37
C SER D 205 -21.62 23.41 -26.44
N TYR D 206 -22.67 23.58 -27.25
CA TYR D 206 -23.17 22.52 -28.11
C TYR D 206 -22.49 22.50 -29.48
N GLU D 207 -21.28 23.03 -29.59
CA GLU D 207 -20.56 23.05 -30.86
C GLU D 207 -19.67 21.81 -30.96
N ASN D 208 -18.84 21.77 -32.00
CA ASN D 208 -17.89 20.68 -32.23
C ASN D 208 -16.46 21.21 -32.19
N LYS D 209 -16.15 22.01 -31.18
CA LYS D 209 -14.84 22.65 -31.10
C LYS D 209 -13.76 21.63 -30.80
N THR D 210 -12.61 21.79 -31.46
CA THR D 210 -11.46 20.91 -31.27
C THR D 210 -10.47 21.62 -30.36
N MET D 211 -10.16 21.01 -29.22
CA MET D 211 -9.30 21.64 -28.24
C MET D 211 -7.93 20.95 -28.18
N GLN D 212 -6.90 21.76 -28.03
CA GLN D 212 -5.52 21.30 -27.99
C GLN D 212 -5.13 20.87 -26.58
N LEU D 213 -4.12 20.01 -26.51
CA LEU D 213 -3.62 19.47 -25.24
C LEU D 213 -2.49 20.37 -24.76
N MET D 214 -2.73 21.07 -23.64
CA MET D 214 -1.67 21.88 -23.08
C MET D 214 -1.26 21.34 -21.71
N PRO D 215 0.01 21.49 -21.34
CA PRO D 215 0.47 20.94 -20.06
C PRO D 215 -0.19 21.62 -18.87
N ASP D 216 -0.37 20.85 -17.80
CA ASP D 216 -0.99 21.33 -16.57
C ASP D 216 0.05 21.63 -15.49
N ASP D 217 1.31 21.79 -15.88
CA ASP D 217 2.42 22.09 -14.97
C ASP D 217 2.54 20.93 -13.98
N TYR D 218 2.61 21.18 -12.67
CA TYR D 218 2.79 20.14 -11.65
C TYR D 218 4.09 19.37 -11.86
N SER D 219 4.39 18.45 -10.94
CA SER D 219 5.56 17.58 -11.08
C SER D 219 5.15 16.12 -11.23
N ASN D 220 4.46 15.55 -10.24
CA ASN D 220 3.96 14.18 -10.29
C ASN D 220 5.04 13.17 -10.64
N THR D 221 6.30 13.47 -10.28
CA THR D 221 7.45 12.62 -10.59
C THR D 221 7.52 12.30 -12.07
N HIS D 222 6.92 11.19 -12.48
CA HIS D 222 6.92 10.72 -13.85
C HIS D 222 5.50 10.47 -14.35
N SER D 223 4.60 11.43 -14.11
CA SER D 223 3.19 11.32 -14.48
C SER D 223 2.74 12.61 -15.16
N THR D 224 3.50 13.08 -16.14
CA THR D 224 3.16 14.29 -16.87
C THR D 224 1.80 14.15 -17.54
N ARG D 225 0.97 15.17 -17.39
CA ARG D 225 -0.40 15.17 -17.89
C ARG D 225 -0.61 16.36 -18.81
N TYR D 226 -1.32 16.13 -19.91
CA TYR D 226 -1.73 17.18 -20.84
C TYR D 226 -3.25 17.26 -20.82
N VAL D 227 -3.78 18.44 -20.51
CA VAL D 227 -5.22 18.64 -20.37
C VAL D 227 -5.64 19.81 -21.25
N THR D 228 -6.83 19.69 -21.85
CA THR D 228 -7.37 20.78 -22.65
C THR D 228 -7.90 21.91 -21.77
N VAL D 229 -8.32 21.58 -20.55
CA VAL D 229 -8.89 22.57 -19.63
C VAL D 229 -8.01 22.59 -18.38
N LYS D 230 -7.54 23.79 -18.02
CA LYS D 230 -6.68 23.95 -16.86
C LYS D 230 -7.38 24.63 -15.67
N ASP D 231 -8.62 25.07 -15.85
CA ASP D 231 -9.35 25.74 -14.77
C ASP D 231 -10.78 25.23 -14.75
N GLN D 232 -11.27 24.89 -13.56
CA GLN D 232 -12.65 24.47 -13.41
C GLN D 232 -13.59 25.64 -13.68
N TRP D 233 -14.67 25.36 -14.41
CA TRP D 233 -15.62 26.39 -14.83
C TRP D 233 -17.02 26.03 -14.33
N HIS D 234 -17.72 27.03 -13.81
CA HIS D 234 -19.10 26.84 -13.36
C HIS D 234 -19.74 28.21 -13.22
N SER D 235 -20.91 28.39 -13.84
CA SER D 235 -21.65 29.64 -13.77
C SER D 235 -22.91 29.44 -12.94
N ARG D 236 -23.25 30.44 -12.14
CA ARG D 236 -24.42 30.37 -11.29
C ARG D 236 -25.70 30.33 -12.12
N GLY D 237 -26.71 29.64 -11.60
CA GLY D 237 -27.96 29.48 -12.29
C GLY D 237 -28.90 30.66 -12.07
N SER D 238 -30.13 30.49 -12.56
CA SER D 238 -31.14 31.52 -12.41
C SER D 238 -31.72 31.50 -10.99
N THR D 239 -32.46 32.56 -10.66
CA THR D 239 -33.06 32.68 -9.34
C THR D 239 -34.13 31.61 -9.16
N ASN D 240 -34.15 31.00 -7.96
CA ASN D 240 -35.12 29.97 -7.60
C ASN D 240 -35.06 28.78 -8.56
N LEU D 241 -33.87 28.44 -9.03
CA LEU D 241 -33.70 27.30 -9.93
C LEU D 241 -32.26 26.82 -9.84
N THR D 242 -32.09 25.51 -9.73
CA THR D 242 -30.76 24.90 -9.67
C THR D 242 -30.21 24.68 -11.08
N ARG D 243 -28.90 24.80 -11.20
CA ARG D 243 -28.22 24.63 -12.48
C ARG D 243 -27.00 23.74 -12.30
N GLU D 244 -26.81 22.81 -13.24
CA GLU D 244 -25.66 21.92 -13.24
C GLU D 244 -24.90 22.10 -14.54
N THR D 245 -23.58 22.28 -14.44
CA THR D 245 -22.73 22.52 -15.59
C THR D 245 -21.64 21.47 -15.66
N SER D 246 -21.33 21.04 -16.89
CA SER D 246 -20.32 20.03 -17.14
C SER D 246 -18.95 20.66 -17.35
N ASN D 247 -17.91 19.95 -16.92
CA ASN D 247 -16.54 20.42 -17.07
C ASN D 247 -15.68 19.35 -17.75
N LEU D 248 -16.16 18.82 -18.86
CA LEU D 248 -15.45 17.78 -19.61
C LEU D 248 -14.04 18.21 -19.94
N ASN D 249 -13.07 17.36 -19.59
CA ASN D 249 -11.66 17.64 -19.80
C ASN D 249 -11.00 16.45 -20.47
N CYS D 250 -10.23 16.70 -21.52
CA CYS D 250 -9.48 15.65 -22.20
C CYS D 250 -8.08 15.56 -21.60
N MET D 251 -7.79 14.48 -20.88
CA MET D 251 -6.53 14.34 -20.17
C MET D 251 -5.76 13.16 -20.73
N VAL D 252 -4.52 13.42 -21.14
CA VAL D 252 -3.61 12.38 -21.62
C VAL D 252 -2.44 12.32 -20.66
N THR D 253 -2.24 11.16 -20.04
CA THR D 253 -1.20 10.97 -19.03
C THR D 253 -0.14 10.01 -19.58
N ILE D 254 1.12 10.46 -19.55
CA ILE D 254 2.25 9.61 -19.94
C ILE D 254 2.75 8.97 -18.66
N THR D 255 2.11 7.87 -18.29
CA THR D 255 2.41 7.19 -17.04
C THR D 255 3.51 6.15 -17.25
N THR D 256 4.11 5.72 -16.15
CA THR D 256 5.11 4.67 -16.15
C THR D 256 4.46 3.38 -15.67
N ALA D 257 4.41 2.38 -16.54
CA ALA D 257 3.82 1.09 -16.22
C ALA D 257 4.92 0.07 -16.00
N ARG D 258 4.80 -0.67 -14.89
CA ARG D 258 5.78 -1.66 -14.49
C ARG D 258 5.16 -3.05 -14.53
N SER D 259 5.91 -4.01 -15.07
CA SER D 259 5.47 -5.39 -15.17
C SER D 259 6.57 -6.32 -14.69
N LYS D 260 6.18 -7.41 -14.03
CA LYS D 260 7.12 -8.39 -13.52
C LYS D 260 6.89 -9.73 -14.19
N TYR D 261 7.95 -10.51 -14.29
CA TYR D 261 7.87 -11.80 -14.97
C TYR D 261 6.83 -12.69 -14.29
N PRO D 262 6.04 -13.46 -15.06
CA PRO D 262 6.08 -13.65 -16.52
C PRO D 262 5.34 -12.58 -17.31
N TYR D 263 5.19 -11.37 -16.77
CA TYR D 263 4.58 -10.24 -17.48
C TYR D 263 3.17 -10.56 -17.95
N HIS D 264 2.41 -11.26 -17.12
CA HIS D 264 1.01 -11.53 -17.43
C HIS D 264 0.12 -10.31 -17.19
N PHE D 265 0.62 -9.29 -16.51
CA PHE D 265 -0.14 -8.07 -16.26
C PHE D 265 0.83 -6.95 -15.92
N PHE D 266 0.44 -5.73 -16.26
CA PHE D 266 1.22 -4.55 -15.93
C PHE D 266 0.29 -3.47 -15.37
N ALA D 267 0.82 -2.69 -14.43
CA ALA D 267 0.07 -1.63 -13.77
C ALA D 267 0.86 -0.34 -13.83
N THR D 268 0.16 0.75 -14.09
CA THR D 268 0.78 2.07 -14.15
C THR D 268 0.97 2.64 -12.74
N SER D 269 1.48 3.87 -12.67
CA SER D 269 1.64 4.52 -11.38
C SER D 269 0.29 4.76 -10.71
N THR D 270 -0.71 5.16 -11.49
CA THR D 270 -2.06 5.34 -10.96
C THR D 270 -2.73 3.98 -10.76
N GLY D 271 -4.00 4.02 -10.35
CA GLY D 271 -4.73 2.81 -10.08
C GLY D 271 -5.33 2.16 -11.32
N ASP D 272 -4.48 1.67 -12.21
CA ASP D 272 -4.92 1.00 -13.42
C ASP D 272 -4.22 -0.35 -13.51
N VAL D 273 -5.01 -1.43 -13.52
CA VAL D 273 -4.50 -2.79 -13.63
C VAL D 273 -5.17 -3.45 -14.82
N VAL D 274 -4.37 -4.03 -15.71
CA VAL D 274 -4.87 -4.69 -16.91
C VAL D 274 -4.30 -6.10 -16.96
N ASP D 275 -5.14 -7.06 -17.35
CA ASP D 275 -4.73 -8.45 -17.46
C ASP D 275 -4.26 -8.79 -18.88
N ILE D 276 -3.35 -7.99 -19.41
CA ILE D 276 -2.82 -8.19 -20.75
C ILE D 276 -1.30 -8.08 -20.69
N SER D 277 -0.61 -9.03 -21.31
CA SER D 277 0.84 -8.95 -21.38
C SER D 277 1.25 -7.77 -22.24
N PRO D 278 2.30 -7.03 -21.85
CA PRO D 278 2.74 -5.90 -22.68
C PRO D 278 3.26 -6.30 -24.04
N PHE D 279 3.64 -7.57 -24.24
CA PHE D 279 4.21 -8.02 -25.49
C PHE D 279 3.24 -8.79 -26.37
N TYR D 280 2.04 -9.10 -25.87
CA TYR D 280 1.04 -9.78 -26.69
C TYR D 280 0.61 -8.87 -27.83
N ASN D 281 0.58 -9.43 -29.04
CA ASN D 281 0.27 -8.65 -30.23
C ASN D 281 -0.69 -9.42 -31.15
N GLY D 282 -1.54 -10.25 -30.56
CA GLY D 282 -2.49 -11.02 -31.33
C GLY D 282 -1.99 -12.41 -31.69
N THR D 283 -0.82 -12.49 -32.32
CA THR D 283 -0.23 -13.76 -32.72
C THR D 283 0.64 -14.37 -31.64
N ASN D 284 0.77 -13.72 -30.49
CA ASN D 284 1.59 -14.23 -29.39
C ASN D 284 0.73 -14.74 -28.23
N ARG D 285 -0.42 -15.34 -28.55
CA ARG D 285 -1.35 -15.78 -27.50
C ARG D 285 -0.75 -16.88 -26.65
N ASN D 286 -0.05 -17.83 -27.27
CA ASN D 286 0.50 -18.98 -26.54
C ASN D 286 1.74 -18.64 -25.73
N ALA D 287 2.40 -17.52 -26.01
CA ALA D 287 3.59 -17.12 -25.27
C ALA D 287 3.39 -15.88 -24.41
N SER D 288 2.31 -15.13 -24.63
CA SER D 288 2.01 -13.95 -23.83
C SER D 288 0.58 -14.04 -23.33
N TYR D 289 0.38 -13.73 -22.05
CA TYR D 289 -0.94 -13.86 -21.45
C TYR D 289 -1.89 -12.79 -21.98
N PHE D 290 -3.17 -13.14 -22.05
CA PHE D 290 -4.21 -12.21 -22.49
C PHE D 290 -5.52 -12.64 -21.82
N GLY D 291 -5.86 -11.97 -20.72
CA GLY D 291 -7.04 -12.34 -19.96
C GLY D 291 -8.21 -11.37 -20.12
N GLU D 292 -7.95 -10.20 -20.70
CA GLU D 292 -9.01 -9.23 -20.90
C GLU D 292 -9.83 -9.60 -22.14
N ASN D 293 -10.96 -8.91 -22.31
CA ASN D 293 -11.83 -9.17 -23.45
C ASN D 293 -11.14 -8.77 -24.74
N ALA D 294 -11.28 -9.62 -25.76
CA ALA D 294 -10.68 -9.35 -27.06
C ALA D 294 -11.38 -8.21 -27.79
N ASP D 295 -12.63 -7.92 -27.44
CA ASP D 295 -13.35 -6.82 -28.08
C ASP D 295 -12.70 -5.47 -27.76
N LYS D 296 -12.24 -5.30 -26.53
CA LYS D 296 -11.68 -4.03 -26.08
C LYS D 296 -10.20 -3.88 -26.41
N PHE D 297 -9.58 -4.89 -27.02
CA PHE D 297 -8.15 -4.87 -27.32
C PHE D 297 -7.95 -4.73 -28.82
N PHE D 298 -7.09 -3.80 -29.22
CA PHE D 298 -6.83 -3.52 -30.63
C PHE D 298 -5.33 -3.39 -30.87
N ILE D 299 -4.90 -3.78 -32.07
CA ILE D 299 -3.51 -3.71 -32.49
C ILE D 299 -3.43 -2.91 -33.78
N PHE D 300 -2.51 -1.96 -33.84
CA PHE D 300 -2.35 -1.10 -35.02
C PHE D 300 -0.89 -1.11 -35.46
N PRO D 301 -0.59 -1.57 -36.67
CA PRO D 301 0.77 -1.49 -37.19
C PRO D 301 1.04 -0.18 -37.90
N ASN D 302 2.32 0.22 -37.86
CA ASN D 302 2.78 1.46 -38.49
C ASN D 302 1.96 2.65 -37.98
N TYR D 303 1.67 2.65 -36.69
CA TYR D 303 0.80 3.65 -36.09
C TYR D 303 1.57 4.94 -35.83
N THR D 304 0.91 6.08 -36.03
CA THR D 304 1.53 7.39 -35.92
C THR D 304 1.08 8.04 -34.62
N ILE D 305 2.04 8.48 -33.81
CA ILE D 305 1.75 9.17 -32.55
C ILE D 305 2.55 10.46 -32.50
N VAL D 306 1.94 11.50 -31.90
CA VAL D 306 2.62 12.77 -31.76
C VAL D 306 3.83 12.62 -30.85
N SER D 307 4.92 13.29 -31.20
CA SER D 307 6.11 13.28 -30.34
C SER D 307 5.87 14.06 -29.05
N ASP D 308 5.25 15.24 -29.16
CA ASP D 308 4.96 16.09 -28.01
C ASP D 308 3.46 16.38 -28.01
N PHE D 309 2.76 15.98 -26.94
CA PHE D 309 1.34 16.27 -26.82
C PHE D 309 1.07 17.72 -26.42
N GLY D 310 2.08 18.46 -25.96
CA GLY D 310 1.84 19.78 -25.43
C GLY D 310 1.53 20.83 -26.48
N ARG D 311 1.94 20.59 -27.71
CA ARG D 311 1.74 21.57 -28.78
C ARG D 311 1.18 20.89 -30.01
N PRO D 312 0.37 21.60 -30.79
CA PRO D 312 -0.21 21.00 -32.01
C PRO D 312 0.82 20.91 -33.12
N ASN D 313 0.50 20.07 -34.11
CA ASN D 313 1.33 19.84 -35.28
C ASN D 313 2.72 19.35 -34.91
N SER D 314 2.86 18.59 -33.84
CA SER D 314 4.15 18.06 -33.44
C SER D 314 4.60 16.97 -34.41
N ALA D 315 5.86 16.60 -34.30
CA ALA D 315 6.42 15.54 -35.13
C ALA D 315 5.68 14.23 -34.88
N LEU D 316 5.31 13.56 -35.96
CA LEU D 316 4.55 12.30 -35.88
C LEU D 316 5.51 11.14 -36.02
N GLU D 317 5.81 10.47 -34.91
CA GLU D 317 6.66 9.30 -34.94
C GLU D 317 5.84 8.07 -35.28
N THR D 318 6.41 7.23 -36.15
CA THR D 318 5.77 6.00 -36.60
C THR D 318 6.36 4.82 -35.83
N HIS D 319 5.46 3.96 -35.34
CA HIS D 319 5.85 2.79 -34.56
C HIS D 319 5.31 1.54 -35.23
N ARG D 320 6.08 0.46 -35.14
CA ARG D 320 5.75 -0.77 -35.86
C ARG D 320 4.47 -1.41 -35.36
N LEU D 321 4.15 -1.24 -34.08
CA LEU D 321 2.99 -1.93 -33.49
C LEU D 321 2.61 -1.22 -32.20
N VAL D 322 1.36 -0.78 -32.11
CA VAL D 322 0.84 -0.10 -30.93
C VAL D 322 -0.42 -0.82 -30.48
N ALA D 323 -0.55 -1.07 -29.18
CA ALA D 323 -1.67 -1.78 -28.60
C ALA D 323 -2.54 -0.82 -27.81
N PHE D 324 -3.86 -0.93 -28.02
CA PHE D 324 -4.85 -0.11 -27.34
C PHE D 324 -5.83 -1.00 -26.60
N LEU D 325 -6.27 -0.53 -25.43
CA LEU D 325 -7.27 -1.23 -24.63
C LEU D 325 -8.26 -0.22 -24.08
N GLU D 326 -9.53 -0.39 -24.42
CA GLU D 326 -10.59 0.50 -23.92
C GLU D 326 -11.00 0.03 -22.54
N ARG D 327 -10.40 0.65 -21.52
CA ARG D 327 -10.74 0.33 -20.14
C ARG D 327 -12.11 0.90 -19.78
N ALA D 328 -12.55 0.61 -18.55
CA ALA D 328 -13.84 1.11 -18.10
C ALA D 328 -13.85 2.63 -18.00
N ASP D 329 -12.78 3.23 -17.50
CA ASP D 329 -12.73 4.65 -17.24
C ASP D 329 -11.77 5.42 -18.16
N SER D 330 -11.01 4.73 -18.99
CA SER D 330 -10.04 5.39 -19.86
C SER D 330 -9.64 4.45 -20.98
N VAL D 331 -8.67 4.88 -21.78
CA VAL D 331 -8.08 4.06 -22.84
C VAL D 331 -6.58 4.01 -22.59
N ILE D 332 -6.02 2.81 -22.55
CA ILE D 332 -4.62 2.59 -22.25
C ILE D 332 -3.91 2.15 -23.53
N SER D 333 -2.89 2.89 -23.93
CA SER D 333 -2.14 2.59 -25.15
C SER D 333 -0.67 2.40 -24.81
N TRP D 334 -0.03 1.44 -25.48
CA TRP D 334 1.39 1.23 -25.26
C TRP D 334 2.05 0.72 -26.54
N ASP D 335 3.32 1.07 -26.70
CA ASP D 335 4.10 0.63 -27.85
C ASP D 335 4.62 -0.78 -27.58
N ILE D 336 4.29 -1.71 -28.47
CA ILE D 336 4.64 -3.12 -28.27
C ILE D 336 6.11 -3.30 -28.63
N GLN D 337 6.87 -3.88 -27.72
CA GLN D 337 8.27 -4.22 -27.94
C GLN D 337 8.48 -5.72 -27.75
N ASP D 338 9.51 -6.24 -28.41
CA ASP D 338 9.84 -7.65 -28.32
C ASP D 338 10.31 -8.00 -26.90
N GLU D 339 9.83 -9.13 -26.39
CA GLU D 339 10.19 -9.55 -25.04
C GLU D 339 11.68 -9.84 -24.94
N LYS D 340 12.25 -10.46 -25.97
CA LYS D 340 13.66 -10.84 -25.92
C LYS D 340 14.58 -9.69 -26.32
N ASN D 341 14.02 -8.53 -26.66
CA ASN D 341 14.84 -7.41 -27.13
C ASN D 341 15.06 -6.33 -26.07
N VAL D 342 14.05 -6.04 -25.25
CA VAL D 342 14.15 -4.93 -24.31
C VAL D 342 13.78 -5.38 -22.90
N THR D 343 13.35 -6.62 -22.76
CA THR D 343 12.86 -7.15 -21.49
C THR D 343 13.62 -8.41 -21.10
N CYS D 344 14.95 -8.32 -21.16
CA CYS D 344 15.80 -9.44 -20.79
C CYS D 344 15.80 -9.64 -19.27
N GLN D 345 15.80 -10.89 -18.84
CA GLN D 345 15.58 -11.25 -17.45
C GLN D 345 16.85 -11.34 -16.61
N LEU D 346 18.00 -11.00 -17.18
CA LEU D 346 19.26 -11.05 -16.45
C LEU D 346 19.90 -9.67 -16.42
N THR D 347 20.35 -9.25 -15.24
CA THR D 347 21.01 -7.97 -15.05
C THR D 347 22.43 -8.20 -14.57
N PHE D 348 23.38 -7.52 -15.19
CA PHE D 348 24.79 -7.68 -14.84
C PHE D 348 25.04 -7.19 -13.42
N TRP D 349 25.54 -8.10 -12.57
CA TRP D 349 25.87 -7.72 -11.20
C TRP D 349 27.35 -7.35 -11.07
N GLU D 350 28.25 -8.27 -11.37
CA GLU D 350 29.67 -7.98 -11.20
C GLU D 350 30.53 -9.00 -11.93
N ALA D 351 31.69 -8.54 -12.40
CA ALA D 351 32.65 -9.40 -13.06
C ALA D 351 33.91 -9.53 -12.21
N SER D 352 34.46 -10.74 -12.16
CA SER D 352 35.66 -11.02 -11.37
C SER D 352 36.61 -11.85 -12.23
N GLU D 353 37.82 -11.33 -12.42
CA GLU D 353 38.83 -12.04 -13.22
C GLU D 353 39.68 -12.97 -12.37
N ARG D 354 39.84 -12.70 -11.08
CA ARG D 354 40.65 -13.53 -10.19
C ARG D 354 39.70 -14.36 -9.32
N THR D 355 39.32 -15.52 -9.86
CA THR D 355 38.39 -16.43 -9.18
C THR D 355 39.00 -17.82 -9.16
N ILE D 356 38.98 -18.46 -7.98
CA ILE D 356 39.45 -19.82 -7.84
C ILE D 356 38.27 -20.77 -8.04
N ARG D 357 38.47 -21.79 -8.88
CA ARG D 357 37.45 -22.79 -9.15
C ARG D 357 37.81 -24.09 -8.48
N SER D 358 36.84 -24.72 -7.83
CA SER D 358 37.04 -25.98 -7.14
C SER D 358 35.85 -26.89 -7.40
N GLU D 359 36.09 -28.19 -7.23
CA GLU D 359 35.06 -29.21 -7.44
C GLU D 359 34.80 -29.95 -6.14
N ALA D 360 33.53 -30.22 -5.85
CA ALA D 360 33.13 -30.98 -4.68
C ALA D 360 32.06 -31.97 -5.11
N GLU D 361 31.87 -32.99 -4.28
CA GLU D 361 31.05 -34.16 -4.62
C GLU D 361 29.71 -33.80 -5.25
N ASP D 362 29.20 -32.59 -5.00
CA ASP D 362 27.92 -32.20 -5.57
C ASP D 362 27.90 -30.77 -6.11
N SER D 363 29.03 -30.07 -6.17
CA SER D 363 28.94 -28.66 -6.55
C SER D 363 30.27 -28.13 -7.08
N TYR D 364 30.18 -27.26 -8.07
CA TYR D 364 31.30 -26.42 -8.48
C TYR D 364 31.31 -25.16 -7.62
N HIS D 365 32.48 -24.84 -7.06
CA HIS D 365 32.64 -23.68 -6.19
C HIS D 365 33.48 -22.63 -6.91
N PHE D 366 32.95 -21.42 -7.02
CA PHE D 366 33.68 -20.29 -7.60
C PHE D 366 33.87 -19.25 -6.51
N SER D 367 35.12 -19.08 -6.07
CA SER D 367 35.44 -18.20 -4.96
C SER D 367 36.20 -16.98 -5.47
N SER D 368 35.67 -15.80 -5.20
CA SER D 368 36.30 -14.54 -5.61
C SER D 368 36.66 -13.75 -4.37
N ALA D 369 37.95 -13.38 -4.26
CA ALA D 369 38.41 -12.54 -3.17
C ALA D 369 38.15 -11.06 -3.41
N LYS D 370 37.85 -10.68 -4.65
CA LYS D 370 37.47 -9.29 -4.92
C LYS D 370 36.18 -8.93 -4.20
N MET D 371 35.19 -9.83 -4.26
CA MET D 371 33.95 -9.69 -3.52
C MET D 371 33.94 -10.50 -2.24
N THR D 372 34.99 -11.29 -1.98
CA THR D 372 35.10 -12.13 -0.78
C THR D 372 33.88 -13.02 -0.62
N ALA D 373 33.54 -13.76 -1.67
CA ALA D 373 32.39 -14.64 -1.63
C ALA D 373 32.58 -15.79 -2.60
N THR D 374 31.97 -16.93 -2.27
CA THR D 374 32.00 -18.11 -3.14
C THR D 374 30.57 -18.51 -3.47
N PHE D 375 30.37 -18.90 -4.74
CA PHE D 375 29.08 -19.34 -5.24
C PHE D 375 29.16 -20.81 -5.61
N LEU D 376 28.12 -21.56 -5.26
CA LEU D 376 28.06 -23.00 -5.47
C LEU D 376 27.02 -23.30 -6.54
N SER D 377 27.41 -24.05 -7.56
CA SER D 377 26.51 -24.42 -8.65
C SER D 377 26.46 -25.93 -8.78
N LYS D 378 25.35 -26.42 -9.34
CA LYS D 378 25.15 -27.85 -9.49
C LYS D 378 26.15 -28.44 -10.49
N LYS D 379 26.28 -29.76 -10.46
CA LYS D 379 27.22 -30.47 -11.32
C LYS D 379 26.67 -30.64 -12.74
N GLN D 380 26.32 -29.50 -13.34
CA GLN D 380 25.84 -29.46 -14.71
C GLN D 380 26.03 -28.06 -15.25
N GLU D 381 26.05 -27.95 -16.57
CA GLU D 381 26.21 -26.68 -17.26
C GLU D 381 24.96 -26.36 -18.07
N VAL D 382 24.52 -25.10 -18.00
CA VAL D 382 23.37 -24.67 -18.77
C VAL D 382 23.76 -24.53 -20.23
N ASN D 383 22.90 -25.01 -21.12
CA ASN D 383 23.17 -24.94 -22.54
C ASN D 383 23.32 -23.49 -22.99
N MET D 384 24.34 -23.22 -23.80
CA MET D 384 24.62 -21.87 -24.24
C MET D 384 23.50 -21.33 -25.13
N SER D 385 22.79 -22.21 -25.83
CA SER D 385 21.72 -21.81 -26.74
C SER D 385 20.38 -21.64 -26.04
N ASP D 386 20.38 -21.43 -24.73
CA ASP D 386 19.13 -21.23 -24.00
C ASP D 386 18.46 -19.92 -24.42
N SER D 387 17.14 -19.93 -24.46
CA SER D 387 16.39 -18.77 -24.91
C SER D 387 16.40 -17.64 -23.89
N ALA D 388 16.71 -17.92 -22.63
CA ALA D 388 16.73 -16.89 -21.60
C ALA D 388 18.06 -16.15 -21.51
N LEU D 389 19.06 -16.58 -22.27
CA LEU D 389 20.38 -15.97 -22.23
C LEU D 389 20.69 -15.12 -23.46
N ASP D 390 19.72 -14.94 -24.36
CA ASP D 390 19.97 -14.37 -25.67
C ASP D 390 20.69 -13.03 -25.61
N CYS D 391 20.02 -12.00 -25.08
CA CYS D 391 20.65 -10.69 -24.98
C CYS D 391 21.88 -10.70 -24.10
N VAL D 392 22.01 -11.70 -23.23
CA VAL D 392 23.20 -11.80 -22.38
C VAL D 392 24.30 -12.56 -23.11
N ARG D 393 23.92 -13.49 -23.99
CA ARG D 393 24.88 -14.42 -24.59
C ARG D 393 26.06 -13.68 -25.22
N ASP D 394 25.77 -12.69 -26.06
CA ASP D 394 26.84 -11.86 -26.59
C ASP D 394 27.45 -10.97 -25.50
N GLU D 395 26.59 -10.29 -24.74
CA GLU D 395 27.07 -9.27 -23.80
C GLU D 395 28.00 -9.89 -22.75
N ALA D 396 27.54 -10.96 -22.10
CA ALA D 396 28.38 -11.65 -21.12
C ALA D 396 29.69 -12.11 -21.74
N ILE D 397 29.66 -12.49 -23.02
CA ILE D 397 30.90 -12.84 -23.69
C ILE D 397 31.77 -11.60 -23.89
N ASN D 398 31.17 -10.51 -24.36
CA ASN D 398 31.94 -9.33 -24.74
C ASN D 398 32.78 -8.83 -23.59
N LYS D 399 32.15 -8.60 -22.43
CA LYS D 399 32.89 -8.19 -21.25
C LYS D 399 34.04 -9.14 -20.96
N LEU D 400 33.75 -10.45 -21.02
CA LEU D 400 34.80 -11.45 -20.82
C LEU D 400 35.97 -11.18 -21.74
N GLN D 401 35.69 -11.00 -23.04
CA GLN D 401 36.77 -10.69 -23.98
C GLN D 401 37.49 -9.42 -23.58
N GLN D 402 36.74 -8.39 -23.18
CA GLN D 402 37.36 -7.16 -22.71
C GLN D 402 38.30 -7.46 -21.55
N ILE D 403 37.85 -8.28 -20.61
CA ILE D 403 38.72 -8.66 -19.48
C ILE D 403 39.94 -9.40 -20.00
N PHE D 404 39.75 -10.30 -20.95
CA PHE D 404 40.88 -11.04 -21.50
C PHE D 404 41.83 -10.11 -22.25
N ASN D 405 41.35 -8.92 -22.64
CA ASN D 405 42.20 -7.92 -23.28
C ASN D 405 42.60 -6.80 -22.33
N THR D 406 42.35 -6.96 -21.02
CA THR D 406 42.62 -5.90 -20.06
C THR D 406 43.62 -6.28 -18.99
N SER D 407 43.52 -7.48 -18.42
CA SER D 407 44.34 -7.80 -17.26
C SER D 407 45.17 -9.08 -17.44
N TYR D 408 44.67 -10.06 -18.19
CA TYR D 408 45.31 -11.36 -18.30
C TYR D 408 45.58 -11.71 -19.76
N ASN D 409 46.18 -10.77 -20.48
CA ASN D 409 46.55 -11.01 -21.87
C ASN D 409 47.93 -11.66 -21.92
N GLN D 410 48.50 -11.74 -23.13
CA GLN D 410 49.80 -12.35 -23.44
C GLN D 410 50.11 -13.61 -22.63
N THR D 411 50.34 -13.47 -21.31
CA THR D 411 50.79 -14.58 -20.49
C THR D 411 49.70 -15.59 -20.19
N TYR D 412 48.45 -15.33 -20.55
CA TYR D 412 47.36 -16.24 -20.29
C TYR D 412 46.58 -16.52 -21.56
N GLU D 413 45.94 -17.68 -21.60
CA GLU D 413 45.14 -18.10 -22.75
C GLU D 413 43.80 -18.63 -22.24
N LYS D 414 42.79 -18.56 -23.10
CA LYS D 414 41.44 -19.00 -22.76
C LYS D 414 41.41 -20.53 -22.77
N TYR D 415 41.13 -21.12 -21.61
CA TYR D 415 41.03 -22.57 -21.48
C TYR D 415 39.55 -22.96 -21.50
N GLY D 416 39.13 -23.60 -22.59
CA GLY D 416 37.75 -24.02 -22.73
C GLY D 416 36.85 -22.93 -23.25
N ASN D 417 35.61 -23.31 -23.56
CA ASN D 417 34.62 -22.37 -24.06
C ASN D 417 33.84 -21.75 -22.90
N VAL D 418 33.05 -20.73 -23.25
CA VAL D 418 32.23 -20.05 -22.25
C VAL D 418 31.10 -20.98 -21.81
N SER D 419 30.90 -21.07 -20.49
CA SER D 419 29.88 -21.94 -19.94
C SER D 419 28.94 -21.13 -19.05
N VAL D 420 27.73 -21.63 -18.87
CA VAL D 420 26.70 -20.98 -18.07
C VAL D 420 26.32 -21.91 -16.92
N PHE D 421 26.34 -21.38 -15.71
CA PHE D 421 25.98 -22.14 -14.51
C PHE D 421 24.92 -21.38 -13.72
N GLU D 422 24.05 -22.13 -13.06
CA GLU D 422 23.03 -21.57 -12.19
C GLU D 422 23.35 -21.96 -10.75
N THR D 423 23.71 -20.97 -9.94
CA THR D 423 24.09 -21.23 -8.56
C THR D 423 22.87 -21.59 -7.72
N THR D 424 23.13 -22.23 -6.57
CA THR D 424 22.05 -22.60 -5.67
C THR D 424 21.34 -21.38 -5.10
N GLY D 425 22.01 -20.23 -5.06
CA GLY D 425 21.38 -19.01 -4.59
C GLY D 425 20.53 -18.28 -5.60
N GLY D 426 20.51 -18.75 -6.86
CA GLY D 426 19.72 -18.15 -7.90
C GLY D 426 20.50 -17.28 -8.87
N LEU D 427 21.76 -16.96 -8.58
CA LEU D 427 22.56 -16.14 -9.46
C LEU D 427 23.00 -16.95 -10.68
N VAL D 428 23.27 -16.23 -11.77
CA VAL D 428 23.75 -16.83 -13.02
C VAL D 428 25.23 -16.49 -13.17
N VAL D 429 26.03 -17.48 -13.54
CA VAL D 429 27.47 -17.32 -13.67
C VAL D 429 27.88 -17.67 -15.10
N PHE D 430 28.49 -16.71 -15.79
CA PHE D 430 29.14 -16.98 -17.06
C PHE D 430 30.63 -17.17 -16.80
N TRP D 431 31.13 -18.38 -17.06
CA TRP D 431 32.47 -18.79 -16.66
C TRP D 431 33.32 -19.05 -17.89
N GLN D 432 34.56 -18.58 -17.85
CA GLN D 432 35.54 -18.85 -18.90
C GLN D 432 36.87 -19.16 -18.24
N GLY D 433 37.25 -20.44 -18.23
CA GLY D 433 38.52 -20.82 -17.65
C GLY D 433 39.69 -20.24 -18.42
N ILE D 434 40.76 -19.92 -17.69
CA ILE D 434 41.91 -19.25 -18.27
C ILE D 434 43.18 -19.87 -17.69
N LYS D 435 44.15 -20.13 -18.56
CA LYS D 435 45.42 -20.70 -18.13
C LYS D 435 46.60 -20.00 -18.82
N THR D 468 19.90 -29.29 -18.35
CA THR D 468 20.80 -28.23 -18.80
C THR D 468 20.03 -26.97 -19.17
N HIS D 469 19.11 -26.56 -18.30
CA HIS D 469 18.29 -25.38 -18.52
C HIS D 469 18.14 -24.61 -17.22
N LEU D 470 17.90 -23.31 -17.34
CA LEU D 470 17.69 -22.46 -16.18
C LEU D 470 16.33 -22.73 -15.55
N SER D 471 16.22 -22.40 -14.26
CA SER D 471 15.00 -22.55 -13.50
C SER D 471 14.40 -21.17 -13.21
N ASN D 472 13.27 -21.17 -12.51
CA ASN D 472 12.56 -19.96 -12.16
C ASN D 472 12.94 -19.41 -10.78
N MET D 473 13.90 -20.04 -10.11
CA MET D 473 14.30 -19.59 -8.79
C MET D 473 14.98 -18.23 -8.88
N GLU D 474 14.60 -17.32 -7.98
CA GLU D 474 15.16 -15.98 -7.96
C GLU D 474 16.34 -15.90 -7.00
N SER D 475 17.19 -14.90 -7.24
CA SER D 475 18.38 -14.71 -6.42
C SER D 475 18.00 -14.23 -5.02
N VAL D 476 18.83 -14.59 -4.05
CA VAL D 476 18.63 -14.18 -2.66
C VAL D 476 19.12 -12.75 -2.50
N HIS D 477 18.27 -11.91 -1.90
CA HIS D 477 18.62 -10.49 -1.76
C HIS D 477 19.87 -10.30 -0.89
N ASN D 478 19.97 -11.05 0.20
CA ASN D 478 21.11 -10.94 1.10
C ASN D 478 22.13 -12.02 0.72
N LEU D 479 23.35 -11.59 0.41
CA LEU D 479 24.40 -12.50 -0.04
C LEU D 479 25.39 -12.88 1.05
N VAL D 480 25.07 -12.57 2.32
CA VAL D 480 26.00 -12.86 3.41
C VAL D 480 26.29 -14.36 3.48
N TYR D 481 25.30 -15.20 3.15
CA TYR D 481 25.51 -16.63 3.14
C TYR D 481 26.65 -17.01 2.20
N ALA D 482 26.72 -16.35 1.03
CA ALA D 482 27.84 -16.57 0.13
C ALA D 482 29.15 -16.19 0.82
N GLN D 483 29.16 -15.03 1.48
CA GLN D 483 30.33 -14.66 2.28
C GLN D 483 30.61 -15.69 3.36
N LEU D 484 29.55 -16.31 3.89
CA LEU D 484 29.73 -17.38 4.85
C LEU D 484 30.56 -18.51 4.25
N GLN D 485 30.28 -18.87 3.00
CA GLN D 485 31.12 -19.85 2.31
C GLN D 485 32.55 -19.36 2.19
N PHE D 486 32.73 -18.06 1.93
CA PHE D 486 34.07 -17.50 1.90
C PHE D 486 34.72 -17.56 3.28
N THR D 487 33.91 -17.54 4.34
CA THR D 487 34.45 -17.74 5.67
C THR D 487 34.77 -19.20 5.94
N TYR D 488 34.15 -20.11 5.18
CA TYR D 488 34.38 -21.53 5.35
C TYR D 488 35.43 -22.05 4.37
N ASP D 489 35.18 -21.88 3.07
CA ASP D 489 36.08 -22.41 2.05
C ASP D 489 37.51 -21.91 2.23
N THR D 490 37.68 -20.69 2.71
CA THR D 490 39.02 -20.22 3.07
C THR D 490 39.58 -21.04 4.23
N LEU D 491 38.88 -21.03 5.37
CA LEU D 491 39.37 -21.74 6.54
C LEU D 491 39.47 -23.23 6.29
N ARG D 492 38.46 -23.81 5.64
CA ARG D 492 38.56 -25.22 5.24
C ARG D 492 39.73 -25.44 4.30
N GLY D 493 39.99 -24.46 3.42
CA GLY D 493 41.17 -24.52 2.59
C GLY D 493 42.46 -24.15 3.29
N TYR D 494 42.37 -23.53 4.47
CA TYR D 494 43.53 -23.15 5.25
C TYR D 494 43.87 -24.21 6.30
N ILE D 495 42.95 -24.49 7.22
CA ILE D 495 43.22 -25.39 8.33
C ILE D 495 43.67 -26.75 7.82
N ASN D 496 42.91 -27.31 6.88
CA ASN D 496 43.31 -28.58 6.26
C ASN D 496 44.71 -28.46 5.66
N ARG D 497 44.95 -27.40 4.89
CA ARG D 497 46.30 -27.18 4.36
C ARG D 497 47.29 -27.00 5.49
N ALA D 498 46.89 -26.32 6.56
CA ALA D 498 47.73 -26.23 7.76
C ALA D 498 48.04 -27.62 8.28
N LEU D 499 47.02 -28.49 8.33
CA LEU D 499 47.28 -29.89 8.67
C LEU D 499 48.20 -30.53 7.64
N ALA D 500 47.98 -30.24 6.36
CA ALA D 500 48.89 -30.71 5.32
C ALA D 500 50.28 -30.12 5.48
N GLN D 501 50.40 -29.01 6.22
CA GLN D 501 51.70 -28.45 6.55
C GLN D 501 52.17 -28.80 7.96
N ILE D 502 51.32 -29.46 8.75
CA ILE D 502 51.71 -29.91 10.08
C ILE D 502 51.92 -31.42 10.12
N ALA D 503 50.90 -32.17 9.68
CA ALA D 503 51.01 -33.63 9.68
C ALA D 503 52.16 -34.09 8.79
N GLU D 504 52.30 -33.48 7.62
CA GLU D 504 53.47 -33.78 6.77
C GLU D 504 54.76 -33.47 7.51
N ALA D 505 54.79 -32.38 8.27
CA ALA D 505 55.93 -32.13 9.15
C ALA D 505 55.96 -33.09 10.32
N TRP D 506 54.80 -33.49 10.83
CA TRP D 506 54.76 -34.38 11.98
C TRP D 506 55.17 -35.80 11.58
N CYS D 507 54.62 -36.30 10.48
CA CYS D 507 54.89 -37.68 10.06
C CYS D 507 56.37 -37.88 9.78
N VAL D 508 57.00 -36.90 9.13
CA VAL D 508 58.45 -36.96 8.95
C VAL D 508 59.15 -36.91 10.31
N ASP D 509 58.69 -36.01 11.19
CA ASP D 509 59.32 -35.86 12.49
C ASP D 509 59.23 -37.16 13.28
N GLN D 510 58.02 -37.74 13.37
CA GLN D 510 57.87 -39.04 14.01
C GLN D 510 58.73 -40.09 13.33
N ARG D 511 58.97 -39.96 12.03
CA ARG D 511 59.91 -40.85 11.35
C ARG D 511 61.33 -40.56 11.79
N ARG D 512 61.71 -39.27 11.82
CA ARG D 512 63.08 -38.91 12.17
C ARG D 512 63.42 -39.37 13.58
N THR D 513 62.49 -39.21 14.52
CA THR D 513 62.70 -39.75 15.86
C THR D 513 62.76 -41.27 15.84
N LEU D 514 61.93 -41.90 15.02
CA LEU D 514 61.82 -43.36 15.04
C LEU D 514 63.17 -44.02 14.74
N GLU D 515 63.85 -43.54 13.69
CA GLU D 515 65.17 -44.08 13.38
C GLU D 515 66.14 -43.86 14.54
N VAL D 516 66.03 -42.72 15.21
CA VAL D 516 66.85 -42.48 16.40
C VAL D 516 66.60 -43.57 17.44
N PHE D 517 65.33 -43.97 17.60
CA PHE D 517 65.03 -45.08 18.49
C PHE D 517 65.45 -46.41 17.89
N LYS D 518 65.43 -46.53 16.55
CA LYS D 518 65.66 -47.83 15.92
C LYS D 518 67.03 -48.39 16.28
N GLU D 519 68.07 -47.56 16.23
CA GLU D 519 69.38 -47.99 16.70
C GLU D 519 69.46 -47.97 18.22
N LEU D 520 68.73 -47.07 18.88
CA LEU D 520 68.83 -46.92 20.33
C LEU D 520 68.38 -48.19 21.04
N SER D 521 67.43 -48.93 20.45
CA SER D 521 66.99 -50.18 21.05
C SER D 521 68.12 -51.19 21.16
N LYS D 522 69.13 -51.09 20.27
CA LYS D 522 70.28 -51.97 20.38
C LYS D 522 71.20 -51.56 21.51
N ILE D 523 71.21 -50.28 21.87
CA ILE D 523 72.09 -49.76 22.92
C ILE D 523 71.33 -49.51 24.22
N ASN D 524 70.24 -48.76 24.17
CA ASN D 524 69.46 -48.42 25.36
C ASN D 524 68.00 -48.78 25.11
N PRO D 525 67.62 -50.05 25.37
CA PRO D 525 66.23 -50.46 25.14
C PRO D 525 65.21 -49.83 26.08
N SER D 526 65.66 -49.14 27.13
CA SER D 526 64.72 -48.57 28.09
C SER D 526 63.82 -47.52 27.44
N ALA D 527 64.40 -46.67 26.57
CA ALA D 527 63.60 -45.66 25.90
C ALA D 527 62.53 -46.30 25.01
N ILE D 528 62.91 -47.35 24.27
CA ILE D 528 61.96 -48.03 23.39
C ILE D 528 60.86 -48.70 24.21
N LEU D 529 61.23 -49.33 25.32
CA LEU D 529 60.22 -49.96 26.17
C LEU D 529 59.26 -48.93 26.75
N SER D 530 59.79 -47.78 27.18
CA SER D 530 58.93 -46.71 27.68
C SER D 530 58.02 -46.16 26.59
N ALA D 531 58.54 -46.02 25.36
CA ALA D 531 57.73 -45.53 24.26
C ALA D 531 56.59 -46.49 23.93
N ILE D 532 56.88 -47.80 23.91
CA ILE D 532 55.84 -48.77 23.59
C ILE D 532 54.91 -49.00 24.78
N TYR D 533 55.32 -48.61 25.99
CA TYR D 533 54.44 -48.70 27.16
C TYR D 533 53.73 -47.38 27.44
N ASN D 534 54.30 -46.26 27.00
CA ASN D 534 53.76 -44.91 27.21
C ASN D 534 53.63 -44.56 28.69
N LYS D 535 54.38 -45.24 29.54
CA LYS D 535 54.39 -44.98 30.98
C LYS D 535 55.79 -45.21 31.52
N PRO D 536 56.17 -44.52 32.59
CA PRO D 536 57.48 -44.76 33.19
C PRO D 536 57.51 -46.09 33.92
N ILE D 537 58.53 -46.90 33.62
CA ILE D 537 58.69 -48.22 34.22
C ILE D 537 60.13 -48.38 34.68
N ALA D 538 60.31 -49.33 35.61
CA ALA D 538 61.64 -49.61 36.15
C ALA D 538 61.74 -51.06 36.60
N LEU D 651 51.64 -26.99 26.97
CA LEU D 651 51.81 -26.16 25.78
C LEU D 651 51.12 -24.81 25.95
N ASP D 652 49.79 -24.81 25.83
CA ASP D 652 49.03 -23.58 25.96
C ASP D 652 47.59 -23.94 26.31
N ILE D 653 46.88 -22.94 26.84
CA ILE D 653 45.45 -23.09 27.13
C ILE D 653 44.66 -22.84 25.86
N ASP D 654 43.37 -23.17 25.88
CA ASP D 654 42.51 -22.97 24.71
C ASP D 654 41.46 -21.91 25.01
N PRO D 655 41.69 -20.66 24.61
CA PRO D 655 40.68 -19.61 24.84
C PRO D 655 39.47 -19.70 23.92
N LEU D 656 39.41 -20.69 23.03
CA LEU D 656 38.28 -20.83 22.13
C LEU D 656 37.06 -21.34 22.87
N GLU D 657 36.29 -20.44 23.48
CA GLU D 657 35.13 -20.79 24.26
C GLU D 657 33.87 -20.75 23.38
N ASN D 658 32.73 -20.99 24.01
CA ASN D 658 31.45 -20.99 23.29
C ASN D 658 30.92 -19.57 23.20
N THR D 659 31.15 -18.94 22.04
CA THR D 659 30.65 -17.59 21.76
C THR D 659 29.26 -17.63 21.13
N ASP D 660 28.25 -18.03 21.89
CA ASP D 660 26.88 -18.14 21.39
C ASP D 660 26.37 -16.80 20.89
N PHE D 661 26.16 -16.70 19.58
CA PHE D 661 25.69 -15.46 18.98
C PHE D 661 24.23 -15.22 19.32
N ARG D 662 23.89 -13.96 19.56
CA ARG D 662 22.52 -13.54 19.80
C ARG D 662 21.97 -12.81 18.59
N VAL D 663 20.66 -12.69 18.52
CA VAL D 663 20.00 -12.05 17.38
C VAL D 663 20.23 -10.55 17.46
N LEU D 664 21.19 -10.05 16.69
CA LEU D 664 21.52 -8.62 16.67
C LEU D 664 20.55 -7.92 15.72
N GLU D 665 19.35 -7.68 16.22
CA GLU D 665 18.34 -6.91 15.49
C GLU D 665 18.67 -5.43 15.63
N LEU D 666 19.24 -4.84 14.59
CA LEU D 666 19.63 -3.43 14.63
C LEU D 666 18.41 -2.54 14.84
N TYR D 667 17.32 -2.83 14.15
CA TYR D 667 16.08 -2.09 14.29
C TYR D 667 14.97 -3.03 14.74
N SER D 668 14.23 -2.62 15.77
CA SER D 668 13.15 -3.43 16.29
C SER D 668 11.97 -3.43 15.31
N GLN D 669 11.01 -4.32 15.56
CA GLN D 669 9.84 -4.43 14.69
C GLN D 669 9.05 -3.14 14.67
N LYS D 670 8.94 -2.46 15.81
CA LYS D 670 8.30 -1.15 15.83
C LYS D 670 9.03 -0.16 14.94
N GLU D 671 10.36 -0.16 15.00
CA GLU D 671 11.15 0.71 14.13
C GLU D 671 11.03 0.27 12.68
N LEU D 672 10.97 -1.04 12.42
CA LEU D 672 10.85 -1.51 11.04
C LEU D 672 9.51 -1.15 10.43
N ARG D 673 8.45 -1.10 11.23
CA ARG D 673 7.14 -0.74 10.69
C ARG D 673 7.02 0.75 10.40
N SER D 674 7.97 1.57 10.87
CA SER D 674 7.92 3.01 10.65
C SER D 674 9.09 3.50 9.81
N ILE D 675 9.63 2.64 8.95
CA ILE D 675 10.73 3.04 8.08
C ILE D 675 10.25 4.05 7.05
N ASN D 676 9.12 3.77 6.41
CA ASN D 676 8.58 4.61 5.36
C ASN D 676 7.50 5.53 5.92
N VAL D 677 7.27 6.65 5.23
CA VAL D 677 6.26 7.61 5.64
C VAL D 677 4.85 7.16 5.34
N PHE D 678 4.69 6.07 4.59
CA PHE D 678 3.37 5.52 4.26
C PHE D 678 3.26 4.13 4.86
N ASP D 679 2.18 3.90 5.62
CA ASP D 679 1.87 2.59 6.16
C ASP D 679 0.52 2.15 5.59
N LEU D 680 0.51 0.98 4.97
CA LEU D 680 -0.71 0.52 4.30
C LEU D 680 -1.85 0.27 5.29
N GLU D 681 -1.55 -0.31 6.45
CA GLU D 681 -2.58 -0.59 7.44
C GLU D 681 -3.24 0.70 7.92
N GLU D 682 -2.44 1.73 8.18
CA GLU D 682 -2.99 3.01 8.61
C GLU D 682 -3.86 3.65 7.53
N ILE D 683 -3.42 3.57 6.27
CA ILE D 683 -4.20 4.13 5.18
C ILE D 683 -5.53 3.40 5.03
N MET D 684 -5.51 2.07 5.14
CA MET D 684 -6.76 1.31 5.03
C MET D 684 -7.69 1.60 6.21
N ARG D 685 -7.13 1.76 7.41
CA ARG D 685 -7.95 2.12 8.56
C ARG D 685 -8.56 3.50 8.38
N GLU D 686 -7.80 4.44 7.81
CA GLU D 686 -8.33 5.77 7.55
C GLU D 686 -9.45 5.73 6.51
N PHE D 687 -9.28 4.89 5.48
CA PHE D 687 -10.34 4.72 4.48
C PHE D 687 -11.60 4.12 5.11
N ASN D 688 -11.42 3.15 6.00
CA ASN D 688 -12.55 2.59 6.72
C ASN D 688 -13.24 3.64 7.59
N SER D 689 -12.44 4.48 8.26
CA SER D 689 -13.01 5.56 9.05
C SER D 689 -13.78 6.55 8.18
N TYR D 690 -13.26 6.82 6.98
CA TYR D 690 -13.97 7.69 6.04
C TYR D 690 -15.31 7.08 5.64
N LYS D 691 -15.32 5.77 5.36
CA LYS D 691 -16.57 5.10 5.03
C LYS D 691 -17.56 5.17 6.18
N GLN D 692 -17.07 4.97 7.42
CA GLN D 692 -17.94 5.08 8.59
C GLN D 692 -18.49 6.49 8.73
N ARG D 693 -17.65 7.49 8.51
CA ARG D 693 -18.09 8.88 8.65
C ARG D 693 -19.12 9.25 7.60
N VAL D 694 -18.99 8.73 6.37
CA VAL D 694 -19.95 9.06 5.34
C VAL D 694 -21.21 8.20 5.40
N LYS D 695 -21.17 7.02 6.03
CA LYS D 695 -22.34 6.15 6.10
C LYS D 695 -22.84 5.91 7.51
N TYR D 696 -21.95 5.49 8.43
CA TYR D 696 -22.39 5.09 9.76
C TYR D 696 -22.94 6.28 10.56
N VAL D 697 -22.44 7.49 10.29
CA VAL D 697 -22.90 8.67 11.02
C VAL D 697 -24.39 8.91 10.83
N GLU D 698 -24.94 8.48 9.69
CA GLU D 698 -26.38 8.60 9.43
C GLU D 698 -27.20 7.92 10.52
N GLN E 1 13.58 16.94 -42.66
CA GLN E 1 14.43 15.79 -42.36
C GLN E 1 14.38 14.77 -43.48
N VAL E 2 13.24 14.73 -44.18
CA VAL E 2 13.03 13.84 -45.30
C VAL E 2 13.18 14.64 -46.59
N GLN E 3 14.01 14.14 -47.51
CA GLN E 3 14.29 14.89 -48.73
C GLN E 3 13.04 15.06 -49.60
N LEU E 4 12.25 14.00 -49.75
CA LEU E 4 11.05 14.02 -50.58
C LEU E 4 11.39 14.45 -52.01
N VAL E 5 12.18 13.61 -52.67
CA VAL E 5 12.62 13.90 -54.03
C VAL E 5 11.42 13.91 -54.97
N GLN E 6 11.52 14.69 -56.05
CA GLN E 6 10.45 14.84 -57.01
C GLN E 6 11.01 14.66 -58.42
N SER E 7 10.11 14.35 -59.35
CA SER E 7 10.52 14.13 -60.74
C SER E 7 11.05 15.42 -61.35
N GLY E 8 11.73 15.26 -62.49
CA GLY E 8 12.37 16.39 -63.16
C GLY E 8 11.36 17.29 -63.85
N ALA E 9 11.92 18.28 -64.56
CA ALA E 9 11.10 19.25 -65.26
C ALA E 9 10.28 18.58 -66.36
N GLU E 10 9.01 18.97 -66.47
CA GLU E 10 8.10 18.41 -67.45
C GLU E 10 7.56 19.53 -68.33
N VAL E 11 7.50 19.29 -69.63
CA VAL E 11 6.98 20.24 -70.60
C VAL E 11 5.77 19.63 -71.28
N LYS E 12 4.64 20.33 -71.22
CA LYS E 12 3.40 19.84 -71.81
C LYS E 12 2.53 21.02 -72.22
N LYS E 13 1.90 20.91 -73.37
CA LYS E 13 0.98 21.93 -73.85
C LYS E 13 -0.31 21.90 -73.05
N PRO E 14 -1.03 23.02 -73.00
CA PRO E 14 -2.30 23.05 -72.25
C PRO E 14 -3.37 22.19 -72.93
N GLY E 15 -4.47 22.01 -72.21
CA GLY E 15 -5.58 21.21 -72.70
C GLY E 15 -5.57 19.77 -72.24
N GLU E 16 -4.45 19.08 -72.40
CA GLU E 16 -4.37 17.68 -72.02
C GLU E 16 -4.06 17.56 -70.52
N SER E 17 -3.78 16.34 -70.07
CA SER E 17 -3.56 16.05 -68.67
C SER E 17 -2.08 16.08 -68.32
N LEU E 18 -1.79 16.42 -67.07
CA LEU E 18 -0.42 16.48 -66.55
C LEU E 18 -0.25 15.47 -65.43
N LYS E 19 0.85 14.71 -65.50
CA LYS E 19 1.18 13.70 -64.52
C LYS E 19 2.49 14.09 -63.84
N ILE E 20 2.48 14.09 -62.50
CA ILE E 20 3.65 14.44 -61.71
C ILE E 20 3.85 13.37 -60.64
N SER E 21 5.08 12.89 -60.49
CA SER E 21 5.43 11.90 -59.48
C SER E 21 6.23 12.54 -58.36
N CYS E 22 5.95 12.12 -57.13
CA CYS E 22 6.61 12.67 -55.94
C CYS E 22 7.03 11.48 -55.07
N LYS E 23 8.27 11.04 -55.24
CA LYS E 23 8.78 9.92 -54.46
C LYS E 23 8.98 10.32 -53.00
N GLY E 24 8.59 9.42 -52.10
CA GLY E 24 8.75 9.66 -50.68
C GLY E 24 10.11 9.23 -50.15
N SER E 25 11.14 9.97 -50.50
CA SER E 25 12.51 9.63 -50.10
C SER E 25 12.73 10.03 -48.64
N GLY E 26 13.96 9.90 -48.17
CA GLY E 26 14.29 10.23 -46.79
C GLY E 26 14.08 9.06 -45.85
N TYR E 27 12.82 8.68 -45.65
CA TYR E 27 12.48 7.58 -44.76
C TYR E 27 11.07 7.12 -45.08
N THR E 28 10.83 5.81 -44.96
CA THR E 28 9.51 5.26 -45.18
C THR E 28 8.54 5.80 -44.13
N PHE E 29 7.58 6.62 -44.57
CA PHE E 29 6.69 7.32 -43.66
C PHE E 29 5.24 7.14 -44.08
N THR E 30 4.37 7.05 -43.08
CA THR E 30 2.93 7.07 -43.27
C THR E 30 2.25 7.99 -42.27
N ASN E 31 2.97 9.04 -41.85
CA ASN E 31 2.51 9.94 -40.78
C ASN E 31 2.45 11.40 -41.21
N TYR E 32 3.36 11.83 -42.08
CA TYR E 32 3.45 13.24 -42.46
C TYR E 32 2.45 13.54 -43.56
N TRP E 33 1.58 14.53 -43.32
CA TRP E 33 0.57 14.91 -44.29
C TRP E 33 1.22 15.48 -45.56
N ILE E 34 0.56 15.27 -46.68
CA ILE E 34 1.11 15.66 -47.99
C ILE E 34 0.43 16.93 -48.46
N GLY E 35 1.24 17.90 -48.89
CA GLY E 35 0.74 19.14 -49.45
C GLY E 35 1.30 19.41 -50.84
N TRP E 36 0.40 19.59 -51.80
CA TRP E 36 0.75 19.96 -53.17
C TRP E 36 0.45 21.44 -53.37
N VAL E 37 1.45 22.20 -53.80
CA VAL E 37 1.31 23.64 -54.00
C VAL E 37 1.91 24.00 -55.36
N ARG E 38 1.62 25.23 -55.80
CA ARG E 38 2.19 25.78 -57.02
C ARG E 38 2.74 27.16 -56.73
N GLN E 39 3.78 27.53 -57.47
CA GLN E 39 4.42 28.83 -57.30
C GLN E 39 4.65 29.47 -58.66
N MET E 40 4.31 30.75 -58.79
CA MET E 40 4.47 31.53 -59.99
C MET E 40 5.30 32.78 -59.71
N PRO E 41 6.02 33.30 -60.71
CA PRO E 41 6.86 34.47 -60.48
C PRO E 41 6.05 35.68 -60.01
N GLY E 42 6.63 36.46 -59.11
CA GLY E 42 5.99 37.65 -58.57
C GLY E 42 5.14 37.41 -57.35
N ALA E 43 5.05 36.18 -56.85
CA ALA E 43 4.24 35.88 -55.69
C ALA E 43 4.80 34.62 -55.02
N GLY E 44 4.33 34.35 -53.80
CA GLY E 44 4.78 33.21 -53.05
C GLY E 44 4.00 31.95 -53.38
N LEU E 45 4.12 30.96 -52.50
CA LEU E 45 3.48 29.68 -52.69
C LEU E 45 2.02 29.73 -52.26
N GLU E 46 1.16 29.04 -53.00
CA GLU E 46 -0.26 28.95 -52.71
C GLU E 46 -0.65 27.49 -52.59
N TRP E 47 -1.35 27.15 -51.51
CA TRP E 47 -1.76 25.77 -51.29
C TRP E 47 -2.81 25.35 -52.32
N MET E 48 -2.73 24.10 -52.76
CA MET E 48 -3.69 23.54 -53.69
C MET E 48 -4.25 22.19 -53.28
N ALA E 49 -3.51 21.40 -52.50
CA ALA E 49 -4.02 20.10 -52.05
C ALA E 49 -3.39 19.77 -50.71
N ILE E 50 -4.22 19.39 -49.73
CA ILE E 50 -3.77 18.92 -48.43
C ILE E 50 -4.44 17.58 -48.17
N ILE E 51 -3.64 16.53 -48.00
CA ILE E 51 -4.15 15.16 -47.93
C ILE E 51 -3.39 14.38 -46.87
N PHE E 52 -3.97 13.24 -46.49
CA PHE E 52 -3.36 12.32 -45.54
C PHE E 52 -2.15 11.62 -46.16
N PRO E 53 -1.27 11.05 -45.34
CA PRO E 53 -0.10 10.36 -45.88
C PRO E 53 -0.43 9.09 -46.65
N ARG E 54 -1.21 8.20 -46.02
CA ARG E 54 -1.43 6.86 -46.56
C ARG E 54 -2.46 6.81 -47.67
N ASP E 55 -3.25 7.86 -47.86
CA ASP E 55 -4.24 7.90 -48.94
C ASP E 55 -4.38 9.34 -49.40
N SER E 56 -5.44 9.63 -50.16
CA SER E 56 -5.65 10.98 -50.64
C SER E 56 -7.13 11.20 -50.92
N TYR E 57 -7.56 12.45 -50.78
CA TYR E 57 -8.91 12.85 -51.09
C TYR E 57 -8.99 14.11 -51.92
N SER E 58 -7.87 14.77 -52.19
CA SER E 58 -7.82 15.99 -53.02
C SER E 58 -8.77 17.05 -52.47
N ALA E 59 -8.47 17.54 -51.27
CA ALA E 59 -9.30 18.55 -50.64
C ALA E 59 -9.05 19.92 -51.28
N TYR E 60 -10.03 20.42 -52.01
CA TYR E 60 -9.90 21.73 -52.68
C TYR E 60 -11.28 22.39 -52.74
N SER E 61 -11.55 23.26 -51.76
CA SER E 61 -12.83 23.96 -51.70
C SER E 61 -12.86 25.21 -52.59
N PRO E 62 -11.96 26.18 -52.42
CA PRO E 62 -12.09 27.43 -53.19
C PRO E 62 -11.32 27.49 -54.51
N SER E 63 -10.44 26.53 -54.79
CA SER E 63 -9.50 26.64 -55.90
C SER E 63 -9.58 25.39 -56.77
N PHE E 64 -9.88 25.60 -58.05
CA PHE E 64 -9.68 24.58 -59.10
C PHE E 64 -10.45 23.29 -58.79
N GLN E 65 -11.77 23.41 -58.75
CA GLN E 65 -12.61 22.27 -58.47
C GLN E 65 -12.58 21.28 -59.64
N GLY E 66 -12.14 20.06 -59.36
CA GLY E 66 -12.12 19.02 -60.36
C GLY E 66 -10.86 18.98 -61.21
N ARG E 67 -9.97 19.95 -61.02
CA ARG E 67 -8.76 20.03 -61.83
C ARG E 67 -7.56 19.34 -61.19
N VAL E 68 -7.67 18.90 -59.94
CA VAL E 68 -6.57 18.26 -59.22
C VAL E 68 -7.04 16.90 -58.73
N THR E 69 -6.22 15.87 -58.96
CA THR E 69 -6.49 14.54 -58.44
C THR E 69 -5.19 13.93 -57.93
N ILE E 70 -5.18 13.55 -56.66
CA ILE E 70 -4.02 12.94 -56.03
C ILE E 70 -4.41 11.56 -55.51
N SER E 71 -3.51 10.60 -55.66
CA SER E 71 -3.74 9.24 -55.19
C SER E 71 -2.80 8.85 -54.06
N VAL E 72 -1.49 8.99 -54.27
CA VAL E 72 -0.44 8.60 -53.32
C VAL E 72 -0.62 7.12 -52.97
N ASP E 73 0.10 6.66 -51.95
CA ASP E 73 0.03 5.27 -51.50
C ASP E 73 0.66 5.20 -50.12
N LYS E 74 0.74 3.98 -49.58
CA LYS E 74 1.31 3.74 -48.27
C LYS E 74 2.80 3.41 -48.40
N SER E 75 3.42 3.11 -47.26
CA SER E 75 4.84 2.75 -47.18
C SER E 75 5.71 3.82 -47.83
N ILE E 76 6.13 3.58 -49.08
CA ILE E 76 7.02 4.51 -49.76
C ILE E 76 6.37 5.86 -50.00
N SER E 77 5.03 5.90 -50.08
CA SER E 77 4.26 7.14 -50.20
C SER E 77 4.68 7.94 -51.45
N THR E 78 4.45 7.32 -52.59
CA THR E 78 4.72 7.95 -53.89
C THR E 78 3.47 8.71 -54.33
N ALA E 79 3.50 10.03 -54.17
CA ALA E 79 2.36 10.84 -54.54
C ALA E 79 2.25 11.00 -56.05
N TYR E 80 1.02 11.01 -56.55
CA TYR E 80 0.74 11.15 -57.98
C TYR E 80 -0.21 12.33 -58.17
N LEU E 81 0.30 13.42 -58.73
CA LEU E 81 -0.51 14.58 -59.07
C LEU E 81 -1.00 14.46 -60.51
N HIS E 82 -2.30 14.59 -60.71
CA HIS E 82 -2.91 14.53 -62.03
C HIS E 82 -3.76 15.77 -62.24
N TRP E 83 -3.54 16.43 -63.36
CA TRP E 83 -4.27 17.65 -63.72
C TRP E 83 -5.00 17.44 -65.04
N SER E 84 -6.25 17.90 -65.09
CA SER E 84 -7.07 17.82 -66.28
C SER E 84 -7.46 19.23 -66.72
N SER E 85 -7.59 19.41 -68.04
CA SER E 85 -7.92 20.71 -68.64
C SER E 85 -6.88 21.76 -68.25
N LEU E 86 -5.64 21.52 -68.68
CA LEU E 86 -4.55 22.43 -68.39
C LEU E 86 -4.81 23.78 -69.07
N GLU E 87 -4.56 24.87 -68.31
CA GLU E 87 -4.78 26.22 -68.80
C GLU E 87 -3.48 27.00 -68.73
N ALA E 88 -3.49 28.17 -69.40
CA ALA E 88 -2.29 29.00 -69.44
C ALA E 88 -1.90 29.52 -68.07
N SER E 89 -2.88 29.71 -67.18
CA SER E 89 -2.59 30.18 -65.83
C SER E 89 -1.89 29.13 -64.97
N ASP E 90 -1.82 27.89 -65.42
CA ASP E 90 -1.19 26.81 -64.67
C ASP E 90 0.30 26.68 -64.92
N THR E 91 0.85 27.49 -65.83
CA THR E 91 2.29 27.48 -66.09
C THR E 91 3.02 28.01 -64.87
N ALA E 92 3.65 27.11 -64.11
CA ALA E 92 4.23 27.46 -62.82
C ALA E 92 5.06 26.27 -62.34
N VAL E 93 5.68 26.42 -61.19
CA VAL E 93 6.50 25.36 -60.60
C VAL E 93 5.68 24.67 -59.52
N TYR E 94 5.43 23.38 -59.69
CA TYR E 94 4.67 22.59 -58.73
C TYR E 94 5.60 21.96 -57.71
N TYR E 95 5.18 21.98 -56.44
CA TYR E 95 5.96 21.44 -55.34
C TYR E 95 5.11 20.48 -54.53
N CYS E 96 5.72 19.38 -54.10
CA CYS E 96 5.13 18.47 -53.15
C CYS E 96 5.95 18.47 -51.86
N ALA E 97 5.26 18.50 -50.73
CA ALA E 97 5.94 18.61 -49.45
C ALA E 97 5.22 17.77 -48.41
N ILE E 98 5.93 17.45 -47.34
CA ILE E 98 5.32 16.85 -46.16
C ILE E 98 5.01 17.97 -45.18
N TYR E 99 3.86 17.85 -44.50
CA TYR E 99 3.40 18.94 -43.65
C TYR E 99 4.36 19.19 -42.49
N ASN E 100 4.84 18.13 -41.85
CA ASN E 100 5.76 18.26 -40.72
C ASN E 100 6.44 16.93 -40.49
N ASP E 101 7.78 16.90 -40.62
CA ASP E 101 8.53 15.70 -40.31
C ASP E 101 9.06 15.71 -38.87
N LEU E 102 9.88 16.71 -38.54
CA LEU E 102 10.46 16.85 -37.22
C LEU E 102 10.53 18.33 -36.87
N ARG E 103 9.96 18.69 -35.72
CA ARG E 103 9.99 20.06 -35.20
C ARG E 103 9.45 21.06 -36.22
N SER E 104 8.18 20.84 -36.60
CA SER E 104 7.48 21.69 -37.56
C SER E 104 8.19 21.76 -38.90
N GLY E 105 8.90 20.70 -39.29
CA GLY E 105 9.67 20.71 -40.51
C GLY E 105 8.89 20.32 -41.75
N ASN E 106 8.51 21.32 -42.55
CA ASN E 106 7.83 21.10 -43.83
C ASN E 106 8.87 21.13 -44.93
N SER E 107 9.37 19.95 -45.29
CA SER E 107 10.38 19.83 -46.34
C SER E 107 9.72 19.73 -47.70
N TRP E 108 10.09 20.63 -48.61
CA TRP E 108 9.50 20.67 -49.93
C TRP E 108 10.25 19.74 -50.89
N GLY E 109 9.64 19.45 -52.03
CA GLY E 109 10.30 18.66 -53.05
C GLY E 109 11.22 19.49 -53.92
N GLN E 110 11.83 18.82 -54.89
CA GLN E 110 12.72 19.51 -55.82
C GLN E 110 11.99 20.51 -56.69
N GLY E 111 10.71 20.27 -56.99
CA GLY E 111 9.93 21.21 -57.78
C GLY E 111 9.99 20.92 -59.28
N THR E 112 8.82 20.71 -59.88
CA THR E 112 8.73 20.46 -61.31
C THR E 112 8.17 21.69 -62.01
N PRO E 113 8.94 22.36 -62.86
CA PRO E 113 8.41 23.52 -63.60
C PRO E 113 7.61 23.09 -64.82
N LEU E 114 6.30 23.29 -64.74
CA LEU E 114 5.43 23.12 -65.91
C LEU E 114 5.43 24.45 -66.68
N ILE E 115 6.13 24.48 -67.80
CA ILE E 115 6.29 25.68 -68.62
C ILE E 115 6.00 25.32 -70.06
N VAL E 116 5.23 26.18 -70.73
CA VAL E 116 4.89 26.00 -72.14
C VAL E 116 5.79 26.92 -72.95
N SER E 117 6.64 26.33 -73.78
CA SER E 117 7.58 27.09 -74.59
C SER E 117 8.00 26.22 -75.77
N SER E 118 8.91 26.74 -76.59
CA SER E 118 9.40 26.02 -77.75
C SER E 118 10.84 25.55 -77.54
N ASP F 1 -11.47 34.21 -42.61
CA ASP F 1 -10.23 34.66 -43.23
C ASP F 1 -9.39 35.46 -42.24
N ILE F 2 -8.06 35.41 -42.41
CA ILE F 2 -7.14 36.13 -41.54
C ILE F 2 -6.17 36.93 -42.41
N GLN F 3 -5.59 37.96 -41.80
CA GLN F 3 -4.64 38.82 -42.48
C GLN F 3 -3.21 38.38 -42.16
N MET F 4 -2.27 38.83 -43.00
CA MET F 4 -0.87 38.52 -42.80
C MET F 4 -0.03 39.61 -43.47
N THR F 5 0.87 40.23 -42.72
CA THR F 5 1.72 41.30 -43.24
C THR F 5 3.15 41.04 -42.79
N GLN F 6 4.06 40.89 -43.75
CA GLN F 6 5.48 40.71 -43.48
C GLN F 6 6.21 41.98 -43.87
N SER F 7 6.93 42.56 -42.91
CA SER F 7 7.59 43.85 -43.09
C SER F 7 9.09 43.71 -42.85
N PRO F 8 9.91 44.47 -43.60
CA PRO F 8 9.56 45.42 -44.66
C PRO F 8 9.28 44.74 -45.99
N SER F 9 8.56 45.41 -46.90
CA SER F 9 8.32 44.82 -48.22
C SER F 9 9.63 44.66 -49.00
N SER F 10 10.50 45.66 -48.91
CA SER F 10 11.80 45.60 -49.58
C SER F 10 12.79 46.42 -48.77
N LEU F 11 13.99 45.87 -48.58
CA LEU F 11 15.03 46.54 -47.82
C LEU F 11 16.38 46.07 -48.31
N SER F 12 17.40 46.88 -48.04
CA SER F 12 18.77 46.57 -48.41
C SER F 12 19.70 46.85 -47.24
N ALA F 13 20.77 46.06 -47.14
CA ALA F 13 21.75 46.22 -46.09
C ALA F 13 23.09 45.67 -46.57
N SER F 14 24.15 46.09 -45.88
CA SER F 14 25.49 45.66 -46.23
C SER F 14 25.81 44.32 -45.59
N VAL F 15 27.03 43.83 -45.87
CA VAL F 15 27.46 42.55 -45.34
C VAL F 15 27.84 42.68 -43.87
N GLY F 16 27.28 41.81 -43.04
CA GLY F 16 27.60 41.83 -41.63
C GLY F 16 26.82 42.83 -40.80
N ASP F 17 25.53 42.99 -41.08
CA ASP F 17 24.68 43.91 -40.34
C ASP F 17 23.48 43.16 -39.79
N ARG F 18 23.20 43.37 -38.50
CA ARG F 18 22.03 42.74 -37.88
C ARG F 18 20.75 43.38 -38.41
N VAL F 19 19.81 42.54 -38.85
CA VAL F 19 18.57 43.01 -39.46
C VAL F 19 17.41 42.26 -38.84
N THR F 20 16.33 42.98 -38.53
CA THR F 20 15.13 42.41 -37.94
C THR F 20 13.97 42.57 -38.91
N ILE F 21 13.24 41.48 -39.15
CA ILE F 21 12.09 41.46 -40.03
C ILE F 21 10.88 41.00 -39.22
N THR F 22 9.76 41.72 -39.37
CA THR F 22 8.58 41.50 -38.56
C THR F 22 7.49 40.80 -39.37
N CYS F 23 6.63 40.09 -38.65
CA CYS F 23 5.50 39.39 -39.25
C CYS F 23 4.31 39.56 -38.32
N ARG F 24 3.17 39.99 -38.87
CA ARG F 24 1.97 40.27 -38.09
C ARG F 24 0.80 39.53 -38.72
N ALA F 25 -0.12 39.06 -37.87
CA ALA F 25 -1.28 38.33 -38.34
C ALA F 25 -2.38 38.43 -37.30
N SER F 26 -3.61 38.10 -37.72
CA SER F 26 -4.77 38.10 -36.84
C SER F 26 -5.11 36.70 -36.34
N GLN F 27 -4.10 35.87 -36.11
CA GLN F 27 -4.33 34.51 -35.65
C GLN F 27 -4.92 34.51 -34.24
N SER F 28 -5.83 33.56 -33.99
CA SER F 28 -6.44 33.45 -32.67
C SER F 28 -5.42 33.08 -31.60
N ILE F 29 -4.51 32.17 -31.92
CA ILE F 29 -3.50 31.69 -30.99
C ILE F 29 -2.13 31.79 -31.65
N THR F 30 -1.11 31.34 -30.92
CA THR F 30 0.27 31.45 -31.41
C THR F 30 0.50 30.59 -32.65
N LYS F 31 -0.14 29.42 -32.72
CA LYS F 31 0.03 28.45 -33.81
C LYS F 31 1.50 28.04 -33.83
N TYR F 32 2.20 28.11 -34.95
CA TYR F 32 3.62 27.77 -35.01
C TYR F 32 4.49 28.94 -35.44
N LEU F 33 4.10 29.65 -36.51
CA LEU F 33 4.82 30.84 -36.98
C LEU F 33 6.28 30.51 -37.31
N ASN F 34 6.43 29.63 -38.29
CA ASN F 34 7.75 29.28 -38.81
C ASN F 34 8.23 30.36 -39.79
N TRP F 35 9.54 30.41 -39.99
CA TRP F 35 10.14 31.34 -40.94
C TRP F 35 10.98 30.57 -41.94
N TYR F 36 10.87 30.94 -43.21
CA TYR F 36 11.46 30.23 -44.33
C TYR F 36 12.61 31.03 -44.94
N GLN F 37 13.13 30.50 -46.04
CA GLN F 37 14.18 31.14 -46.84
C GLN F 37 14.05 30.65 -48.28
N GLN F 38 14.02 31.58 -49.23
CA GLN F 38 13.93 31.23 -50.63
C GLN F 38 14.87 32.11 -51.45
N LYS F 39 15.31 31.58 -52.59
CA LYS F 39 16.13 32.28 -53.55
C LYS F 39 15.49 32.20 -54.92
N PRO F 40 15.75 33.18 -55.81
CA PRO F 40 15.16 33.12 -57.16
C PRO F 40 15.63 31.90 -57.91
N GLY F 41 14.68 31.11 -58.39
CA GLY F 41 14.98 29.87 -59.07
C GLY F 41 15.26 28.69 -58.18
N ARG F 42 15.06 28.82 -56.87
CA ARG F 42 15.30 27.75 -55.92
C ARG F 42 14.06 27.51 -55.07
N ALA F 43 13.92 26.26 -54.61
CA ALA F 43 12.80 25.91 -53.77
C ALA F 43 12.94 26.54 -52.39
N PRO F 44 11.82 26.90 -51.76
CA PRO F 44 11.90 27.50 -50.41
C PRO F 44 12.40 26.50 -49.38
N LYS F 45 13.10 27.03 -48.38
CA LYS F 45 13.64 26.22 -47.29
C LYS F 45 13.38 26.92 -45.97
N LEU F 46 13.13 26.13 -44.93
CA LEU F 46 12.81 26.67 -43.62
C LEU F 46 14.05 27.28 -42.96
N LEU F 47 13.80 28.23 -42.06
CA LEU F 47 14.84 28.80 -41.21
C LEU F 47 14.59 28.56 -39.74
N ILE F 48 13.37 28.84 -39.25
CA ILE F 48 13.05 28.70 -37.83
C ILE F 48 11.66 28.10 -37.69
N HIS F 49 11.44 27.44 -36.55
CA HIS F 49 10.17 26.82 -36.22
C HIS F 49 9.83 27.08 -34.76
N THR F 50 8.55 27.23 -34.48
CA THR F 50 7.99 27.38 -33.14
C THR F 50 8.56 28.57 -32.39
N THR F 51 9.30 29.46 -33.05
CA THR F 51 9.99 30.59 -32.45
C THR F 51 10.99 30.18 -31.37
N SER F 52 11.29 28.88 -31.26
CA SER F 52 12.24 28.39 -30.27
C SER F 52 13.24 27.38 -30.80
N THR F 53 13.02 26.80 -31.98
CA THR F 53 13.94 25.82 -32.56
C THR F 53 14.21 26.17 -34.01
N LEU F 54 15.38 25.77 -34.50
CA LEU F 54 15.83 26.10 -35.84
C LEU F 54 16.05 24.83 -36.65
N GLN F 55 16.00 24.99 -37.97
CA GLN F 55 16.21 23.87 -38.88
C GLN F 55 17.63 23.36 -38.77
N SER F 56 17.78 22.03 -38.80
CA SER F 56 19.11 21.42 -38.78
C SER F 56 19.89 21.80 -40.03
N GLY F 57 21.17 22.10 -39.84
CA GLY F 57 22.04 22.54 -40.91
C GLY F 57 22.19 24.05 -41.02
N VAL F 58 21.29 24.80 -40.41
CA VAL F 58 21.36 26.26 -40.38
C VAL F 58 22.09 26.67 -39.11
N PRO F 59 23.18 27.44 -39.19
CA PRO F 59 23.92 27.82 -37.99
C PRO F 59 23.13 28.74 -37.08
N SER F 60 23.73 29.13 -35.95
CA SER F 60 23.07 29.92 -34.93
C SER F 60 23.10 31.43 -35.21
N ARG F 61 23.33 31.84 -36.45
CA ARG F 61 23.35 33.26 -36.78
C ARG F 61 21.95 33.85 -36.93
N PHE F 62 20.91 33.02 -36.88
CA PHE F 62 19.54 33.47 -36.96
C PHE F 62 18.84 33.26 -35.63
N SER F 63 17.98 34.20 -35.26
CA SER F 63 17.25 34.11 -33.99
C SER F 63 15.80 34.54 -34.23
N GLY F 64 14.92 34.11 -33.34
CA GLY F 64 13.52 34.44 -33.46
C GLY F 64 12.92 34.79 -32.11
N SER F 65 11.94 35.68 -32.14
CA SER F 65 11.24 36.10 -30.93
C SER F 65 9.81 36.48 -31.33
N GLY F 66 8.97 36.73 -30.33
CA GLY F 66 7.60 37.09 -30.61
C GLY F 66 6.92 37.60 -29.37
N SER F 67 5.88 38.42 -29.60
CA SER F 67 5.06 38.96 -28.53
C SER F 67 3.74 39.42 -29.14
N GLY F 68 2.66 39.13 -28.42
CA GLY F 68 1.34 39.49 -28.91
C GLY F 68 1.07 38.85 -30.25
N THR F 69 0.72 39.67 -31.24
CA THR F 69 0.48 39.21 -32.60
C THR F 69 1.66 39.49 -33.53
N ASP F 70 2.80 39.88 -32.98
CA ASP F 70 3.98 40.20 -33.77
C ASP F 70 5.07 39.16 -33.53
N PHE F 71 5.81 38.82 -34.58
CA PHE F 71 6.91 37.88 -34.47
C PHE F 71 8.08 38.38 -35.30
N THR F 72 9.26 38.41 -34.70
CA THR F 72 10.44 39.00 -35.34
C THR F 72 11.51 37.95 -35.55
N LEU F 73 12.14 38.02 -36.73
CA LEU F 73 13.30 37.21 -37.08
C LEU F 73 14.50 38.13 -37.21
N THR F 74 15.58 37.79 -36.52
CA THR F 74 16.76 38.64 -36.43
C THR F 74 17.98 37.91 -36.98
N ILE F 75 18.80 38.63 -37.74
CA ILE F 75 20.03 38.09 -38.33
C ILE F 75 21.19 38.92 -37.81
N SER F 76 22.22 38.23 -37.28
CA SER F 76 23.36 38.93 -36.70
C SER F 76 24.26 39.52 -37.78
N SER F 77 24.73 38.68 -38.69
CA SER F 77 25.64 39.11 -39.76
C SER F 77 25.12 38.59 -41.09
N LEU F 78 24.76 39.50 -41.98
CA LEU F 78 24.31 39.12 -43.31
C LEU F 78 25.48 38.63 -44.15
N GLN F 79 25.25 37.58 -44.93
CA GLN F 79 26.26 37.02 -45.82
C GLN F 79 25.82 37.16 -47.26
N LEU F 80 26.70 36.74 -48.18
CA LEU F 80 26.39 36.84 -49.60
C LEU F 80 25.21 35.94 -49.99
N GLU F 81 25.14 34.74 -49.41
CA GLU F 81 24.07 33.81 -49.74
C GLU F 81 22.79 34.07 -48.95
N ASP F 82 22.79 35.03 -48.03
CA ASP F 82 21.59 35.30 -47.23
C ASP F 82 20.59 36.20 -47.94
N PHE F 83 20.95 36.79 -49.07
CA PHE F 83 20.04 37.66 -49.81
C PHE F 83 19.03 36.80 -50.56
N GLY F 84 17.75 37.14 -50.45
CA GLY F 84 16.72 36.35 -51.08
C GLY F 84 15.35 36.72 -50.56
N THR F 85 14.41 35.81 -50.77
CA THR F 85 13.02 36.02 -50.35
C THR F 85 12.72 35.18 -49.12
N TYR F 86 12.15 35.83 -48.09
CA TYR F 86 11.80 35.18 -46.84
C TYR F 86 10.29 35.20 -46.66
N TYR F 87 9.77 34.17 -45.99
CA TYR F 87 8.33 34.02 -45.78
C TYR F 87 8.04 33.68 -44.33
N CYS F 88 6.89 34.14 -43.84
CA CYS F 88 6.33 33.71 -42.57
C CYS F 88 4.92 33.18 -42.82
N GLN F 89 4.56 32.12 -42.09
CA GLN F 89 3.32 31.42 -42.36
C GLN F 89 2.78 30.80 -41.07
N GLN F 90 1.50 30.46 -41.10
CA GLN F 90 0.89 29.68 -40.04
C GLN F 90 0.34 28.38 -40.61
N SER F 91 0.38 27.33 -39.80
CA SER F 91 -0.06 26.01 -40.22
C SER F 91 -0.62 25.25 -39.03
N PHE F 92 -1.91 24.94 -39.08
CA PHE F 92 -2.54 24.17 -38.02
C PHE F 92 -3.37 23.05 -38.63
N SER F 93 -3.18 21.83 -38.13
CA SER F 93 -3.81 20.62 -38.67
C SER F 93 -3.43 20.54 -40.14
N THR F 94 -4.37 20.68 -41.08
CA THR F 94 -4.04 20.75 -42.50
C THR F 94 -4.18 22.16 -43.07
N LEU F 95 -4.83 23.07 -42.35
CA LEU F 95 -4.99 24.44 -42.84
C LEU F 95 -3.66 25.18 -42.79
N TRP F 96 -3.42 25.97 -43.83
CA TRP F 96 -2.13 26.62 -44.02
C TRP F 96 -2.36 28.00 -44.64
N THR F 97 -1.76 29.03 -44.05
CA THR F 97 -1.75 30.36 -44.63
C THR F 97 -0.32 30.84 -44.77
N PHE F 98 0.02 31.32 -45.97
CA PHE F 98 1.37 31.73 -46.32
C PHE F 98 1.48 33.24 -46.39
N GLY F 99 2.70 33.74 -46.30
CA GLY F 99 2.98 35.16 -46.35
C GLY F 99 3.57 35.59 -47.68
N GLN F 100 3.46 36.89 -47.97
CA GLN F 100 4.01 37.43 -49.20
C GLN F 100 5.53 37.34 -49.27
N GLY F 101 6.23 37.58 -48.16
CA GLY F 101 7.65 37.41 -48.11
C GLY F 101 8.47 38.65 -48.41
N THR F 102 9.39 38.98 -47.52
CA THR F 102 10.27 40.12 -47.70
C THR F 102 11.42 39.78 -48.64
N LYS F 103 11.95 40.82 -49.29
CA LYS F 103 13.05 40.68 -50.24
C LYS F 103 14.29 41.37 -49.66
N LEU F 104 15.39 40.64 -49.61
CA LEU F 104 16.67 41.16 -49.12
C LEU F 104 17.69 41.09 -50.26
N ASP F 105 18.31 42.23 -50.55
CA ASP F 105 19.28 42.31 -51.64
C ASP F 105 20.26 43.44 -51.34
N ILE F 106 21.40 43.42 -52.04
CA ILE F 106 22.44 44.41 -51.88
C ILE F 106 22.70 45.08 -53.23
N LYS F 107 22.76 46.41 -53.23
CA LYS F 107 23.01 47.16 -54.45
C LYS F 107 24.46 47.02 -54.90
N LEU G 121 27.21 -34.68 22.91
CA LEU G 121 27.48 -35.86 22.07
C LEU G 121 26.22 -36.68 21.88
N ASP G 122 25.25 -36.51 22.80
CA ASP G 122 24.00 -37.24 22.71
C ASP G 122 23.21 -36.81 21.47
N GLU G 123 22.43 -37.76 20.96
CA GLU G 123 21.70 -37.57 19.72
C GLU G 123 20.21 -37.70 19.96
N GLY G 124 19.43 -36.98 19.15
CA GLY G 124 17.99 -37.05 19.24
C GLY G 124 17.33 -36.54 17.98
N ILE G 125 16.07 -36.90 17.82
CA ILE G 125 15.26 -36.45 16.69
C ILE G 125 14.59 -35.14 17.06
N MET G 126 14.72 -34.15 16.20
CA MET G 126 14.17 -32.82 16.44
C MET G 126 13.18 -32.47 15.34
N VAL G 127 12.15 -31.72 15.70
CA VAL G 127 11.19 -31.16 14.76
C VAL G 127 11.13 -29.66 15.02
N VAL G 128 11.57 -28.87 14.03
CA VAL G 128 11.57 -27.43 14.13
C VAL G 128 10.28 -26.92 13.52
N TYR G 129 9.46 -26.27 14.36
CA TYR G 129 8.26 -25.57 13.96
C TYR G 129 8.56 -24.07 13.95
N LYS G 130 8.22 -23.41 12.85
CA LYS G 130 8.38 -21.97 12.74
C LYS G 130 7.10 -21.26 13.16
N ARG G 131 7.24 -19.99 13.55
CA ARG G 131 6.09 -19.20 13.95
C ARG G 131 5.18 -18.96 12.75
N ASN G 132 3.87 -19.07 12.99
CA ASN G 132 2.88 -18.96 11.93
C ASN G 132 2.71 -17.49 11.59
N ILE G 133 3.68 -16.93 10.86
CA ILE G 133 3.61 -15.53 10.46
C ILE G 133 2.58 -15.30 9.38
N VAL G 134 2.16 -16.35 8.66
CA VAL G 134 1.12 -16.19 7.64
C VAL G 134 -0.21 -15.93 8.32
N ALA G 135 -0.91 -14.90 7.85
CA ALA G 135 -2.19 -14.54 8.45
C ALA G 135 -3.22 -15.63 8.20
N HIS G 136 -3.97 -15.98 9.25
CA HIS G 136 -5.08 -16.91 9.11
C HIS G 136 -6.10 -16.35 8.14
N THR G 137 -6.41 -17.12 7.10
CA THR G 137 -7.30 -16.70 6.03
C THR G 137 -8.59 -17.50 6.09
N PHE G 138 -9.72 -16.79 6.08
CA PHE G 138 -11.03 -17.42 6.08
C PHE G 138 -11.93 -16.74 5.07
N LYS G 139 -13.12 -17.30 4.87
CA LYS G 139 -14.07 -16.80 3.90
C LYS G 139 -15.08 -15.91 4.59
N VAL G 140 -15.28 -14.71 4.04
CA VAL G 140 -16.20 -13.72 4.60
C VAL G 140 -17.23 -13.37 3.54
N ARG G 141 -18.50 -13.43 3.92
CA ARG G 141 -19.59 -13.06 3.03
C ARG G 141 -19.94 -11.60 3.26
N VAL G 142 -19.73 -10.77 2.24
CA VAL G 142 -20.03 -9.35 2.31
C VAL G 142 -21.30 -9.12 1.49
N TYR G 143 -22.38 -8.73 2.16
CA TYR G 143 -23.64 -8.42 1.51
C TYR G 143 -23.76 -6.91 1.43
N GLN G 144 -23.94 -6.37 0.22
CA GLN G 144 -24.00 -4.93 0.07
C GLN G 144 -25.00 -4.56 -1.02
N LYS G 145 -25.72 -3.47 -0.77
CA LYS G 145 -26.63 -2.90 -1.76
C LYS G 145 -25.96 -1.70 -2.40
N VAL G 146 -25.76 -1.78 -3.71
CA VAL G 146 -25.09 -0.72 -4.47
C VAL G 146 -26.19 0.15 -5.08
N LEU G 147 -26.34 1.36 -4.55
CA LEU G 147 -27.25 2.35 -5.10
C LEU G 147 -26.46 3.23 -6.07
N THR G 148 -26.65 3.01 -7.36
CA THR G 148 -26.00 3.79 -8.40
C THR G 148 -27.05 4.63 -9.11
N PHE G 149 -27.11 5.91 -8.78
CA PHE G 149 -28.09 6.82 -9.33
C PHE G 149 -27.47 7.57 -10.50
N ARG G 150 -28.05 7.38 -11.68
CA ARG G 150 -27.60 8.04 -12.90
C ARG G 150 -28.59 9.13 -13.26
N ARG G 151 -28.11 10.37 -13.36
CA ARG G 151 -28.94 11.52 -13.68
C ARG G 151 -28.53 12.05 -15.04
N SER G 152 -29.53 12.35 -15.87
CA SER G 152 -29.30 12.88 -17.22
C SER G 152 -30.32 13.95 -17.52
N TYR G 153 -30.05 14.70 -18.59
CA TYR G 153 -30.96 15.76 -19.05
C TYR G 153 -31.23 15.54 -20.53
N ALA G 154 -32.50 15.52 -20.91
CA ALA G 154 -32.92 15.25 -22.28
C ALA G 154 -33.38 16.55 -22.93
N TYR G 155 -32.88 16.82 -24.13
CA TYR G 155 -33.24 18.01 -24.91
C TYR G 155 -33.49 17.59 -26.34
N HIS G 156 -34.76 17.65 -26.76
CA HIS G 156 -35.16 17.24 -28.11
C HIS G 156 -34.76 15.80 -28.40
N ARG G 157 -33.73 15.61 -29.21
CA ARG G 157 -33.26 14.28 -29.58
C ARG G 157 -31.91 13.93 -28.99
N THR G 158 -31.23 14.88 -28.34
CA THR G 158 -29.93 14.66 -27.74
C THR G 158 -30.08 14.74 -26.22
N THR G 159 -29.61 13.70 -25.53
CA THR G 159 -29.69 13.63 -24.08
C THR G 159 -28.33 13.89 -23.47
N TYR G 160 -28.29 14.79 -22.49
CA TYR G 160 -27.06 15.20 -21.82
C TYR G 160 -26.99 14.47 -20.48
N LEU G 161 -25.95 13.66 -20.30
CA LEU G 161 -25.76 12.96 -19.04
C LEU G 161 -25.28 13.95 -17.97
N LEU G 162 -26.09 14.12 -16.93
CA LEU G 162 -25.75 15.05 -15.86
C LEU G 162 -24.82 14.46 -14.81
N GLY G 163 -24.64 13.16 -14.79
CA GLY G 163 -23.68 12.54 -13.91
C GLY G 163 -24.22 11.27 -13.29
N SER G 164 -23.49 10.79 -12.29
CA SER G 164 -23.88 9.58 -11.58
C SER G 164 -23.20 9.58 -10.21
N ASN G 165 -23.86 8.96 -9.24
CA ASN G 165 -23.30 8.80 -7.91
C ASN G 165 -23.57 7.38 -7.43
N THR G 166 -22.52 6.73 -6.94
CA THR G 166 -22.59 5.34 -6.48
C THR G 166 -22.30 5.29 -4.99
N GLU G 167 -23.16 4.62 -4.24
CA GLU G 167 -23.00 4.45 -2.80
C GLU G 167 -23.27 3.00 -2.43
N TYR G 168 -22.66 2.57 -1.33
CA TYR G 168 -22.84 1.22 -0.82
C TYR G 168 -23.52 1.29 0.54
N VAL G 169 -24.58 0.51 0.72
CA VAL G 169 -25.33 0.49 1.98
C VAL G 169 -25.50 -0.95 2.44
N ALA G 170 -25.72 -1.09 3.74
CA ALA G 170 -25.88 -2.40 4.38
C ALA G 170 -27.33 -2.87 4.26
N PRO G 171 -27.56 -4.03 3.65
CA PRO G 171 -28.94 -4.53 3.57
C PRO G 171 -29.45 -4.91 4.95
N PRO G 172 -30.77 -4.88 5.15
CA PRO G 172 -31.33 -5.21 6.47
C PRO G 172 -31.09 -6.68 6.84
N MET G 173 -31.17 -6.94 8.15
CA MET G 173 -30.83 -8.26 8.66
C MET G 173 -31.77 -9.34 8.13
N TRP G 174 -33.07 -9.03 8.05
CA TRP G 174 -34.01 -10.00 7.50
C TRP G 174 -33.69 -10.31 6.04
N GLU G 175 -33.23 -9.31 5.30
CA GLU G 175 -32.81 -9.56 3.92
C GLU G 175 -31.55 -10.42 3.88
N ILE G 176 -30.65 -10.25 4.85
CA ILE G 176 -29.48 -11.12 4.94
C ILE G 176 -29.92 -12.56 5.18
N HIS G 177 -30.90 -12.77 6.07
CA HIS G 177 -31.41 -14.11 6.30
C HIS G 177 -32.06 -14.69 5.05
N HIS G 178 -32.82 -13.86 4.33
CA HIS G 178 -33.46 -14.32 3.10
C HIS G 178 -32.42 -14.71 2.06
N ILE G 179 -31.33 -13.93 1.95
CA ILE G 179 -30.26 -14.27 1.02
C ILE G 179 -29.60 -15.57 1.42
N ASN G 180 -29.30 -15.74 2.72
CA ASN G 180 -28.65 -16.96 3.16
C ASN G 180 -29.55 -18.18 3.05
N SER G 181 -30.86 -17.97 2.99
CA SER G 181 -31.79 -19.09 2.88
C SER G 181 -32.16 -19.44 1.44
N HIS G 182 -32.27 -18.45 0.55
CA HIS G 182 -32.78 -18.68 -0.79
C HIS G 182 -31.86 -18.19 -1.91
N SER G 183 -30.70 -17.62 -1.58
CA SER G 183 -29.81 -17.01 -2.58
C SER G 183 -30.52 -15.92 -3.37
N GLN G 184 -31.45 -15.23 -2.72
CA GLN G 184 -32.26 -14.21 -3.37
C GLN G 184 -32.39 -13.01 -2.45
N CYS G 185 -32.35 -11.81 -3.02
CA CYS G 185 -32.57 -10.58 -2.28
C CYS G 185 -33.80 -9.87 -2.82
N TYR G 186 -34.08 -8.69 -2.27
CA TYR G 186 -35.22 -7.88 -2.67
C TYR G 186 -34.74 -6.64 -3.41
N SER G 187 -35.54 -6.22 -4.39
CA SER G 187 -35.20 -5.07 -5.22
C SER G 187 -35.53 -3.73 -4.55
N SER G 188 -35.76 -3.72 -3.25
CA SER G 188 -36.07 -2.50 -2.52
C SER G 188 -35.18 -2.40 -1.29
N TYR G 189 -34.79 -1.17 -0.97
CA TYR G 189 -33.96 -0.89 0.20
C TYR G 189 -34.63 0.20 1.04
N SER G 190 -34.56 0.04 2.36
CA SER G 190 -35.17 0.99 3.28
C SER G 190 -34.13 1.46 4.29
N ARG G 191 -34.14 2.77 4.57
CA ARG G 191 -33.21 3.35 5.53
C ARG G 191 -33.97 4.34 6.40
N VAL G 192 -33.70 4.33 7.70
CA VAL G 192 -34.35 5.24 8.64
C VAL G 192 -33.41 6.39 8.94
N ILE G 193 -33.82 7.61 8.60
CA ILE G 193 -33.06 8.82 8.87
C ILE G 193 -33.99 9.82 9.55
N ALA G 194 -33.63 10.22 10.77
CA ALA G 194 -34.38 11.22 11.54
C ALA G 194 -35.85 10.83 11.70
N GLY G 195 -36.11 9.54 11.87
CA GLY G 195 -37.47 9.06 12.03
C GLY G 195 -38.26 8.92 10.76
N THR G 196 -37.64 9.16 9.61
CA THR G 196 -38.31 9.07 8.31
C THR G 196 -37.73 7.91 7.53
N VAL G 197 -38.59 7.11 6.90
CA VAL G 197 -38.16 5.95 6.13
C VAL G 197 -38.01 6.36 4.68
N PHE G 198 -36.80 6.19 4.15
CA PHE G 198 -36.49 6.43 2.75
C PHE G 198 -36.34 5.09 2.06
N VAL G 199 -37.10 4.90 0.98
CA VAL G 199 -37.12 3.62 0.26
C VAL G 199 -36.68 3.85 -1.18
N ALA G 200 -35.73 3.03 -1.62
CA ALA G 200 -35.20 3.07 -2.97
C ALA G 200 -35.53 1.77 -3.68
N TYR G 201 -36.16 1.86 -4.85
CA TYR G 201 -36.51 0.70 -5.65
C TYR G 201 -35.57 0.56 -6.84
N HIS G 202 -35.37 -0.68 -7.28
CA HIS G 202 -34.48 -0.93 -8.41
C HIS G 202 -35.15 -0.54 -9.72
N ARG G 203 -34.45 0.26 -10.52
CA ARG G 203 -34.94 0.73 -11.82
C ARG G 203 -36.31 1.40 -11.68
N ASP G 204 -36.45 2.22 -10.63
CA ASP G 204 -37.68 2.93 -10.28
C ASP G 204 -38.93 2.08 -10.47
N SER G 205 -38.84 0.79 -10.13
CA SER G 205 -39.96 -0.14 -10.20
C SER G 205 -40.46 -0.38 -8.78
N TYR G 206 -41.69 0.04 -8.50
CA TYR G 206 -42.20 0.13 -7.13
C TYR G 206 -42.81 -1.17 -6.64
N GLU G 207 -42.42 -2.31 -7.20
CA GLU G 207 -42.95 -3.60 -6.78
C GLU G 207 -42.05 -4.18 -5.68
N ASN G 208 -42.36 -5.42 -5.27
CA ASN G 208 -41.57 -6.15 -4.27
C ASN G 208 -40.91 -7.35 -4.92
N LYS G 209 -40.30 -7.17 -6.09
CA LYS G 209 -39.73 -8.27 -6.83
C LYS G 209 -38.53 -8.87 -6.08
N THR G 210 -38.47 -10.19 -6.09
CA THR G 210 -37.35 -10.92 -5.45
C THR G 210 -36.40 -11.36 -6.56
N MET G 211 -35.15 -10.91 -6.47
CA MET G 211 -34.18 -11.19 -7.52
C MET G 211 -33.12 -12.18 -7.03
N GLN G 212 -32.74 -13.08 -7.93
CA GLN G 212 -31.76 -14.12 -7.65
C GLN G 212 -30.34 -13.60 -7.87
N LEU G 213 -29.40 -14.24 -7.18
CA LEU G 213 -27.99 -13.89 -7.26
C LEU G 213 -27.35 -14.70 -8.37
N MET G 214 -26.93 -14.01 -9.44
CA MET G 214 -26.23 -14.70 -10.50
C MET G 214 -24.78 -14.22 -10.60
N PRO G 215 -23.86 -15.09 -11.01
CA PRO G 215 -22.45 -14.69 -11.08
C PRO G 215 -22.21 -13.60 -12.11
N ASP G 216 -21.23 -12.75 -11.82
CA ASP G 216 -20.85 -11.65 -12.70
C ASP G 216 -19.59 -11.96 -13.50
N ASP G 217 -19.22 -13.23 -13.61
CA ASP G 217 -18.03 -13.69 -14.33
C ASP G 217 -16.80 -13.06 -13.69
N TYR G 218 -15.89 -12.45 -14.45
CA TYR G 218 -14.65 -11.87 -13.92
C TYR G 218 -13.78 -12.93 -13.26
N SER G 219 -12.59 -12.53 -12.80
CA SER G 219 -11.71 -13.42 -12.07
C SER G 219 -11.49 -12.94 -10.63
N ASN G 220 -10.94 -11.75 -10.45
CA ASN G 220 -10.73 -11.14 -9.13
C ASN G 220 -9.99 -12.07 -8.17
N THR G 221 -9.14 -12.95 -8.71
CA THR G 221 -8.39 -13.92 -7.92
C THR G 221 -9.30 -14.75 -7.03
N HIS G 222 -9.55 -14.27 -5.81
CA HIS G 222 -10.38 -14.95 -4.83
C HIS G 222 -11.45 -14.02 -4.28
N SER G 223 -12.14 -13.30 -5.16
CA SER G 223 -13.16 -12.33 -4.78
C SER G 223 -14.40 -12.52 -5.64
N THR G 224 -14.87 -13.77 -5.72
CA THR G 224 -16.06 -14.07 -6.51
C THR G 224 -17.26 -13.29 -6.00
N ARG G 225 -18.02 -12.71 -6.92
CA ARG G 225 -19.15 -11.85 -6.59
C ARG G 225 -20.41 -12.36 -7.29
N TYR G 226 -21.52 -12.37 -6.57
CA TYR G 226 -22.83 -12.70 -7.12
C TYR G 226 -23.69 -11.45 -7.06
N VAL G 227 -24.21 -11.03 -8.21
CA VAL G 227 -24.99 -9.80 -8.32
C VAL G 227 -26.32 -10.11 -9.00
N THR G 228 -27.38 -9.45 -8.54
CA THR G 228 -28.69 -9.61 -9.17
C THR G 228 -28.76 -8.87 -10.50
N VAL G 229 -27.97 -7.80 -10.66
CA VAL G 229 -27.97 -6.98 -11.86
C VAL G 229 -26.58 -7.04 -12.48
N LYS G 230 -26.52 -7.41 -13.75
CA LYS G 230 -25.24 -7.51 -14.45
C LYS G 230 -25.02 -6.40 -15.47
N ASP G 231 -26.02 -5.55 -15.72
CA ASP G 231 -25.88 -4.47 -16.69
C ASP G 231 -26.48 -3.20 -16.10
N GLN G 232 -25.76 -2.09 -16.23
CA GLN G 232 -26.27 -0.80 -15.77
C GLN G 232 -27.44 -0.38 -16.65
N TRP G 233 -28.46 0.17 -16.00
CA TRP G 233 -29.70 0.56 -16.68
C TRP G 233 -29.98 2.03 -16.42
N HIS G 234 -30.38 2.74 -17.48
CA HIS G 234 -30.75 4.14 -17.37
C HIS G 234 -31.52 4.53 -18.62
N SER G 235 -32.69 5.13 -18.42
CA SER G 235 -33.54 5.59 -19.51
C SER G 235 -33.57 7.11 -19.55
N ARG G 236 -33.55 7.65 -20.76
CA ARG G 236 -33.54 9.10 -20.93
C ARG G 236 -34.86 9.70 -20.45
N GLY G 237 -34.77 10.93 -19.93
CA GLY G 237 -35.93 11.61 -19.41
C GLY G 237 -36.75 12.31 -20.48
N SER G 238 -37.73 13.09 -20.03
CA SER G 238 -38.58 13.83 -20.93
C SER G 238 -37.87 15.09 -21.43
N THR G 239 -38.45 15.69 -22.47
CA THR G 239 -37.86 16.89 -23.05
C THR G 239 -37.90 18.05 -22.06
N ASN G 240 -36.80 18.80 -22.00
CA ASN G 240 -36.68 19.97 -21.11
C ASN G 240 -36.90 19.59 -19.65
N LEU G 241 -36.43 18.41 -19.24
CA LEU G 241 -36.57 17.96 -17.87
C LEU G 241 -35.51 16.91 -17.58
N THR G 242 -34.85 17.03 -16.43
CA THR G 242 -33.84 16.06 -16.02
C THR G 242 -34.48 14.88 -15.31
N ARG G 243 -33.87 13.70 -15.49
CA ARG G 243 -34.37 12.48 -14.88
C ARG G 243 -33.22 11.73 -14.25
N GLU G 244 -33.44 11.20 -13.04
CA GLU G 244 -32.46 10.41 -12.31
C GLU G 244 -33.05 9.04 -12.01
N THR G 245 -32.33 7.99 -12.38
CA THR G 245 -32.78 6.62 -12.21
C THR G 245 -31.82 5.84 -11.32
N SER G 246 -32.39 5.01 -10.46
CA SER G 246 -31.63 4.18 -9.53
C SER G 246 -31.24 2.86 -10.18
N ASN G 247 -30.10 2.31 -9.75
CA ASN G 247 -29.60 1.04 -10.25
C ASN G 247 -29.21 0.12 -9.11
N LEU G 248 -30.09 0.00 -8.11
CA LEU G 248 -29.84 -0.80 -6.93
C LEU G 248 -29.46 -2.24 -7.29
N ASN G 249 -28.34 -2.70 -6.74
CA ASN G 249 -27.81 -4.03 -7.06
C ASN G 249 -27.47 -4.74 -5.76
N CYS G 250 -27.91 -5.99 -5.63
CA CYS G 250 -27.59 -6.82 -4.47
C CYS G 250 -26.33 -7.63 -4.76
N MET G 251 -25.22 -7.29 -4.10
CA MET G 251 -23.94 -7.92 -4.38
C MET G 251 -23.47 -8.68 -3.14
N VAL G 252 -23.18 -9.97 -3.32
CA VAL G 252 -22.64 -10.80 -2.26
C VAL G 252 -21.24 -11.23 -2.71
N THR G 253 -20.24 -10.88 -1.91
CA THR G 253 -18.84 -11.14 -2.23
C THR G 253 -18.28 -12.17 -1.25
N ILE G 254 -17.73 -13.26 -1.78
CA ILE G 254 -17.06 -14.27 -0.95
C ILE G 254 -15.59 -13.87 -0.92
N THR G 255 -15.26 -12.96 -0.01
CA THR G 255 -13.91 -12.43 0.07
C THR G 255 -13.06 -13.28 1.01
N THR G 256 -11.74 -13.11 0.89
CA THR G 256 -10.78 -13.76 1.77
C THR G 256 -10.30 -12.76 2.80
N ALA G 257 -10.60 -13.02 4.07
CA ALA G 257 -10.21 -12.16 5.17
C ALA G 257 -9.03 -12.77 5.91
N ARG G 258 -8.00 -11.97 6.15
CA ARG G 258 -6.78 -12.40 6.80
C ARG G 258 -6.63 -11.69 8.13
N SER G 259 -6.23 -12.46 9.15
CA SER G 259 -6.03 -11.93 10.50
C SER G 259 -4.71 -12.42 11.04
N LYS G 260 -4.05 -11.59 11.84
CA LYS G 260 -2.76 -11.92 12.44
C LYS G 260 -2.88 -11.88 13.96
N TYR G 261 -2.07 -12.68 14.62
CA TYR G 261 -2.11 -12.78 16.07
C TYR G 261 -1.86 -11.41 16.70
N PRO G 262 -2.57 -11.05 17.77
CA PRO G 262 -3.55 -11.83 18.53
C PRO G 262 -4.96 -11.85 17.95
N TYR G 263 -5.10 -11.60 16.64
CA TYR G 263 -6.39 -11.67 15.94
C TYR G 263 -7.41 -10.71 16.56
N HIS G 264 -6.96 -9.52 16.93
CA HIS G 264 -7.86 -8.49 17.41
C HIS G 264 -8.65 -7.82 16.30
N PHE G 265 -8.25 -8.03 15.04
CA PHE G 265 -8.95 -7.45 13.90
C PHE G 265 -8.59 -8.25 12.66
N PHE G 266 -9.53 -8.34 11.73
CA PHE G 266 -9.30 -8.98 10.44
C PHE G 266 -9.82 -8.08 9.32
N ALA G 267 -9.12 -8.13 8.18
CA ALA G 267 -9.46 -7.32 7.02
C ALA G 267 -9.55 -8.21 5.79
N THR G 268 -10.56 -7.94 4.96
CA THR G 268 -10.75 -8.70 3.73
C THR G 268 -9.83 -8.18 2.63
N SER G 269 -9.96 -8.75 1.43
CA SER G 269 -9.17 -8.29 0.30
C SER G 269 -9.51 -6.86 -0.05
N THR G 270 -10.79 -6.50 -0.01
CA THR G 270 -11.22 -5.13 -0.27
C THR G 270 -10.94 -4.25 0.93
N GLY G 271 -11.39 -3.00 0.87
CA GLY G 271 -11.14 -2.05 1.92
C GLY G 271 -12.13 -2.13 3.07
N ASP G 272 -12.13 -3.26 3.79
CA ASP G 272 -13.01 -3.44 4.94
C ASP G 272 -12.16 -3.84 6.13
N VAL G 273 -12.20 -3.02 7.19
CA VAL G 273 -11.48 -3.29 8.43
C VAL G 273 -12.48 -3.28 9.57
N VAL G 274 -12.46 -4.32 10.39
CA VAL G 274 -13.38 -4.47 11.51
C VAL G 274 -12.56 -4.74 12.78
N ASP G 275 -12.95 -4.11 13.87
CA ASP G 275 -12.26 -4.29 15.16
C ASP G 275 -12.93 -5.39 15.99
N ILE G 276 -13.10 -6.56 15.39
CA ILE G 276 -13.71 -7.70 16.06
C ILE G 276 -12.86 -8.93 15.80
N SER G 277 -12.58 -9.69 16.85
CA SER G 277 -11.85 -10.94 16.70
C SER G 277 -12.71 -11.93 15.93
N PRO G 278 -12.10 -12.69 15.00
CA PRO G 278 -12.89 -13.69 14.24
C PRO G 278 -13.45 -14.80 15.11
N PHE G 279 -12.91 -15.02 16.30
CA PHE G 279 -13.34 -16.11 17.16
C PHE G 279 -14.24 -15.66 18.30
N TYR G 280 -14.41 -14.36 18.50
CA TYR G 280 -15.32 -13.86 19.54
C TYR G 280 -16.75 -14.28 19.22
N ASN G 281 -17.45 -14.82 20.22
CA ASN G 281 -18.80 -15.32 20.02
C ASN G 281 -19.70 -14.91 21.18
N GLY G 282 -19.42 -13.76 21.78
CA GLY G 282 -20.22 -13.28 22.88
C GLY G 282 -19.69 -13.67 24.24
N THR G 283 -19.49 -14.97 24.46
CA THR G 283 -18.97 -15.48 25.72
C THR G 283 -17.45 -15.49 25.78
N ASN G 284 -16.77 -15.08 24.71
CA ASN G 284 -15.32 -15.07 24.64
C ASN G 284 -14.75 -13.65 24.72
N ARG G 285 -15.40 -12.78 25.50
CA ARG G 285 -14.99 -11.38 25.56
C ARG G 285 -13.60 -11.24 26.17
N ASN G 286 -13.30 -12.00 27.23
CA ASN G 286 -12.04 -11.86 27.93
C ASN G 286 -10.86 -12.50 27.18
N ALA G 287 -11.13 -13.38 26.21
CA ALA G 287 -10.06 -14.01 25.45
C ALA G 287 -10.02 -13.57 23.99
N SER G 288 -11.07 -12.91 23.49
CA SER G 288 -11.09 -12.42 22.12
C SER G 288 -11.49 -10.96 22.12
N TYR G 289 -10.79 -10.15 21.35
CA TYR G 289 -11.04 -8.72 21.33
C TYR G 289 -12.36 -8.40 20.65
N PHE G 290 -13.00 -7.32 21.11
CA PHE G 290 -14.26 -6.86 20.53
C PHE G 290 -14.33 -5.35 20.77
N GLY G 291 -13.96 -4.57 19.74
CA GLY G 291 -13.93 -3.13 19.87
C GLY G 291 -15.07 -2.41 19.17
N GLU G 292 -15.80 -3.13 18.31
CA GLU G 292 -16.93 -2.53 17.62
C GLU G 292 -18.15 -2.48 18.53
N ASN G 293 -19.16 -1.75 18.07
CA ASN G 293 -20.39 -1.61 18.84
C ASN G 293 -21.11 -2.95 18.94
N ALA G 294 -21.61 -3.26 20.14
CA ALA G 294 -22.35 -4.50 20.35
C ALA G 294 -23.71 -4.50 19.67
N ASP G 295 -24.26 -3.32 19.38
CA ASP G 295 -25.55 -3.25 18.71
C ASP G 295 -25.46 -3.81 17.29
N LYS G 296 -24.37 -3.54 16.59
CA LYS G 296 -24.20 -3.96 15.21
C LYS G 296 -23.66 -5.37 15.07
N PHE G 297 -23.39 -6.07 16.17
CA PHE G 297 -22.82 -7.40 16.13
C PHE G 297 -23.85 -8.42 16.62
N PHE G 298 -24.02 -9.49 15.84
CA PHE G 298 -25.00 -10.52 16.16
C PHE G 298 -24.38 -11.90 15.98
N ILE G 299 -24.88 -12.85 16.78
CA ILE G 299 -24.42 -14.24 16.76
C ILE G 299 -25.64 -15.12 16.54
N PHE G 300 -25.54 -16.07 15.60
CA PHE G 300 -26.64 -16.98 15.30
C PHE G 300 -26.15 -18.41 15.35
N PRO G 301 -26.69 -19.26 16.22
CA PRO G 301 -26.33 -20.67 16.23
C PRO G 301 -27.20 -21.49 15.31
N ASN G 302 -26.63 -22.59 14.81
CA ASN G 302 -27.29 -23.50 13.89
C ASN G 302 -27.83 -22.75 12.68
N TYR G 303 -27.05 -21.80 12.17
CA TYR G 303 -27.48 -20.92 11.10
C TYR G 303 -27.32 -21.62 9.75
N THR G 304 -28.29 -21.39 8.87
CA THR G 304 -28.35 -22.05 7.58
C THR G 304 -27.91 -21.08 6.48
N ILE G 305 -26.95 -21.49 5.67
CA ILE G 305 -26.45 -20.68 4.57
C ILE G 305 -26.44 -21.51 3.30
N VAL G 306 -26.73 -20.86 2.16
CA VAL G 306 -26.73 -21.57 0.89
C VAL G 306 -25.32 -22.04 0.56
N SER G 307 -25.23 -23.24 -0.04
CA SER G 307 -23.93 -23.73 -0.49
C SER G 307 -23.41 -22.95 -1.69
N ASP G 308 -24.28 -22.68 -2.66
CA ASP G 308 -23.91 -21.91 -3.85
C ASP G 308 -24.87 -20.74 -3.97
N PHE G 309 -24.32 -19.51 -4.02
CA PHE G 309 -25.14 -18.32 -4.19
C PHE G 309 -25.55 -18.11 -5.63
N GLY G 310 -24.94 -18.82 -6.59
CA GLY G 310 -25.19 -18.55 -7.99
C GLY G 310 -26.54 -19.03 -8.48
N ARG G 311 -27.14 -20.01 -7.80
CA ARG G 311 -28.40 -20.58 -8.22
C ARG G 311 -29.34 -20.69 -7.04
N PRO G 312 -30.65 -20.53 -7.28
CA PRO G 312 -31.61 -20.64 -6.18
C PRO G 312 -31.83 -22.08 -5.76
N ASN G 313 -32.44 -22.24 -4.59
CA ASN G 313 -32.78 -23.54 -4.01
C ASN G 313 -31.55 -24.43 -3.84
N SER G 314 -30.38 -23.85 -3.62
CA SER G 314 -29.17 -24.62 -3.43
C SER G 314 -29.21 -25.33 -2.08
N ALA G 315 -28.29 -26.27 -1.90
CA ALA G 315 -28.19 -27.00 -0.64
C ALA G 315 -27.89 -26.04 0.50
N LEU G 316 -28.62 -26.18 1.60
CA LEU G 316 -28.48 -25.30 2.76
C LEU G 316 -27.62 -26.00 3.79
N GLU G 317 -26.39 -25.52 3.95
CA GLU G 317 -25.49 -26.05 4.97
C GLU G 317 -25.75 -25.36 6.31
N THR G 318 -25.73 -26.16 7.37
CA THR G 318 -25.95 -25.68 8.73
C THR G 318 -24.61 -25.54 9.44
N HIS G 319 -24.41 -24.41 10.09
CA HIS G 319 -23.18 -24.11 10.82
C HIS G 319 -23.51 -23.83 12.28
N ARG G 320 -22.59 -24.25 13.16
CA ARG G 320 -22.86 -24.17 14.59
C ARG G 320 -22.95 -22.73 15.09
N LEU G 321 -22.25 -21.81 14.45
CA LEU G 321 -22.21 -20.43 14.94
C LEU G 321 -21.74 -19.52 13.82
N VAL G 322 -22.54 -18.51 13.49
CA VAL G 322 -22.23 -17.55 12.45
C VAL G 322 -22.34 -16.15 13.03
N ALA G 323 -21.34 -15.31 12.77
CA ALA G 323 -21.28 -13.95 13.27
C ALA G 323 -21.57 -12.95 12.16
N PHE G 324 -22.41 -11.96 12.46
CA PHE G 324 -22.78 -10.91 11.53
C PHE G 324 -22.44 -9.56 12.13
N LEU G 325 -22.01 -8.63 11.27
CA LEU G 325 -21.72 -7.26 11.68
C LEU G 325 -22.26 -6.32 10.63
N GLU G 326 -23.15 -5.42 11.03
CA GLU G 326 -23.73 -4.44 10.12
C GLU G 326 -22.77 -3.26 10.01
N ARG G 327 -21.90 -3.32 9.00
CA ARG G 327 -20.95 -2.24 8.75
C ARG G 327 -21.68 -1.01 8.21
N ALA G 328 -20.92 0.07 8.04
CA ALA G 328 -21.50 1.31 7.53
C ALA G 328 -22.02 1.14 6.10
N ASP G 329 -21.26 0.45 5.25
CA ASP G 329 -21.59 0.32 3.84
C ASP G 329 -22.02 -1.08 3.43
N SER G 330 -21.94 -2.06 4.32
CA SER G 330 -22.28 -3.44 3.98
C SER G 330 -22.53 -4.22 5.25
N VAL G 331 -22.74 -5.53 5.09
CA VAL G 331 -22.88 -6.46 6.21
C VAL G 331 -21.84 -7.55 6.02
N ILE G 332 -21.03 -7.79 7.05
CA ILE G 332 -19.94 -8.76 7.00
C ILE G 332 -20.32 -9.96 7.85
N SER G 333 -20.32 -11.14 7.25
CA SER G 333 -20.68 -12.37 7.94
C SER G 333 -19.54 -13.36 7.84
N TRP G 334 -19.30 -14.10 8.92
CA TRP G 334 -18.26 -15.12 8.90
C TRP G 334 -18.64 -16.27 9.83
N ASP G 335 -18.19 -17.47 9.44
CA ASP G 335 -18.42 -18.67 10.24
C ASP G 335 -17.41 -18.71 11.37
N ILE G 336 -17.90 -18.82 12.60
CA ILE G 336 -17.04 -18.77 13.78
C ILE G 336 -16.38 -20.14 13.96
N GLN G 337 -15.07 -20.15 14.07
CA GLN G 337 -14.30 -21.36 14.33
C GLN G 337 -13.48 -21.19 15.60
N ASP G 338 -13.17 -22.32 16.24
CA ASP G 338 -12.39 -22.31 17.46
C ASP G 338 -10.96 -21.88 17.16
N GLU G 339 -10.41 -21.02 18.03
CA GLU G 339 -9.05 -20.53 17.83
C GLU G 339 -8.03 -21.65 17.93
N LYS G 340 -8.23 -22.59 18.86
CA LYS G 340 -7.27 -23.66 19.05
C LYS G 340 -7.49 -24.82 18.08
N ASN G 341 -8.49 -24.72 17.21
CA ASN G 341 -8.81 -25.83 16.31
C ASN G 341 -8.32 -25.60 14.88
N VAL G 342 -8.38 -24.37 14.37
CA VAL G 342 -8.06 -24.12 12.97
C VAL G 342 -7.06 -22.97 12.85
N THR G 343 -6.73 -22.34 13.97
CA THR G 343 -5.87 -21.17 13.98
C THR G 343 -4.68 -21.38 14.91
N CYS G 344 -4.01 -22.52 14.74
CA CYS G 344 -2.84 -22.84 15.54
C CYS G 344 -1.65 -21.98 15.10
N GLN G 345 -0.85 -21.55 16.08
CA GLN G 345 0.19 -20.55 15.86
C GLN G 345 1.55 -21.13 15.49
N LEU G 346 1.65 -22.45 15.30
CA LEU G 346 2.92 -23.07 14.94
C LEU G 346 2.76 -23.81 13.62
N THR G 347 3.72 -23.60 12.72
CA THR G 347 3.74 -24.24 11.42
C THR G 347 4.99 -25.11 11.31
N PHE G 348 4.80 -26.35 10.84
CA PHE G 348 5.92 -27.29 10.72
C PHE G 348 6.92 -26.78 9.68
N TRP G 349 8.16 -26.58 10.11
CA TRP G 349 9.21 -26.18 9.19
C TRP G 349 9.99 -27.38 8.67
N GLU G 350 10.64 -28.14 9.56
CA GLU G 350 11.44 -29.26 9.08
C GLU G 350 11.78 -30.20 10.22
N ALA G 351 11.93 -31.47 9.89
CA ALA G 351 12.30 -32.51 10.84
C ALA G 351 13.69 -33.04 10.51
N SER G 352 14.48 -33.29 11.56
CA SER G 352 15.85 -33.79 11.41
C SER G 352 16.06 -34.92 12.40
N GLU G 353 16.40 -36.09 11.90
CA GLU G 353 16.66 -37.25 12.76
C GLU G 353 18.11 -37.35 13.21
N ARG G 354 19.04 -36.80 12.42
CA ARG G 354 20.47 -36.85 12.75
C ARG G 354 20.88 -35.46 13.24
N THR G 355 20.72 -35.26 14.55
CA THR G 355 21.04 -33.99 15.18
C THR G 355 21.92 -34.24 16.39
N ILE G 356 23.02 -33.50 16.50
CA ILE G 356 23.91 -33.57 17.65
C ILE G 356 23.47 -32.57 18.69
N ARG G 357 23.34 -33.02 19.94
CA ARG G 357 22.94 -32.18 21.05
C ARG G 357 24.14 -31.91 21.95
N SER G 358 24.30 -30.64 22.35
CA SER G 358 25.41 -30.24 23.20
C SER G 358 24.89 -29.27 24.24
N GLU G 359 25.64 -29.14 25.34
CA GLU G 359 25.30 -28.25 26.44
C GLU G 359 26.40 -27.22 26.62
N ALA G 360 26.00 -25.97 26.84
CA ALA G 360 26.92 -24.89 27.11
C ALA G 360 26.39 -24.08 28.29
N GLU G 361 27.28 -23.31 28.90
CA GLU G 361 27.00 -22.64 30.18
C GLU G 361 25.65 -21.94 30.21
N ASP G 362 25.09 -21.57 29.06
CA ASP G 362 23.80 -20.89 29.06
C ASP G 362 22.85 -21.39 27.98
N SER G 363 23.17 -22.47 27.25
CA SER G 363 22.31 -22.83 26.13
C SER G 363 22.47 -24.29 25.74
N TYR G 364 21.35 -24.90 25.36
CA TYR G 364 21.37 -26.17 24.66
C TYR G 364 21.53 -25.92 23.17
N HIS G 365 22.47 -26.62 22.54
CA HIS G 365 22.76 -26.46 21.12
C HIS G 365 22.31 -27.71 20.38
N PHE G 366 21.46 -27.53 19.36
CA PHE G 366 21.02 -28.63 18.50
C PHE G 366 21.54 -28.36 17.10
N SER G 367 22.49 -29.16 16.65
CA SER G 367 23.16 -28.96 15.37
C SER G 367 22.75 -30.06 14.40
N SER G 368 22.20 -29.67 13.25
CA SER G 368 21.78 -30.61 12.22
C SER G 368 22.60 -30.35 10.97
N ALA G 369 23.25 -31.41 10.47
CA ALA G 369 24.00 -31.31 9.22
C ALA G 369 23.12 -31.46 7.99
N LYS G 370 21.89 -31.97 8.17
CA LYS G 370 20.96 -32.02 7.05
C LYS G 370 20.62 -30.62 6.56
N MET G 371 20.35 -29.71 7.49
CA MET G 371 20.14 -28.31 7.17
C MET G 371 21.38 -27.46 7.41
N THR G 372 22.46 -28.06 7.91
CA THR G 372 23.72 -27.36 8.18
C THR G 372 23.50 -26.13 9.06
N ALA G 373 22.82 -26.31 10.18
CA ALA G 373 22.54 -25.19 11.07
C ALA G 373 22.38 -25.70 12.50
N THR G 374 22.70 -24.84 13.46
CA THR G 374 22.53 -25.15 14.87
C THR G 374 21.63 -24.11 15.51
N PHE G 375 20.74 -24.56 16.39
CA PHE G 375 19.81 -23.71 17.11
C PHE G 375 20.13 -23.74 18.59
N LEU G 376 20.10 -22.58 19.23
CA LEU G 376 20.45 -22.43 20.63
C LEU G 376 19.20 -22.09 21.43
N SER G 377 18.95 -22.86 22.48
CA SER G 377 17.79 -22.67 23.34
C SER G 377 18.25 -22.44 24.78
N LYS G 378 17.40 -21.76 25.54
CA LYS G 378 17.71 -21.45 26.93
C LYS G 378 17.76 -22.71 27.78
N LYS G 379 18.36 -22.59 28.96
CA LYS G 379 18.53 -23.72 29.87
C LYS G 379 17.23 -24.01 30.64
N GLN G 380 16.17 -24.23 29.87
CA GLN G 380 14.88 -24.59 30.43
C GLN G 380 14.05 -25.26 29.36
N GLU G 381 13.05 -26.03 29.79
CA GLU G 381 12.16 -26.74 28.89
C GLU G 381 10.75 -26.21 29.02
N VAL G 382 10.08 -26.01 27.89
CA VAL G 382 8.69 -25.55 27.89
C VAL G 382 7.78 -26.69 28.32
N ASN G 383 6.83 -26.39 29.20
CA ASN G 383 5.91 -27.41 29.69
C ASN G 383 5.11 -28.00 28.53
N MET G 384 4.99 -29.33 28.53
CA MET G 384 4.30 -30.01 27.44
C MET G 384 2.81 -29.66 27.41
N SER G 385 2.23 -29.32 28.57
CA SER G 385 0.82 -29.01 28.67
C SER G 385 0.51 -27.55 28.35
N ASP G 386 1.39 -26.85 27.63
CA ASP G 386 1.14 -25.46 27.28
C ASP G 386 -0.03 -25.36 26.31
N SER G 387 -0.81 -24.28 26.46
CA SER G 387 -2.00 -24.10 25.64
C SER G 387 -1.66 -23.74 24.20
N ALA G 388 -0.45 -23.25 23.93
CA ALA G 388 -0.07 -22.86 22.58
C ALA G 388 0.45 -24.03 21.74
N LEU G 389 0.63 -25.20 22.34
CA LEU G 389 1.17 -26.36 21.65
C LEU G 389 0.11 -27.41 21.34
N ASP G 390 -1.16 -27.14 21.63
CA ASP G 390 -2.21 -28.15 21.62
C ASP G 390 -2.27 -28.92 20.31
N CYS G 391 -2.65 -28.25 19.23
CA CYS G 391 -2.73 -28.92 17.93
C CYS G 391 -1.37 -29.45 17.48
N VAL G 392 -0.28 -28.93 18.02
CA VAL G 392 1.03 -29.42 17.66
C VAL G 392 1.42 -30.60 18.54
N ARG G 393 0.90 -30.64 19.78
CA ARG G 393 1.35 -31.60 20.78
C ARG G 393 1.27 -33.02 20.26
N ASP G 394 0.12 -33.40 19.70
CA ASP G 394 0.02 -34.71 19.06
C ASP G 394 0.82 -34.75 17.77
N GLU G 395 0.65 -33.73 16.92
CA GLU G 395 1.23 -33.78 15.57
C GLU G 395 2.75 -33.86 15.64
N ALA G 396 3.38 -32.97 16.39
CA ALA G 396 4.83 -33.02 16.55
C ALA G 396 5.29 -34.36 17.11
N ILE G 397 4.48 -34.98 17.95
CA ILE G 397 4.81 -36.32 18.44
C ILE G 397 4.68 -37.33 17.31
N ASN G 398 3.57 -37.26 16.56
CA ASN G 398 3.28 -38.29 15.57
C ASN G 398 4.41 -38.44 14.57
N LYS G 399 4.83 -37.32 13.95
CA LYS G 399 5.95 -37.35 13.03
C LYS G 399 7.16 -37.98 13.68
N LEU G 400 7.47 -37.58 14.92
CA LEU G 400 8.57 -38.17 15.66
C LEU G 400 8.46 -39.69 15.68
N GLN G 401 7.27 -40.19 16.06
CA GLN G 401 7.06 -41.63 16.06
C GLN G 401 7.28 -42.21 14.68
N GLN G 402 6.76 -41.54 13.65
CA GLN G 402 7.00 -41.99 12.28
C GLN G 402 8.48 -42.08 12.00
N ILE G 403 9.24 -41.07 12.41
CA ILE G 403 10.69 -41.11 12.22
C ILE G 403 11.29 -42.27 12.99
N PHE G 404 10.81 -42.49 14.23
CA PHE G 404 11.32 -43.61 15.01
C PHE G 404 10.96 -44.95 14.37
N ASN G 405 9.96 -44.95 13.50
CA ASN G 405 9.58 -46.15 12.76
C ASN G 405 10.07 -46.14 11.32
N THR G 406 10.96 -45.20 10.96
CA THR G 406 11.41 -45.08 9.58
C THR G 406 12.92 -45.22 9.42
N SER G 407 13.72 -44.65 10.30
CA SER G 407 15.16 -44.62 10.07
C SER G 407 15.98 -45.22 11.22
N TYR G 408 15.52 -45.06 12.46
CA TYR G 408 16.30 -45.45 13.63
C TYR G 408 15.51 -46.42 14.50
N ASN G 409 14.96 -47.45 13.88
CA ASN G 409 14.23 -48.49 14.62
C ASN G 409 15.21 -49.54 15.12
N GLN G 410 14.68 -50.66 15.61
CA GLN G 410 15.41 -51.80 16.16
C GLN G 410 16.66 -51.41 16.96
N THR G 411 17.70 -50.91 16.28
CA THR G 411 18.98 -50.65 16.93
C THR G 411 18.99 -49.43 17.83
N TYR G 412 17.92 -48.64 17.84
CA TYR G 412 17.84 -47.45 18.67
C TYR G 412 16.57 -47.47 19.51
N GLU G 413 16.63 -46.78 20.64
CA GLU G 413 15.49 -46.67 21.55
C GLU G 413 15.32 -45.23 21.97
N LYS G 414 14.08 -44.87 22.30
CA LYS G 414 13.76 -43.50 22.71
C LYS G 414 14.32 -43.24 24.10
N TYR G 415 15.21 -42.25 24.21
CA TYR G 415 15.80 -41.88 25.49
C TYR G 415 15.11 -40.62 26.00
N GLY G 416 14.30 -40.77 27.03
CA GLY G 416 13.58 -39.65 27.62
C GLY G 416 12.27 -39.35 26.90
N ASN G 417 11.50 -38.46 27.50
CA ASN G 417 10.23 -38.06 26.94
C ASN G 417 10.39 -36.87 25.98
N VAL G 418 9.33 -36.59 25.24
CA VAL G 418 9.35 -35.48 24.30
C VAL G 418 9.38 -34.16 25.06
N SER G 419 10.26 -33.26 24.65
CA SER G 419 10.44 -31.98 25.30
C SER G 419 10.26 -30.86 24.29
N VAL G 420 9.90 -29.67 24.80
CA VAL G 420 9.67 -28.50 23.97
C VAL G 420 10.65 -27.41 24.39
N PHE G 421 11.35 -26.85 23.41
CA PHE G 421 12.31 -25.78 23.66
C PHE G 421 12.02 -24.60 22.75
N GLU G 422 12.32 -23.41 23.23
CA GLU G 422 12.19 -22.18 22.47
C GLU G 422 13.59 -21.63 22.21
N THR G 423 13.96 -21.52 20.94
CA THR G 423 15.28 -21.06 20.58
C THR G 423 15.38 -19.53 20.70
N THR G 424 16.60 -19.05 20.78
CA THR G 424 16.83 -17.61 20.84
C THR G 424 16.37 -16.90 19.58
N GLY G 425 16.31 -17.60 18.45
CA GLY G 425 15.83 -17.01 17.22
C GLY G 425 14.33 -17.00 17.04
N GLY G 426 13.59 -17.60 17.97
CA GLY G 426 12.15 -17.62 17.93
C GLY G 426 11.54 -18.93 17.46
N LEU G 427 12.34 -19.85 16.92
CA LEU G 427 11.83 -21.12 16.46
C LEU G 427 11.48 -22.02 17.64
N VAL G 428 10.58 -22.98 17.40
CA VAL G 428 10.17 -23.95 18.41
C VAL G 428 10.75 -25.30 18.03
N VAL G 429 11.29 -26.02 19.02
CA VAL G 429 11.93 -27.30 18.78
C VAL G 429 11.24 -28.35 19.64
N PHE G 430 10.73 -29.41 18.99
CA PHE G 430 10.26 -30.59 19.69
C PHE G 430 11.35 -31.65 19.63
N TRP G 431 11.90 -32.01 20.78
CA TRP G 431 13.10 -32.82 20.88
C TRP G 431 12.78 -34.15 21.54
N GLN G 432 13.33 -35.23 20.97
CA GLN G 432 13.21 -36.56 21.57
C GLN G 432 14.56 -37.25 21.46
N GLY G 433 15.27 -37.35 22.59
CA GLY G 433 16.55 -38.02 22.59
C GLY G 433 16.42 -39.49 22.27
N ILE G 434 17.44 -40.02 21.58
CA ILE G 434 17.39 -41.40 21.11
C ILE G 434 18.77 -42.02 21.33
N LYS G 435 18.78 -43.25 21.81
CA LYS G 435 20.03 -43.98 22.05
C LYS G 435 19.91 -45.42 21.58
N THR G 468 8.78 -21.71 32.28
CA THR G 468 8.57 -22.87 31.40
C THR G 468 7.39 -22.63 30.47
N HIS G 469 7.37 -21.47 29.83
CA HIS G 469 6.29 -21.11 28.91
C HIS G 469 6.88 -20.38 27.71
N LEU G 470 6.16 -20.46 26.59
CA LEU G 470 6.57 -19.80 25.37
C LEU G 470 6.39 -18.29 25.47
N SER G 471 7.15 -17.56 24.67
CA SER G 471 7.09 -16.11 24.61
C SER G 471 6.43 -15.68 23.30
N ASN G 472 6.32 -14.37 23.11
CA ASN G 472 5.70 -13.79 21.93
C ASN G 472 6.72 -13.43 20.85
N MET G 473 8.00 -13.75 21.06
CA MET G 473 9.02 -13.44 20.07
C MET G 473 8.81 -14.26 18.81
N GLU G 474 8.91 -13.61 17.66
CA GLU G 474 8.73 -14.26 16.37
C GLU G 474 10.06 -14.75 15.81
N SER G 475 9.98 -15.70 14.89
CA SER G 475 11.18 -16.28 14.29
C SER G 475 11.82 -15.29 13.32
N VAL G 476 13.15 -15.36 13.22
CA VAL G 476 13.89 -14.51 12.30
C VAL G 476 13.74 -15.06 10.89
N HIS G 477 13.40 -14.18 9.94
CA HIS G 477 13.15 -14.61 8.57
C HIS G 477 14.40 -15.20 7.94
N ASN G 478 15.55 -14.58 8.17
CA ASN G 478 16.83 -15.03 7.61
C ASN G 478 17.52 -15.90 8.65
N LEU G 479 17.82 -17.14 8.28
CA LEU G 479 18.42 -18.11 9.19
C LEU G 479 19.93 -18.26 9.02
N VAL G 480 20.56 -17.36 8.26
CA VAL G 480 22.00 -17.48 8.00
C VAL G 480 22.78 -17.45 9.31
N TYR G 481 22.29 -16.67 10.29
CA TYR G 481 22.95 -16.64 11.60
C TYR G 481 23.04 -18.03 12.21
N ALA G 482 21.96 -18.82 12.07
CA ALA G 482 22.01 -20.21 12.53
C ALA G 482 23.10 -20.97 11.78
N GLN G 483 23.17 -20.81 10.46
CA GLN G 483 24.26 -21.39 9.70
C GLN G 483 25.60 -20.86 10.18
N LEU G 484 25.63 -19.60 10.63
CA LEU G 484 26.86 -19.06 11.20
C LEU G 484 27.31 -19.89 12.40
N GLN G 485 26.37 -20.29 13.25
CA GLN G 485 26.70 -21.19 14.34
C GLN G 485 27.23 -22.52 13.81
N PHE G 486 26.64 -23.02 12.72
CA PHE G 486 27.17 -24.22 12.09
C PHE G 486 28.57 -23.99 11.54
N THR G 487 28.89 -22.75 11.17
CA THR G 487 30.25 -22.44 10.76
C THR G 487 31.17 -22.33 11.96
N TYR G 488 30.62 -22.07 13.15
CA TYR G 488 31.42 -21.94 14.36
C TYR G 488 31.48 -23.25 15.12
N ASP G 489 30.32 -23.79 15.51
CA ASP G 489 30.27 -25.00 16.33
C ASP G 489 31.01 -26.16 15.69
N THR G 490 31.01 -26.23 14.36
CA THR G 490 31.84 -27.22 13.67
C THR G 490 33.31 -26.91 13.89
N LEU G 491 33.75 -25.72 13.49
CA LEU G 491 35.17 -25.37 13.62
C LEU G 491 35.60 -25.36 15.08
N ARG G 492 34.78 -24.79 15.96
CA ARG G 492 35.07 -24.85 17.38
C ARG G 492 35.12 -26.30 17.86
N GLY G 493 34.26 -27.14 17.30
CA GLY G 493 34.33 -28.56 17.58
C GLY G 493 35.43 -29.30 16.84
N TYR G 494 36.01 -28.67 15.82
CA TYR G 494 37.09 -29.26 15.06
C TYR G 494 38.45 -28.82 15.56
N ILE G 495 38.71 -27.50 15.53
CA ILE G 495 40.03 -26.97 15.88
C ILE G 495 40.42 -27.40 17.28
N ASN G 496 39.53 -27.20 18.24
CA ASN G 496 39.78 -27.67 19.61
C ASN G 496 40.07 -29.15 19.62
N ARG G 497 39.24 -29.94 18.94
CA ARG G 497 39.52 -31.37 18.84
C ARG G 497 40.84 -31.61 18.13
N ALA G 498 41.14 -30.80 17.10
CA ALA G 498 42.45 -30.86 16.48
C ALA G 498 43.55 -30.61 17.49
N LEU G 499 43.35 -29.61 18.36
CA LEU G 499 44.27 -29.41 19.47
C LEU G 499 44.28 -30.62 20.39
N ALA G 500 43.10 -31.19 20.66
CA ALA G 500 43.02 -32.42 21.43
C ALA G 500 43.70 -33.57 20.70
N GLN G 501 43.89 -33.46 19.39
CA GLN G 501 44.64 -34.44 18.63
C GLN G 501 46.08 -33.99 18.34
N ILE G 502 46.43 -32.76 18.69
CA ILE G 502 47.81 -32.29 18.53
C ILE G 502 48.51 -32.19 19.88
N ALA G 503 47.91 -31.48 20.83
CA ALA G 503 48.53 -31.34 22.15
C ALA G 503 48.70 -32.69 22.82
N GLU G 504 47.68 -33.55 22.72
CA GLU G 504 47.83 -34.92 23.22
C GLU G 504 48.98 -35.63 22.54
N ALA G 505 49.13 -35.40 21.23
CA ALA G 505 50.32 -35.91 20.54
C ALA G 505 51.57 -35.15 20.95
N TRP G 506 51.45 -33.85 21.20
CA TRP G 506 52.61 -33.05 21.57
C TRP G 506 53.09 -33.38 22.99
N CYS G 507 52.16 -33.44 23.94
CA CYS G 507 52.53 -33.67 25.33
C CYS G 507 53.23 -35.01 25.50
N VAL G 508 52.73 -36.04 24.82
CA VAL G 508 53.44 -37.33 24.80
C VAL G 508 54.80 -37.16 24.15
N ASP G 509 54.85 -36.46 23.02
CA ASP G 509 56.11 -36.29 22.30
C ASP G 509 57.13 -35.58 23.18
N GLN G 510 56.75 -34.44 23.77
CA GLN G 510 57.62 -33.77 24.72
C GLN G 510 58.01 -34.68 25.87
N ARG G 511 57.12 -35.60 26.27
CA ARG G 511 57.48 -36.59 27.26
C ARG G 511 58.50 -37.58 26.68
N ARG G 512 58.25 -38.07 25.46
CA ARG G 512 59.13 -39.06 24.87
C ARG G 512 60.53 -38.51 24.68
N THR G 513 60.64 -37.25 24.25
CA THR G 513 61.95 -36.61 24.18
C THR G 513 62.55 -36.43 25.56
N LEU G 514 61.72 -36.09 26.55
CA LEU G 514 62.24 -35.76 27.88
C LEU G 514 63.01 -36.93 28.48
N GLU G 515 62.46 -38.13 28.40
CA GLU G 515 63.16 -39.31 28.89
C GLU G 515 64.48 -39.51 28.15
N VAL G 516 64.48 -39.24 26.84
CA VAL G 516 65.72 -39.29 26.07
C VAL G 516 66.75 -38.34 26.68
N PHE G 517 66.31 -37.16 27.09
CA PHE G 517 67.22 -36.24 27.77
C PHE G 517 67.53 -36.71 29.19
N LYS G 518 66.58 -37.40 29.84
CA LYS G 518 66.73 -37.73 31.24
C LYS G 518 67.98 -38.58 31.49
N GLU G 519 68.21 -39.59 30.65
CA GLU G 519 69.45 -40.33 30.74
C GLU G 519 70.62 -39.58 30.10
N LEU G 520 70.34 -38.76 29.08
CA LEU G 520 71.41 -38.08 28.37
C LEU G 520 72.16 -37.11 29.27
N SER G 521 71.47 -36.54 30.27
CA SER G 521 72.14 -35.65 31.21
C SER G 521 73.24 -36.37 31.97
N LYS G 522 73.12 -37.68 32.15
CA LYS G 522 74.18 -38.43 32.82
C LYS G 522 75.38 -38.64 31.90
N ILE G 523 75.15 -38.65 30.59
CA ILE G 523 76.21 -38.89 29.62
C ILE G 523 76.65 -37.60 28.93
N ASN G 524 75.71 -36.85 28.36
CA ASN G 524 76.02 -35.61 27.65
C ASN G 524 75.17 -34.48 28.22
N PRO G 525 75.62 -33.82 29.29
CA PRO G 525 74.83 -32.74 29.89
C PRO G 525 74.71 -31.49 29.03
N SER G 526 75.47 -31.40 27.93
CA SER G 526 75.44 -30.20 27.11
C SER G 526 74.06 -29.98 26.49
N ALA G 527 73.42 -31.06 26.03
CA ALA G 527 72.08 -30.94 25.45
C ALA G 527 71.07 -30.45 26.48
N ILE G 528 71.15 -30.98 27.70
CA ILE G 528 70.22 -30.57 28.76
C ILE G 528 70.46 -29.11 29.13
N LEU G 529 71.72 -28.71 29.24
CA LEU G 529 72.03 -27.31 29.56
C LEU G 529 71.52 -26.38 28.46
N SER G 530 71.70 -26.76 27.20
CA SER G 530 71.17 -25.95 26.10
C SER G 530 69.65 -25.89 26.13
N ALA G 531 69.00 -27.00 26.45
CA ALA G 531 67.53 -27.01 26.51
C ALA G 531 67.02 -26.11 27.63
N ILE G 532 67.67 -26.15 28.79
CA ILE G 532 67.22 -25.31 29.91
C ILE G 532 67.66 -23.86 29.72
N TYR G 533 68.64 -23.60 28.85
CA TYR G 533 69.02 -22.23 28.53
C TYR G 533 68.35 -21.70 27.28
N ASN G 534 67.90 -22.59 26.39
CA ASN G 534 67.23 -22.24 25.14
C ASN G 534 68.12 -21.39 24.22
N LYS G 535 69.44 -21.44 24.42
CA LYS G 535 70.38 -20.71 23.61
C LYS G 535 71.66 -21.52 23.48
N PRO G 536 72.40 -21.37 22.39
CA PRO G 536 73.68 -22.08 22.25
C PRO G 536 74.73 -21.48 23.17
N ILE G 537 75.40 -22.35 23.94
CA ILE G 537 76.42 -21.93 24.88
C ILE G 537 77.64 -22.82 24.72
N ALA G 538 78.78 -22.31 25.19
CA ALA G 538 80.04 -23.06 25.11
C ALA G 538 80.97 -22.64 26.25
N LEU G 651 59.06 -23.46 9.09
CA LEU G 651 57.97 -24.39 8.80
C LEU G 651 57.20 -23.95 7.56
N ASP G 652 56.35 -22.93 7.74
CA ASP G 652 55.55 -22.42 6.63
C ASP G 652 55.14 -20.99 6.94
N ILE G 653 54.75 -20.26 5.88
CA ILE G 653 54.23 -18.92 6.02
C ILE G 653 52.75 -19.00 6.38
N ASP G 654 52.16 -17.88 6.80
CA ASP G 654 50.76 -17.84 7.16
C ASP G 654 49.97 -16.99 6.18
N PRO G 655 49.33 -17.59 5.16
CA PRO G 655 48.53 -16.81 4.21
C PRO G 655 47.22 -16.30 4.77
N LEU G 656 46.90 -16.58 6.04
CA LEU G 656 45.65 -16.12 6.63
C LEU G 656 45.71 -14.63 6.90
N GLU G 657 45.45 -13.83 5.88
CA GLU G 657 45.51 -12.37 5.99
C GLU G 657 44.15 -11.84 6.42
N ASN G 658 44.05 -10.51 6.51
CA ASN G 658 42.82 -9.85 6.94
C ASN G 658 41.90 -9.69 5.73
N THR G 659 40.91 -10.57 5.61
CA THR G 659 39.92 -10.52 4.55
C THR G 659 38.68 -9.73 4.96
N ASP G 660 38.83 -8.41 5.08
CA ASP G 660 37.72 -7.55 5.50
C ASP G 660 36.56 -7.63 4.52
N PHE G 661 35.44 -8.18 4.99
CA PHE G 661 34.26 -8.33 4.15
C PHE G 661 33.60 -6.97 3.91
N ARG G 662 33.13 -6.76 2.70
CA ARG G 662 32.37 -5.57 2.35
C ARG G 662 30.89 -5.90 2.23
N VAL G 663 30.07 -4.85 2.23
CA VAL G 663 28.62 -5.03 2.17
C VAL G 663 28.23 -5.43 0.75
N LEU G 664 28.01 -6.72 0.53
CA LEU G 664 27.62 -7.25 -0.78
C LEU G 664 26.11 -7.08 -0.94
N GLU G 665 25.70 -5.87 -1.30
CA GLU G 665 24.31 -5.57 -1.60
C GLU G 665 24.05 -5.99 -3.04
N LEU G 666 23.35 -7.12 -3.21
CA LEU G 666 23.07 -7.62 -4.56
C LEU G 666 22.20 -6.66 -5.33
N TYR G 667 21.20 -6.07 -4.68
CA TYR G 667 20.32 -5.10 -5.30
C TYR G 667 20.39 -3.79 -4.52
N SER G 668 20.59 -2.68 -5.23
CA SER G 668 20.67 -1.38 -4.60
C SER G 668 19.28 -0.96 -4.10
N GLN G 669 19.28 0.11 -3.30
CA GLN G 669 18.02 0.62 -2.75
C GLN G 669 17.06 1.06 -3.85
N LYS G 670 17.59 1.66 -4.92
CA LYS G 670 16.74 2.00 -6.06
C LYS G 670 16.12 0.75 -6.67
N GLU G 671 16.91 -0.31 -6.80
CA GLU G 671 16.38 -1.57 -7.32
C GLU G 671 15.39 -2.20 -6.34
N LEU G 672 15.67 -2.09 -5.03
CA LEU G 672 14.78 -2.66 -4.04
C LEU G 672 13.43 -1.94 -4.01
N ARG G 673 13.41 -0.64 -4.27
CA ARG G 673 12.15 0.10 -4.27
C ARG G 673 11.29 -0.20 -5.48
N SER G 674 11.85 -0.86 -6.50
CA SER G 674 11.13 -1.17 -7.73
C SER G 674 10.98 -2.68 -7.94
N ILE G 675 10.99 -3.46 -6.86
CA ILE G 675 10.82 -4.90 -6.98
C ILE G 675 9.40 -5.23 -7.44
N ASN G 676 8.41 -4.61 -6.83
CA ASN G 676 7.01 -4.86 -7.14
C ASN G 676 6.46 -3.81 -8.10
N VAL G 677 5.41 -4.19 -8.82
CA VAL G 677 4.77 -3.28 -9.77
C VAL G 677 3.93 -2.22 -9.11
N PHE G 678 3.69 -2.33 -7.80
CA PHE G 678 2.93 -1.34 -7.05
C PHE G 678 3.83 -0.70 -6.01
N ASP G 679 3.87 0.63 -6.01
CA ASP G 679 4.59 1.41 -5.00
C ASP G 679 3.59 2.27 -4.25
N LEU G 680 3.56 2.13 -2.92
CA LEU G 680 2.56 2.84 -2.13
C LEU G 680 2.75 4.36 -2.21
N GLU G 681 4.00 4.83 -2.17
CA GLU G 681 4.24 6.27 -2.23
C GLU G 681 3.73 6.87 -3.53
N GLU G 682 3.98 6.18 -4.65
CA GLU G 682 3.51 6.68 -5.95
C GLU G 682 1.99 6.69 -6.02
N ILE G 683 1.34 5.66 -5.47
CA ILE G 683 -0.12 5.62 -5.47
C ILE G 683 -0.70 6.75 -4.63
N MET G 684 -0.11 7.00 -3.46
CA MET G 684 -0.59 8.09 -2.62
C MET G 684 -0.36 9.44 -3.27
N ARG G 685 0.78 9.62 -3.94
CA ARG G 685 1.03 10.86 -4.66
C ARG G 685 0.03 11.05 -5.79
N GLU G 686 -0.32 9.96 -6.49
CA GLU G 686 -1.31 10.05 -7.55
C GLU G 686 -2.69 10.40 -6.99
N PHE G 687 -3.03 9.83 -5.82
CA PHE G 687 -4.30 10.19 -5.18
C PHE G 687 -4.32 11.66 -4.77
N ASN G 688 -3.19 12.16 -4.26
CA ASN G 688 -3.09 13.57 -3.93
C ASN G 688 -3.23 14.44 -5.17
N SER G 689 -2.62 14.02 -6.28
CA SER G 689 -2.76 14.75 -7.54
C SER G 689 -4.21 14.74 -8.02
N TYR G 690 -4.90 13.61 -7.84
CA TYR G 690 -6.32 13.55 -8.18
C TYR G 690 -7.14 14.53 -7.34
N LYS G 691 -6.85 14.60 -6.04
CA LYS G 691 -7.55 15.55 -5.18
C LYS G 691 -7.27 16.99 -5.61
N GLN G 692 -6.02 17.29 -5.97
CA GLN G 692 -5.70 18.63 -6.47
C GLN G 692 -6.43 18.92 -7.77
N ARG G 693 -6.49 17.94 -8.68
CA ARG G 693 -7.16 18.16 -9.95
C ARG G 693 -8.66 18.36 -9.77
N VAL G 694 -9.28 17.72 -8.79
CA VAL G 694 -10.72 17.89 -8.59
C VAL G 694 -11.07 19.08 -7.71
N LYS G 695 -10.13 19.58 -6.90
CA LYS G 695 -10.42 20.71 -6.02
C LYS G 695 -9.55 21.92 -6.31
N TYR G 696 -8.22 21.76 -6.43
CA TYR G 696 -7.33 22.91 -6.56
C TYR G 696 -7.51 23.62 -7.90
N VAL G 697 -7.89 22.89 -8.95
CA VAL G 697 -8.06 23.48 -10.27
C VAL G 697 -9.12 24.56 -10.26
N GLU G 698 -10.11 24.46 -9.37
CA GLU G 698 -11.14 25.48 -9.25
C GLU G 698 -10.55 26.86 -8.97
N GLN H 1 -30.34 -37.28 0.53
CA GLN H 1 -29.19 -37.62 1.38
C GLN H 1 -29.67 -38.01 2.78
N VAL H 2 -30.80 -37.45 3.19
CA VAL H 2 -31.41 -37.73 4.49
C VAL H 2 -32.58 -38.67 4.27
N GLN H 3 -32.61 -39.77 5.04
CA GLN H 3 -33.64 -40.78 4.84
C GLN H 3 -35.04 -40.24 5.12
N LEU H 4 -35.19 -39.47 6.20
CA LEU H 4 -36.48 -38.93 6.61
C LEU H 4 -37.52 -40.04 6.81
N VAL H 5 -37.25 -40.90 7.79
CA VAL H 5 -38.12 -42.02 8.06
C VAL H 5 -39.48 -41.53 8.53
N GLN H 6 -40.51 -42.35 8.28
CA GLN H 6 -41.88 -41.99 8.61
C GLN H 6 -42.54 -43.17 9.31
N SER H 7 -43.61 -42.88 10.05
CA SER H 7 -44.34 -43.92 10.77
C SER H 7 -44.99 -44.89 9.80
N GLY H 8 -45.41 -46.03 10.35
CA GLY H 8 -45.98 -47.10 9.55
C GLY H 8 -47.39 -46.78 9.09
N ALA H 9 -47.99 -47.77 8.43
CA ALA H 9 -49.33 -47.63 7.89
C ALA H 9 -50.34 -47.42 9.02
N GLU H 10 -51.27 -46.49 8.82
CA GLU H 10 -52.30 -46.17 9.80
C GLU H 10 -53.68 -46.35 9.18
N VAL H 11 -54.58 -46.97 9.94
CA VAL H 11 -55.95 -47.21 9.50
C VAL H 11 -56.89 -46.46 10.43
N LYS H 12 -57.72 -45.59 9.86
CA LYS H 12 -58.66 -44.80 10.65
C LYS H 12 -59.89 -44.50 9.81
N LYS H 13 -61.05 -44.56 10.43
CA LYS H 13 -62.31 -44.22 9.78
C LYS H 13 -62.41 -42.71 9.56
N PRO H 14 -63.20 -42.27 8.60
CA PRO H 14 -63.35 -40.83 8.36
C PRO H 14 -64.13 -40.17 9.49
N GLY H 15 -64.13 -38.84 9.46
CA GLY H 15 -64.81 -38.06 10.47
C GLY H 15 -63.92 -37.56 11.60
N GLU H 16 -63.16 -38.47 12.21
CA GLU H 16 -62.30 -38.09 13.32
C GLU H 16 -60.98 -37.53 12.78
N SER H 17 -60.02 -37.32 13.68
CA SER H 17 -58.75 -36.71 13.35
C SER H 17 -57.68 -37.76 13.07
N LEU H 18 -56.72 -37.40 12.22
CA LEU H 18 -55.61 -38.27 11.85
C LEU H 18 -54.30 -37.65 12.32
N LYS H 19 -53.47 -38.47 12.96
CA LYS H 19 -52.16 -38.06 13.45
C LYS H 19 -51.09 -38.86 12.73
N ILE H 20 -50.10 -38.16 12.17
CA ILE H 20 -48.99 -38.79 11.46
C ILE H 20 -47.69 -38.20 12.00
N SER H 21 -46.74 -39.08 12.34
CA SER H 21 -45.42 -38.66 12.80
C SER H 21 -44.38 -38.99 11.74
N CYS H 22 -43.48 -38.04 11.47
CA CYS H 22 -42.45 -38.21 10.45
C CYS H 22 -41.13 -37.73 11.04
N LYS H 23 -40.29 -38.67 11.45
CA LYS H 23 -39.02 -38.34 12.08
C LYS H 23 -38.04 -37.78 11.05
N GLY H 24 -37.26 -36.79 11.48
CA GLY H 24 -36.23 -36.22 10.63
C GLY H 24 -34.92 -36.95 10.74
N SER H 25 -34.86 -38.15 10.18
CA SER H 25 -33.68 -39.00 10.27
C SER H 25 -32.61 -38.52 9.29
N GLY H 26 -31.55 -39.30 9.15
CA GLY H 26 -30.45 -38.94 8.27
C GLY H 26 -29.42 -38.07 8.96
N TYR H 27 -29.80 -36.85 9.30
CA TYR H 27 -28.91 -35.92 9.97
C TYR H 27 -29.74 -34.83 10.64
N THR H 28 -29.28 -34.37 11.80
CA THR H 28 -29.95 -33.29 12.50
C THR H 28 -29.91 -32.01 11.67
N PHE H 29 -31.08 -31.58 11.18
CA PHE H 29 -31.16 -30.47 10.24
C PHE H 29 -32.21 -29.48 10.70
N THR H 30 -31.94 -28.20 10.42
CA THR H 30 -32.90 -27.11 10.60
C THR H 30 -32.88 -26.18 9.40
N ASN H 31 -32.54 -26.71 8.23
CA ASN H 31 -32.33 -25.92 7.02
C ASN H 31 -33.23 -26.33 5.87
N TYR H 32 -33.53 -27.62 5.74
CA TYR H 32 -34.29 -28.12 4.60
C TYR H 32 -35.78 -27.95 4.85
N TRP H 33 -36.46 -27.26 3.93
CA TRP H 33 -37.88 -27.01 4.07
C TRP H 33 -38.66 -28.31 4.02
N ILE H 34 -39.81 -28.32 4.71
CA ILE H 34 -40.62 -29.53 4.86
C ILE H 34 -41.84 -29.44 3.96
N GLY H 35 -42.07 -30.51 3.20
CA GLY H 35 -43.24 -30.61 2.35
C GLY H 35 -44.06 -31.86 2.62
N TRP H 36 -45.34 -31.67 2.93
CA TRP H 36 -46.28 -32.76 3.13
C TRP H 36 -47.19 -32.84 1.91
N VAL H 37 -47.25 -34.03 1.30
CA VAL H 37 -48.04 -34.26 0.09
C VAL H 37 -48.86 -35.53 0.27
N ARG H 38 -49.81 -35.72 -0.64
CA ARG H 38 -50.61 -36.93 -0.70
C ARG H 38 -50.62 -37.46 -2.12
N GLN H 39 -50.71 -38.79 -2.25
CA GLN H 39 -50.74 -39.44 -3.55
C GLN H 39 -51.87 -40.46 -3.58
N MET H 40 -52.62 -40.45 -4.67
CA MET H 40 -53.73 -41.37 -4.89
C MET H 40 -53.55 -42.12 -6.20
N PRO H 41 -54.10 -43.33 -6.32
CA PRO H 41 -53.91 -44.11 -7.55
C PRO H 41 -54.49 -43.38 -8.77
N GLY H 42 -53.80 -43.53 -9.90
CA GLY H 42 -54.22 -42.91 -11.14
C GLY H 42 -53.67 -41.52 -11.38
N ALA H 43 -52.90 -40.96 -10.46
CA ALA H 43 -52.35 -39.62 -10.62
C ALA H 43 -51.07 -39.52 -9.79
N GLY H 44 -50.34 -38.43 -10.00
CA GLY H 44 -49.09 -38.20 -9.30
C GLY H 44 -49.29 -37.52 -7.95
N LEU H 45 -48.20 -36.98 -7.43
CA LEU H 45 -48.20 -36.33 -6.13
C LEU H 45 -48.70 -34.90 -6.25
N GLU H 46 -49.45 -34.48 -5.24
CA GLU H 46 -49.99 -33.12 -5.16
C GLU H 46 -49.56 -32.50 -3.85
N TRP H 47 -49.02 -31.28 -3.91
CA TRP H 47 -48.55 -30.61 -2.72
C TRP H 47 -49.72 -30.21 -1.83
N MET H 48 -49.52 -30.33 -0.51
CA MET H 48 -50.53 -29.93 0.45
C MET H 48 -50.02 -29.02 1.55
N ALA H 49 -48.74 -29.09 1.91
CA ALA H 49 -48.19 -28.22 2.94
C ALA H 49 -46.72 -27.97 2.64
N ILE H 50 -46.31 -26.70 2.65
CA ILE H 50 -44.92 -26.30 2.49
C ILE H 50 -44.58 -25.37 3.65
N ILE H 51 -43.61 -25.76 4.47
CA ILE H 51 -43.30 -25.06 5.71
C ILE H 51 -41.79 -25.00 5.93
N PHE H 52 -41.39 -24.13 6.84
CA PHE H 52 -40.00 -23.99 7.24
C PHE H 52 -39.55 -25.19 8.05
N PRO H 53 -38.23 -25.42 8.16
CA PRO H 53 -37.74 -26.57 8.93
C PRO H 53 -38.01 -26.46 10.43
N ARG H 54 -37.62 -25.34 11.03
CA ARG H 54 -37.63 -25.21 12.48
C ARG H 54 -39.01 -24.93 13.07
N ASP H 55 -39.98 -24.55 12.25
CA ASP H 55 -41.34 -24.28 12.74
C ASP H 55 -42.31 -24.66 11.63
N SER H 56 -43.55 -24.23 11.76
CA SER H 56 -44.56 -24.55 10.75
C SER H 56 -45.66 -23.50 10.77
N TYR H 57 -46.26 -23.28 9.61
CA TYR H 57 -47.39 -22.38 9.48
C TYR H 57 -48.53 -22.97 8.66
N SER H 58 -48.36 -24.16 8.07
CA SER H 58 -49.41 -24.84 7.32
C SER H 58 -49.94 -23.94 6.20
N ALA H 59 -49.06 -23.64 5.24
CA ALA H 59 -49.45 -22.79 4.12
C ALA H 59 -50.30 -23.55 3.12
N TYR H 60 -51.59 -23.22 3.05
CA TYR H 60 -52.50 -23.90 2.12
C TYR H 60 -53.57 -22.89 1.66
N SER H 61 -53.33 -22.31 0.49
CA SER H 61 -54.26 -21.33 -0.06
C SER H 61 -55.41 -21.98 -0.83
N PRO H 62 -55.16 -22.81 -1.86
CA PRO H 62 -56.29 -23.32 -2.66
C PRO H 62 -56.85 -24.67 -2.24
N SER H 63 -56.21 -25.40 -1.32
CA SER H 63 -56.56 -26.78 -1.04
C SER H 63 -56.77 -26.97 0.46
N PHE H 64 -57.96 -27.44 0.83
CA PHE H 64 -58.25 -27.98 2.16
C PHE H 64 -57.94 -26.96 3.26
N GLN H 65 -58.69 -25.86 3.24
CA GLN H 65 -58.51 -24.82 4.24
C GLN H 65 -58.98 -25.31 5.61
N GLY H 66 -58.05 -25.32 6.57
CA GLY H 66 -58.38 -25.69 7.93
C GLY H 66 -58.30 -27.18 8.21
N ARG H 67 -58.07 -27.98 7.18
CA ARG H 67 -58.03 -29.43 7.34
C ARG H 67 -56.63 -29.97 7.61
N VAL H 68 -55.59 -29.15 7.49
CA VAL H 68 -54.20 -29.57 7.69
C VAL H 68 -53.58 -28.70 8.77
N THR H 69 -52.91 -29.34 9.73
CA THR H 69 -52.17 -28.61 10.75
C THR H 69 -50.83 -29.33 10.98
N ILE H 70 -49.74 -28.59 10.81
CA ILE H 70 -48.40 -29.13 11.02
C ILE H 70 -47.71 -28.30 12.09
N SER H 71 -46.95 -28.97 12.96
CA SER H 71 -46.22 -28.31 14.02
C SER H 71 -44.71 -28.44 13.85
N VAL H 72 -44.20 -29.67 13.71
CA VAL H 72 -42.76 -29.96 13.61
C VAL H 72 -42.04 -29.37 14.82
N ASP H 73 -40.72 -29.33 14.78
CA ASP H 73 -39.89 -28.82 15.86
C ASP H 73 -38.48 -28.59 15.30
N LYS H 74 -37.57 -28.12 16.15
CA LYS H 74 -36.20 -27.87 15.76
C LYS H 74 -35.35 -29.11 15.99
N SER H 75 -34.04 -28.97 15.77
CA SER H 75 -33.07 -30.04 15.96
C SER H 75 -33.45 -31.30 15.17
N ILE H 76 -34.03 -32.28 15.87
CA ILE H 76 -34.38 -33.54 15.22
C ILE H 76 -35.46 -33.35 14.16
N SER H 77 -36.29 -32.31 14.28
CA SER H 77 -37.30 -31.94 13.28
C SER H 77 -38.28 -33.09 13.05
N THR H 78 -39.02 -33.41 14.11
CA THR H 78 -40.06 -34.43 14.06
C THR H 78 -41.36 -33.78 13.59
N ALA H 79 -41.70 -34.01 12.33
CA ALA H 79 -42.90 -33.41 11.77
C ALA H 79 -44.15 -34.11 12.25
N TYR H 80 -45.19 -33.34 12.55
CA TYR H 80 -46.47 -33.85 13.02
C TYR H 80 -47.57 -33.35 12.10
N LEU H 81 -48.20 -34.27 11.37
CA LEU H 81 -49.34 -33.94 10.52
C LEU H 81 -50.63 -34.26 11.25
N HIS H 82 -51.55 -33.31 11.29
CA HIS H 82 -52.84 -33.50 11.94
C HIS H 82 -53.94 -33.10 10.97
N TRP H 83 -54.92 -33.99 10.81
CA TRP H 83 -56.04 -33.77 9.92
C TRP H 83 -57.34 -33.82 10.70
N SER H 84 -58.24 -32.88 10.40
CA SER H 84 -59.55 -32.81 11.03
C SER H 84 -60.63 -32.97 9.96
N SER H 85 -61.74 -33.59 10.36
CA SER H 85 -62.86 -33.86 9.46
C SER H 85 -62.41 -34.69 8.25
N LEU H 86 -61.95 -35.91 8.56
CA LEU H 86 -61.49 -36.82 7.51
C LEU H 86 -62.64 -37.19 6.59
N GLU H 87 -62.36 -37.19 5.29
CA GLU H 87 -63.36 -37.49 4.27
C GLU H 87 -62.90 -38.67 3.42
N ALA H 88 -63.83 -39.22 2.63
CA ALA H 88 -63.51 -40.37 1.80
C ALA H 88 -62.48 -40.04 0.74
N SER H 89 -62.43 -38.79 0.28
CA SER H 89 -61.45 -38.39 -0.73
C SER H 89 -60.03 -38.34 -0.18
N ASP H 90 -59.85 -38.43 1.13
CA ASP H 90 -58.54 -38.36 1.75
C ASP H 90 -57.86 -39.72 1.86
N THR H 91 -58.53 -40.79 1.44
CA THR H 91 -57.92 -42.13 1.45
C THR H 91 -56.80 -42.17 0.40
N ALA H 92 -55.56 -42.13 0.86
CA ALA H 92 -54.41 -41.99 -0.03
C ALA H 92 -53.15 -42.22 0.80
N VAL H 93 -52.00 -42.14 0.14
CA VAL H 93 -50.71 -42.34 0.81
C VAL H 93 -50.09 -40.97 1.05
N TYR H 94 -49.86 -40.64 2.32
CA TYR H 94 -49.26 -39.38 2.70
C TYR H 94 -47.75 -39.51 2.78
N TYR H 95 -47.05 -38.48 2.27
CA TYR H 95 -45.61 -38.46 2.22
C TYR H 95 -45.08 -37.17 2.83
N CYS H 96 -44.00 -37.29 3.60
CA CYS H 96 -43.25 -36.16 4.10
C CYS H 96 -41.88 -36.13 3.44
N ALA H 97 -41.43 -34.94 3.06
CA ALA H 97 -40.17 -34.81 2.36
C ALA H 97 -39.47 -33.53 2.78
N ILE H 98 -38.16 -33.50 2.57
CA ILE H 98 -37.39 -32.26 2.68
C ILE H 98 -37.27 -31.65 1.29
N TYR H 99 -37.35 -30.33 1.22
CA TYR H 99 -37.39 -29.66 -0.08
C TYR H 99 -36.10 -29.89 -0.86
N ASN H 100 -34.95 -29.76 -0.20
CA ASN H 100 -33.66 -29.96 -0.85
C ASN H 100 -32.60 -30.19 0.22
N ASP H 101 -31.96 -31.35 0.19
CA ASP H 101 -30.84 -31.62 1.10
C ASP H 101 -29.50 -31.28 0.45
N LEU H 102 -29.18 -31.95 -0.66
CA LEU H 102 -27.94 -31.72 -1.39
C LEU H 102 -28.22 -31.84 -2.88
N ARG H 103 -27.82 -30.83 -3.64
CA ARG H 103 -27.95 -30.82 -5.11
C ARG H 103 -29.40 -31.06 -5.53
N SER H 104 -30.29 -30.20 -5.05
CA SER H 104 -31.72 -30.24 -5.37
C SER H 104 -32.36 -31.56 -4.98
N GLY H 105 -31.84 -32.23 -3.96
CA GLY H 105 -32.34 -33.53 -3.56
C GLY H 105 -33.53 -33.47 -2.62
N ASN H 106 -34.71 -33.75 -3.16
CA ASN H 106 -35.94 -33.81 -2.37
C ASN H 106 -36.19 -35.26 -2.00
N SER H 107 -35.74 -35.65 -0.80
CA SER H 107 -35.88 -37.03 -0.33
C SER H 107 -37.23 -37.17 0.36
N TRP H 108 -38.04 -38.11 -0.10
CA TRP H 108 -39.36 -38.34 0.46
C TRP H 108 -39.28 -39.33 1.62
N GLY H 109 -40.37 -39.40 2.39
CA GLY H 109 -40.45 -40.37 3.47
C GLY H 109 -40.90 -41.73 3.00
N GLN H 110 -41.06 -42.64 3.95
CA GLN H 110 -41.52 -43.99 3.64
C GLN H 110 -42.95 -44.00 3.12
N GLY H 111 -43.80 -43.09 3.60
CA GLY H 111 -45.17 -43.02 3.15
C GLY H 111 -46.14 -43.80 4.00
N THR H 112 -47.15 -43.12 4.55
CA THR H 112 -48.17 -43.76 5.36
C THR H 112 -49.46 -43.87 4.57
N PRO H 113 -49.92 -45.08 4.25
CA PRO H 113 -51.20 -45.23 3.53
C PRO H 113 -52.39 -45.13 4.49
N LEU H 114 -53.13 -44.03 4.40
CA LEU H 114 -54.40 -43.90 5.08
C LEU H 114 -55.48 -44.51 4.19
N ILE H 115 -55.94 -45.70 4.58
CA ILE H 115 -56.92 -46.47 3.81
C ILE H 115 -58.01 -46.95 4.75
N VAL H 116 -59.26 -46.82 4.30
CA VAL H 116 -60.43 -47.25 5.06
C VAL H 116 -60.89 -48.58 4.49
N SER H 117 -60.81 -49.64 5.30
CA SER H 117 -61.19 -50.97 4.88
C SER H 117 -61.50 -51.80 6.13
N SER H 118 -61.81 -53.07 5.91
CA SER H 118 -62.13 -53.97 7.02
C SER H 118 -61.01 -54.98 7.23
N ASP I 1 -50.78 -19.32 -12.95
CA ASP I 1 -50.72 -20.74 -13.23
C ASP I 1 -49.82 -21.02 -14.43
N ILE I 2 -49.20 -22.19 -14.45
CA ILE I 2 -48.31 -22.60 -15.52
C ILE I 2 -48.71 -23.98 -16.01
N GLN I 3 -48.33 -24.29 -17.24
CA GLN I 3 -48.63 -25.58 -17.85
C GLN I 3 -47.44 -26.52 -17.72
N MET I 4 -47.71 -27.81 -17.85
CA MET I 4 -46.67 -28.83 -17.78
C MET I 4 -47.11 -30.04 -18.59
N THR I 5 -46.27 -30.47 -19.53
CA THR I 5 -46.59 -31.61 -20.40
C THR I 5 -45.36 -32.51 -20.46
N GLN I 6 -45.53 -33.76 -20.02
CA GLN I 6 -44.47 -34.76 -20.09
C GLN I 6 -44.83 -35.77 -21.17
N SER I 7 -43.94 -35.94 -22.14
CA SER I 7 -44.18 -36.78 -23.30
C SER I 7 -43.14 -37.88 -23.41
N PRO I 8 -43.52 -39.08 -23.87
CA PRO I 8 -44.86 -39.50 -24.28
C PRO I 8 -45.73 -39.89 -23.10
N SER I 9 -47.06 -39.89 -23.28
CA SER I 9 -47.95 -40.32 -22.21
C SER I 9 -47.75 -41.79 -21.87
N SER I 10 -47.57 -42.63 -22.88
CA SER I 10 -47.30 -44.04 -22.68
C SER I 10 -46.47 -44.56 -23.84
N LEU I 11 -45.48 -45.38 -23.52
CA LEU I 11 -44.60 -45.93 -24.54
C LEU I 11 -44.01 -47.24 -24.03
N SER I 12 -43.54 -48.06 -24.98
CA SER I 12 -42.96 -49.35 -24.66
C SER I 12 -41.68 -49.52 -25.47
N ALA I 13 -40.72 -50.23 -24.87
CA ALA I 13 -39.44 -50.49 -25.53
C ALA I 13 -38.85 -51.77 -24.96
N SER I 14 -37.91 -52.34 -25.71
CA SER I 14 -37.26 -53.58 -25.31
C SER I 14 -36.10 -53.30 -24.36
N VAL I 15 -35.44 -54.37 -23.93
CA VAL I 15 -34.33 -54.25 -22.99
C VAL I 15 -33.08 -53.79 -23.74
N GLY I 16 -32.45 -52.74 -23.24
CA GLY I 16 -31.22 -52.25 -23.84
C GLY I 16 -31.42 -51.32 -25.01
N ASP I 17 -32.40 -50.42 -24.93
CA ASP I 17 -32.68 -49.46 -25.99
C ASP I 17 -32.65 -48.04 -25.41
N ARG I 18 -31.93 -47.15 -26.08
CA ARG I 18 -31.88 -45.76 -25.65
C ARG I 18 -33.21 -45.08 -25.93
N VAL I 19 -33.75 -44.41 -24.92
CA VAL I 19 -35.07 -43.78 -25.01
C VAL I 19 -34.97 -42.36 -24.45
N THR I 20 -35.63 -41.42 -25.13
CA THR I 20 -35.64 -40.02 -24.73
C THR I 20 -37.06 -39.60 -24.38
N ILE I 21 -37.23 -38.97 -23.22
CA ILE I 21 -38.52 -38.47 -22.76
C ILE I 21 -38.42 -36.97 -22.55
N THR I 22 -39.43 -36.24 -23.04
CA THR I 22 -39.40 -34.79 -23.06
C THR I 22 -40.34 -34.22 -22.00
N CYS I 23 -40.02 -33.00 -21.55
CA CYS I 23 -40.82 -32.28 -20.59
C CYS I 23 -40.86 -30.83 -21.01
N ARG I 24 -42.06 -30.25 -21.08
CA ARG I 24 -42.25 -28.89 -21.53
C ARG I 24 -43.09 -28.13 -20.50
N ALA I 25 -42.80 -26.85 -20.32
CA ALA I 25 -43.51 -26.03 -19.35
C ALA I 25 -43.40 -24.57 -19.77
N SER I 26 -44.26 -23.74 -19.18
CA SER I 26 -44.27 -22.30 -19.43
C SER I 26 -43.55 -21.53 -18.33
N GLN I 27 -42.50 -22.11 -17.76
CA GLN I 27 -41.77 -21.45 -16.68
C GLN I 27 -41.06 -20.21 -17.20
N SER I 28 -41.02 -19.17 -16.36
CA SER I 28 -40.34 -17.94 -16.74
C SER I 28 -38.85 -18.14 -16.93
N ILE I 29 -38.22 -18.92 -16.04
CA ILE I 29 -36.79 -19.17 -16.08
C ILE I 29 -36.55 -20.68 -16.02
N THR I 30 -35.28 -21.06 -15.99
CA THR I 30 -34.92 -22.47 -16.01
C THR I 30 -35.38 -23.20 -14.76
N LYS I 31 -35.34 -22.53 -13.61
CA LYS I 31 -35.68 -23.11 -12.31
C LYS I 31 -34.73 -24.27 -12.05
N TYR I 32 -35.21 -25.47 -11.73
CA TYR I 32 -34.33 -26.61 -11.51
C TYR I 32 -34.60 -27.76 -12.48
N LEU I 33 -35.88 -28.14 -12.67
CA LEU I 33 -36.29 -29.16 -13.62
C LEU I 33 -35.58 -30.50 -13.33
N ASN I 34 -35.88 -31.02 -12.15
CA ASN I 34 -35.40 -32.34 -11.76
C ASN I 34 -36.26 -33.42 -12.39
N TRP I 35 -35.71 -34.63 -12.47
CA TRP I 35 -36.43 -35.78 -13.00
C TRP I 35 -36.41 -36.90 -11.96
N TYR I 36 -37.56 -37.55 -11.80
CA TYR I 36 -37.81 -38.52 -10.75
C TYR I 36 -37.92 -39.93 -11.34
N GLN I 37 -38.25 -40.88 -10.45
CA GLN I 37 -38.50 -42.27 -10.80
C GLN I 37 -39.44 -42.87 -9.77
N GLN I 38 -40.52 -43.50 -10.23
CA GLN I 38 -41.47 -44.13 -9.34
C GLN I 38 -41.89 -45.48 -9.91
N LYS I 39 -42.28 -46.38 -9.02
CA LYS I 39 -42.81 -47.69 -9.34
C LYS I 39 -44.15 -47.90 -8.65
N PRO I 40 -45.03 -48.74 -9.21
CA PRO I 40 -46.32 -48.98 -8.56
C PRO I 40 -46.15 -49.59 -7.18
N GLY I 41 -46.74 -48.93 -6.18
CA GLY I 41 -46.59 -49.37 -4.80
C GLY I 41 -45.32 -48.93 -4.11
N ARG I 42 -44.52 -48.06 -4.75
CA ARG I 42 -43.27 -47.59 -4.18
C ARG I 42 -43.25 -46.07 -4.18
N ALA I 43 -42.53 -45.51 -3.23
CA ALA I 43 -42.40 -44.06 -3.13
C ALA I 43 -41.54 -43.53 -4.28
N PRO I 44 -41.84 -42.32 -4.75
CA PRO I 44 -41.03 -41.74 -5.83
C PRO I 44 -39.61 -41.44 -5.38
N LYS I 45 -38.68 -41.54 -6.33
CA LYS I 45 -37.27 -41.27 -6.08
C LYS I 45 -36.70 -40.44 -7.22
N LEU I 46 -35.77 -39.55 -6.90
CA LEU I 46 -35.20 -38.68 -7.91
C LEU I 46 -34.26 -39.45 -8.84
N LEU I 47 -34.08 -38.90 -10.04
CA LEU I 47 -33.09 -39.41 -10.99
C LEU I 47 -32.04 -38.38 -11.34
N ILE I 48 -32.46 -37.16 -11.68
CA ILE I 48 -31.53 -36.10 -12.08
C ILE I 48 -31.96 -34.78 -11.47
N HIS I 49 -30.98 -33.88 -11.33
CA HIS I 49 -31.21 -32.55 -10.77
C HIS I 49 -30.40 -31.53 -11.55
N THR I 50 -30.96 -30.33 -11.68
CA THR I 50 -30.32 -29.17 -12.29
C THR I 50 -29.91 -29.41 -13.74
N THR I 51 -30.34 -30.51 -14.35
CA THR I 51 -29.95 -30.92 -15.69
C THR I 51 -28.44 -31.12 -15.84
N SER I 52 -27.71 -31.12 -14.73
CA SER I 52 -26.25 -31.31 -14.76
C SER I 52 -25.72 -32.27 -13.71
N THR I 53 -26.49 -32.64 -12.69
CA THR I 53 -26.03 -33.55 -11.66
C THR I 53 -27.09 -34.61 -11.40
N LEU I 54 -26.64 -35.78 -10.96
CA LEU I 54 -27.52 -36.92 -10.76
C LEU I 54 -27.51 -37.35 -9.29
N GLN I 55 -28.59 -38.04 -8.89
CA GLN I 55 -28.70 -38.53 -7.53
C GLN I 55 -27.63 -39.57 -7.24
N SER I 56 -27.06 -39.51 -6.04
CA SER I 56 -26.08 -40.50 -5.63
C SER I 56 -26.71 -41.88 -5.54
N GLY I 57 -25.99 -42.89 -6.01
CA GLY I 57 -26.47 -44.25 -6.06
C GLY I 57 -27.04 -44.66 -7.40
N VAL I 58 -27.36 -43.70 -8.26
CA VAL I 58 -27.87 -43.97 -9.60
C VAL I 58 -26.69 -43.95 -10.56
N PRO I 59 -26.42 -45.02 -11.30
CA PRO I 59 -25.26 -45.04 -12.21
C PRO I 59 -25.40 -44.03 -13.35
N SER I 60 -24.37 -43.94 -14.18
CA SER I 60 -24.30 -42.96 -15.25
C SER I 60 -25.06 -43.37 -16.51
N ARG I 61 -25.96 -44.36 -16.43
CA ARG I 61 -26.73 -44.76 -17.59
C ARG I 61 -27.84 -43.77 -17.95
N PHE I 62 -28.09 -42.78 -17.11
CA PHE I 62 -29.08 -41.75 -17.37
C PHE I 62 -28.38 -40.42 -17.66
N SER I 63 -28.96 -39.64 -18.57
CA SER I 63 -28.40 -38.34 -18.92
C SER I 63 -29.54 -37.34 -19.10
N GLY I 64 -29.21 -36.07 -18.98
CA GLY I 64 -30.20 -35.01 -19.11
C GLY I 64 -29.66 -33.86 -19.92
N SER I 65 -30.57 -33.19 -20.63
CA SER I 65 -30.23 -32.02 -21.42
C SER I 65 -31.46 -31.11 -21.48
N GLY I 66 -31.28 -29.92 -22.01
CA GLY I 66 -32.38 -28.99 -22.12
C GLY I 66 -32.04 -27.83 -23.03
N SER I 67 -33.09 -27.22 -23.57
CA SER I 67 -32.97 -26.05 -24.44
C SER I 67 -34.32 -25.36 -24.48
N GLY I 68 -34.29 -24.04 -24.39
CA GLY I 68 -35.52 -23.27 -24.39
C GLY I 68 -36.42 -23.68 -23.25
N THR I 69 -37.66 -24.04 -23.58
CA THR I 69 -38.63 -24.53 -22.60
C THR I 69 -38.76 -26.05 -22.60
N ASP I 70 -37.86 -26.75 -23.29
CA ASP I 70 -37.90 -28.20 -23.38
C ASP I 70 -36.73 -28.81 -22.62
N PHE I 71 -36.98 -29.94 -21.96
CA PHE I 71 -35.93 -30.64 -21.24
C PHE I 71 -36.09 -32.13 -21.47
N THR I 72 -34.99 -32.79 -21.86
CA THR I 72 -35.02 -34.19 -22.24
C THR I 72 -34.19 -35.04 -21.29
N LEU I 73 -34.74 -36.20 -20.94
CA LEU I 73 -34.04 -37.22 -20.18
C LEU I 73 -33.83 -38.44 -21.07
N THR I 74 -32.59 -38.91 -21.14
CA THR I 74 -32.19 -39.97 -22.05
C THR I 74 -31.64 -41.14 -21.27
N ILE I 75 -32.02 -42.35 -21.68
CA ILE I 75 -31.56 -43.60 -21.08
C ILE I 75 -30.84 -44.40 -22.15
N SER I 76 -29.60 -44.80 -21.85
CA SER I 76 -28.79 -45.53 -22.83
C SER I 76 -29.32 -46.94 -23.03
N SER I 77 -29.62 -47.65 -21.95
CA SER I 77 -30.08 -49.03 -22.02
C SER I 77 -31.13 -49.25 -20.95
N LEU I 78 -32.31 -49.68 -21.36
CA LEU I 78 -33.39 -49.97 -20.41
C LEU I 78 -33.16 -51.33 -19.76
N GLN I 79 -33.37 -51.39 -18.45
CA GLN I 79 -33.24 -52.62 -17.68
C GLN I 79 -34.62 -53.06 -17.19
N LEU I 80 -34.64 -54.22 -16.52
CA LEU I 80 -35.91 -54.76 -16.01
C LEU I 80 -36.51 -53.86 -14.94
N GLU I 81 -35.67 -53.30 -14.07
CA GLU I 81 -36.15 -52.44 -12.98
C GLU I 81 -36.39 -51.01 -13.41
N ASP I 82 -36.07 -50.64 -14.65
CA ASP I 82 -36.23 -49.28 -15.12
C ASP I 82 -37.66 -48.97 -15.56
N PHE I 83 -38.52 -49.98 -15.69
CA PHE I 83 -39.90 -49.75 -16.10
C PHE I 83 -40.69 -49.20 -14.92
N GLY I 84 -41.44 -48.13 -15.17
CA GLY I 84 -42.18 -47.50 -14.10
C GLY I 84 -42.70 -46.14 -14.52
N THR I 85 -43.02 -45.32 -13.52
CA THR I 85 -43.57 -43.99 -13.75
C THR I 85 -42.50 -42.94 -13.46
N TYR I 86 -42.31 -42.02 -14.40
CA TYR I 86 -41.32 -40.95 -14.29
C TYR I 86 -42.04 -39.61 -14.24
N TYR I 87 -41.45 -38.66 -13.51
CA TYR I 87 -42.04 -37.33 -13.33
C TYR I 87 -40.99 -36.26 -13.58
N CYS I 88 -41.45 -35.12 -14.10
CA CYS I 88 -40.67 -33.89 -14.16
C CYS I 88 -41.43 -32.78 -13.45
N GLN I 89 -40.69 -31.92 -12.76
CA GLN I 89 -41.31 -30.93 -11.89
C GLN I 89 -40.43 -29.69 -11.80
N GLN I 90 -41.03 -28.60 -11.36
CA GLN I 90 -40.29 -27.39 -11.03
C GLN I 90 -40.51 -27.05 -9.55
N SER I 91 -39.48 -26.47 -8.94
CA SER I 91 -39.52 -26.13 -7.51
C SER I 91 -38.67 -24.90 -7.27
N PHE I 92 -39.30 -23.83 -6.80
CA PHE I 92 -38.57 -22.62 -6.47
C PHE I 92 -39.07 -22.09 -5.12
N SER I 93 -38.13 -21.77 -4.24
CA SER I 93 -38.41 -21.35 -2.86
C SER I 93 -39.26 -22.44 -2.22
N THR I 94 -40.53 -22.21 -1.91
CA THR I 94 -41.42 -23.25 -1.44
C THR I 94 -42.44 -23.68 -2.48
N LEU I 95 -42.65 -22.89 -3.53
CA LEU I 95 -43.60 -23.24 -4.57
C LEU I 95 -43.11 -24.43 -5.38
N TRP I 96 -44.03 -25.32 -5.72
CA TRP I 96 -43.71 -26.59 -6.35
C TRP I 96 -44.82 -26.97 -7.31
N THR I 97 -44.45 -27.29 -8.55
CA THR I 97 -45.40 -27.80 -9.53
C THR I 97 -44.89 -29.14 -10.05
N PHE I 98 -45.77 -30.14 -10.05
CA PHE I 98 -45.43 -31.51 -10.41
C PHE I 98 -46.00 -31.86 -11.78
N GLY I 99 -45.47 -32.93 -12.35
CA GLY I 99 -45.90 -33.40 -13.66
C GLY I 99 -46.70 -34.68 -13.57
N GLN I 100 -47.46 -34.97 -14.64
CA GLN I 100 -48.27 -36.17 -14.68
C GLN I 100 -47.44 -37.45 -14.70
N GLY I 101 -46.32 -37.45 -15.43
CA GLY I 101 -45.41 -38.58 -15.40
C GLY I 101 -45.66 -39.62 -16.48
N THR I 102 -44.63 -39.91 -17.27
CA THR I 102 -44.70 -40.90 -18.32
C THR I 102 -44.63 -42.31 -17.72
N LYS I 103 -45.21 -43.26 -18.45
CA LYS I 103 -45.26 -44.66 -18.04
C LYS I 103 -44.41 -45.48 -19.00
N LEU I 104 -43.49 -46.27 -18.47
CA LEU I 104 -42.62 -47.13 -19.26
C LEU I 104 -42.87 -48.58 -18.83
N ASP I 105 -43.14 -49.44 -19.81
CA ASP I 105 -43.43 -50.85 -19.54
C ASP I 105 -43.08 -51.67 -20.78
N ILE I 106 -43.00 -52.98 -20.59
CA ILE I 106 -42.67 -53.92 -21.65
C ILE I 106 -43.77 -54.95 -21.75
N LYS I 107 -44.24 -55.21 -22.96
CA LYS I 107 -45.29 -56.20 -23.18
C LYS I 107 -44.76 -57.62 -23.01
#